data_8VC0
#
_entry.id   8VC0
#
_cell.length_a   137.403
_cell.length_b   149.456
_cell.length_c   157.109
_cell.angle_alpha   90.000
_cell.angle_beta   90.000
_cell.angle_gamma   90.000
#
_symmetry.space_group_name_H-M   'P 21 21 2'
#
loop_
_entity.id
_entity.type
_entity.pdbx_description
1 polymer 'Capsid protein p24'
2 non-polymer N-[(1S)-1-{(3M)-3-{4-chloro-3-[(cyclopropanesulfonyl)amino]-1-(2,2-difluoroethyl)-1H-indazol-7-yl}-6-[3-(methanesulfonyl)-3-methylbut-1-yn-1-yl]pyridin-2-yl}-2-(3,5-difluorophenyl)ethyl]-2-[(3bS,4aR)-3-(difluoromethyl)-5,5-difluoro-3b,4,4a,5-tetrahydro-1H-cyclopropa[3,4]cyclopenta[1,2-c]pyrazol-1-yl]acetamide
#
_entity_poly.entity_id   1
_entity_poly.type   'polypeptide(L)'
_entity_poly.pdbx_seq_one_letter_code
;PIVQNLQGQMVHQAISPRTLCCWVKVVEEKAFSPEVIPMFSALSEGATPQDLNTMLNTVGGHQAAMQMLKETINEEAAEW
DRLHPVHAGPIAPGQMREPRGSDIAGTTSTLQEQIGWMTHNPPIPVGEIYKRWIILGLNKIVRMYSPTSILDIRQGPKEP
FRDYVDRFYKTLRAEQASQEVKNAATETLLVQNANPDCKTILKALGPGATLEEMMTACQGVGGPGHKARVL
;
_entity_poly.pdbx_strand_id   A,B,C,D,E,F,G,H,I,J
#
# COMPACT_ATOMS: atom_id res chain seq x y z
N PRO A 1 24.61 -3.23 8.97
CA PRO A 1 25.87 -3.54 8.28
C PRO A 1 26.31 -4.99 8.48
N ILE A 2 27.27 -5.44 7.69
CA ILE A 2 27.79 -6.80 7.79
C ILE A 2 29.21 -6.78 8.32
N VAL A 3 29.34 -6.79 9.66
CA VAL A 3 30.65 -6.76 10.29
C VAL A 3 30.86 -8.04 11.10
N VAL A 11 28.72 -10.89 10.45
CA VAL A 11 27.32 -10.97 10.85
C VAL A 11 26.59 -9.67 10.51
N HIS A 12 25.26 -9.73 10.43
CA HIS A 12 24.44 -8.59 10.08
C HIS A 12 23.99 -7.85 11.35
N GLN A 13 24.86 -6.95 11.83
CA GLN A 13 24.47 -6.14 12.97
C GLN A 13 23.44 -5.10 12.55
N ALA A 14 22.43 -4.91 13.39
CA ALA A 14 21.44 -3.88 13.16
C ALA A 14 22.06 -2.50 13.35
N ILE A 15 21.54 -1.52 12.60
CA ILE A 15 22.05 -0.16 12.73
C ILE A 15 21.97 0.26 14.18
N SER A 16 23.08 0.75 14.72
CA SER A 16 23.14 1.03 16.15
C SER A 16 22.30 2.27 16.49
N PRO A 17 21.80 2.35 17.73
CA PRO A 17 21.05 3.54 18.13
C PRO A 17 21.87 4.82 18.06
N ARG A 18 23.01 4.84 18.76
CA ARG A 18 23.84 6.04 18.81
C ARG A 18 24.05 6.65 17.43
N THR A 19 24.28 5.81 16.43
CA THR A 19 24.49 6.32 15.07
C THR A 19 23.27 7.08 14.58
N LEU A 20 22.09 6.47 14.69
CA LEU A 20 20.86 7.13 14.25
C LEU A 20 20.63 8.42 15.01
N CYS A 21 20.83 8.40 16.33
CA CYS A 21 20.58 9.59 17.14
C CYS A 21 21.52 10.72 16.75
N CYS A 22 22.81 10.42 16.58
CA CYS A 22 23.76 11.45 16.16
C CYS A 22 23.45 11.95 14.76
N TRP A 23 23.05 11.06 13.86
CA TRP A 23 22.69 11.49 12.51
C TRP A 23 21.49 12.43 12.53
N VAL A 24 20.46 12.10 13.30
CA VAL A 24 19.29 12.97 13.39
C VAL A 24 19.67 14.32 13.99
N LYS A 25 20.45 14.30 15.08
CA LYS A 25 20.84 15.55 15.71
C LYS A 25 21.66 16.42 14.75
N VAL A 26 22.52 15.79 13.96
CA VAL A 26 23.33 16.54 13.01
C VAL A 26 22.44 17.18 11.94
N VAL A 27 21.56 16.38 11.33
CA VAL A 27 20.72 16.93 10.27
C VAL A 27 19.79 18.02 10.81
N GLU A 28 19.41 17.92 12.08
CA GLU A 28 18.53 18.94 12.65
C GLU A 28 19.29 20.24 12.93
N GLU A 29 20.44 20.13 13.61
CA GLU A 29 21.14 21.34 14.07
C GLU A 29 21.75 22.10 12.89
N LYS A 30 22.63 21.44 12.14
CA LYS A 30 23.38 22.10 11.07
C LYS A 30 22.55 22.39 9.84
N ALA A 31 21.28 22.00 9.81
CA ALA A 31 20.45 22.11 8.61
C ALA A 31 21.19 21.35 7.51
N PHE A 32 21.34 21.90 6.31
CA PHE A 32 22.04 21.24 5.22
C PHE A 32 23.24 22.10 4.83
N SER A 33 24.37 21.80 5.44
CA SER A 33 25.65 22.45 5.17
C SER A 33 26.64 21.40 4.69
N PRO A 34 27.73 21.83 4.04
CA PRO A 34 28.66 20.86 3.46
C PRO A 34 29.17 19.83 4.45
N GLU A 35 29.33 20.19 5.73
CA GLU A 35 29.87 19.25 6.71
C GLU A 35 28.93 18.08 6.97
N VAL A 36 27.70 18.10 6.45
CA VAL A 36 26.80 16.99 6.65
C VAL A 36 27.18 15.79 5.77
N ILE A 37 27.82 16.02 4.64
CA ILE A 37 28.13 14.95 3.70
C ILE A 37 29.25 14.08 4.27
N PRO A 38 30.37 14.64 4.73
CA PRO A 38 31.39 13.79 5.35
C PRO A 38 30.86 13.04 6.57
N MET A 39 30.09 13.73 7.41
CA MET A 39 29.46 13.08 8.56
C MET A 39 28.67 11.87 8.11
N PHE A 40 27.78 12.06 7.12
CA PHE A 40 26.99 10.94 6.61
C PHE A 40 27.89 9.81 6.13
N SER A 41 28.85 10.11 5.26
CA SER A 41 29.71 9.06 4.71
C SER A 41 30.46 8.33 5.81
N ALA A 42 30.76 9.00 6.92
CA ALA A 42 31.50 8.35 8.00
C ALA A 42 30.60 7.52 8.90
N LEU A 43 29.34 7.92 9.07
CA LEU A 43 28.42 7.17 9.91
C LEU A 43 27.86 5.95 9.22
N SER A 44 27.94 5.88 7.89
CA SER A 44 27.37 4.78 7.13
C SER A 44 28.45 3.93 6.49
N GLU A 45 29.31 3.33 7.29
CA GLU A 45 30.37 2.46 6.79
C GLU A 45 29.84 1.03 6.70
N GLY A 46 29.90 0.46 5.49
CA GLY A 46 29.39 -0.88 5.28
C GLY A 46 27.91 -1.03 5.45
N ALA A 47 27.15 0.06 5.49
CA ALA A 47 25.71 -0.02 5.71
C ALA A 47 25.01 -0.57 4.48
N THR A 48 24.01 -1.42 4.71
CA THR A 48 23.21 -1.97 3.64
C THR A 48 22.15 -0.96 3.19
N PRO A 49 21.54 -1.17 2.02
CA PRO A 49 20.52 -0.22 1.55
C PRO A 49 19.40 0.00 2.55
N GLN A 50 18.94 -1.05 3.24
CA GLN A 50 17.89 -0.87 4.23
C GLN A 50 18.34 0.10 5.33
N ASP A 51 19.61 -0.01 5.74
CA ASP A 51 20.10 0.88 6.79
C ASP A 51 20.18 2.33 6.30
N LEU A 52 20.60 2.53 5.05
CA LEU A 52 20.63 3.89 4.51
C LEU A 52 19.24 4.48 4.42
N ASN A 53 18.25 3.66 4.04
CA ASN A 53 16.88 4.14 4.00
C ASN A 53 16.36 4.44 5.40
N THR A 54 16.75 3.63 6.39
CA THR A 54 16.37 3.93 7.77
C THR A 54 16.98 5.25 8.22
N MET A 55 18.22 5.53 7.82
CA MET A 55 18.85 6.79 8.17
C MET A 55 18.12 7.97 7.52
N LEU A 56 17.79 7.84 6.23
CA LEU A 56 17.14 8.93 5.52
C LEU A 56 15.71 9.14 6.02
N ASN A 57 15.04 8.07 6.47
CA ASN A 57 13.69 8.21 6.98
C ASN A 57 13.65 9.00 8.28
N THR A 58 14.61 8.75 9.18
CA THR A 58 14.63 9.41 10.47
C THR A 58 14.91 10.91 10.36
N VAL A 59 15.28 11.40 9.18
CA VAL A 59 15.54 12.83 9.01
C VAL A 59 14.22 13.59 9.14
N GLY A 60 14.12 14.41 10.18
CA GLY A 60 12.93 15.21 10.39
C GLY A 60 13.00 16.51 9.59
N GLY A 61 11.85 16.93 9.08
CA GLY A 61 11.82 18.15 8.30
C GLY A 61 12.65 18.02 7.02
N HIS A 62 12.84 19.16 6.37
CA HIS A 62 13.61 19.23 5.13
C HIS A 62 13.08 18.23 4.10
N GLN A 63 11.76 18.01 4.10
CA GLN A 63 11.19 16.97 3.26
C GLN A 63 11.36 17.27 1.77
N ALA A 64 11.45 18.55 1.40
CA ALA A 64 11.70 18.89 -0.01
C ALA A 64 13.06 18.37 -0.46
N ALA A 65 14.10 18.60 0.35
CA ALA A 65 15.42 18.10 0.00
C ALA A 65 15.44 16.57 -0.04
N MET A 66 14.68 15.92 0.84
CA MET A 66 14.64 14.47 0.83
C MET A 66 13.93 13.94 -0.42
N GLN A 67 12.87 14.63 -0.85
CA GLN A 67 12.21 14.23 -2.09
C GLN A 67 13.15 14.42 -3.29
N MET A 68 13.90 15.51 -3.30
CA MET A 68 14.88 15.70 -4.37
C MET A 68 15.95 14.62 -4.33
N LEU A 69 16.37 14.22 -3.14
CA LEU A 69 17.32 13.11 -3.01
C LEU A 69 16.72 11.82 -3.57
N LYS A 70 15.44 11.58 -3.30
CA LYS A 70 14.78 10.38 -3.82
C LYS A 70 14.72 10.42 -5.34
N GLU A 71 14.45 11.60 -5.92
CA GLU A 71 14.42 11.72 -7.36
C GLU A 71 15.80 11.48 -7.96
N THR A 72 16.85 12.02 -7.34
CA THR A 72 18.21 11.77 -7.82
C THR A 72 18.56 10.28 -7.73
N ILE A 73 18.12 9.62 -6.66
CA ILE A 73 18.37 8.19 -6.52
C ILE A 73 17.67 7.43 -7.64
N ASN A 74 16.44 7.84 -7.98
CA ASN A 74 15.74 7.20 -9.09
C ASN A 74 16.48 7.42 -10.40
N GLU A 75 17.01 8.63 -10.61
CA GLU A 75 17.81 8.89 -11.80
C GLU A 75 19.00 7.93 -11.87
N GLU A 76 19.75 7.82 -10.78
CA GLU A 76 20.93 6.95 -10.78
C GLU A 76 20.53 5.49 -10.98
N ALA A 77 19.38 5.08 -10.42
CA ALA A 77 18.93 3.71 -10.61
C ALA A 77 18.55 3.44 -12.05
N ALA A 78 17.91 4.41 -12.71
CA ALA A 78 17.59 4.25 -14.13
C ALA A 78 18.86 4.17 -14.97
N GLU A 79 19.85 5.02 -14.66
CA GLU A 79 21.11 4.94 -15.40
C GLU A 79 21.78 3.59 -15.22
N TRP A 80 21.80 3.08 -13.98
CA TRP A 80 22.37 1.76 -13.74
C TRP A 80 21.62 0.69 -14.53
N ASP A 81 20.29 0.69 -14.44
CA ASP A 81 19.50 -0.31 -15.17
C ASP A 81 19.79 -0.26 -16.66
N ARG A 82 19.96 0.93 -17.22
CA ARG A 82 20.29 1.03 -18.64
C ARG A 82 21.70 0.48 -18.91
N LEU A 83 22.66 0.80 -18.05
CA LEU A 83 24.03 0.36 -18.27
C LEU A 83 24.27 -1.10 -17.89
N HIS A 84 23.45 -1.67 -17.02
CA HIS A 84 23.63 -3.06 -16.56
C HIS A 84 22.32 -3.82 -16.66
N PRO A 85 21.98 -4.32 -17.86
CA PRO A 85 20.78 -5.14 -18.05
C PRO A 85 20.84 -6.46 -17.28
N MET A 96 22.94 -15.58 -7.10
CA MET A 96 21.61 -15.03 -7.32
C MET A 96 21.58 -14.14 -8.56
N ARG A 97 20.40 -13.61 -8.88
CA ARG A 97 20.23 -12.77 -10.04
C ARG A 97 21.00 -11.46 -9.89
N GLU A 98 21.19 -10.77 -11.02
CA GLU A 98 21.87 -9.49 -11.00
C GLU A 98 20.94 -8.42 -10.45
N PRO A 99 21.46 -7.43 -9.72
CA PRO A 99 20.58 -6.42 -9.11
C PRO A 99 20.25 -5.27 -10.06
N ARG A 100 18.95 -5.03 -10.24
CA ARG A 100 18.47 -3.96 -11.10
C ARG A 100 18.57 -2.64 -10.36
N GLY A 101 18.02 -1.57 -10.94
CA GLY A 101 18.11 -0.26 -10.30
C GLY A 101 17.37 -0.21 -8.98
N SER A 102 16.09 -0.61 -9.00
CA SER A 102 15.29 -0.61 -7.78
C SER A 102 15.78 -1.62 -6.74
N ASP A 103 16.65 -2.55 -7.12
CA ASP A 103 17.23 -3.46 -6.14
C ASP A 103 18.33 -2.80 -5.34
N ILE A 104 19.07 -1.87 -5.95
CA ILE A 104 20.15 -1.19 -5.25
C ILE A 104 19.59 -0.27 -4.18
N ALA A 105 18.50 0.44 -4.49
CA ALA A 105 17.88 1.37 -3.56
C ALA A 105 17.08 0.66 -2.47
N GLY A 106 17.05 -0.67 -2.45
CA GLY A 106 16.38 -1.38 -1.39
C GLY A 106 14.87 -1.35 -1.45
N THR A 107 14.29 -1.05 -2.61
CA THR A 107 12.84 -1.03 -2.75
C THR A 107 12.27 -2.36 -3.19
N THR A 108 13.04 -3.17 -3.92
CA THR A 108 12.60 -4.46 -4.42
C THR A 108 13.66 -5.52 -4.16
N SER A 109 14.13 -5.57 -2.91
CA SER A 109 15.13 -6.55 -2.51
C SER A 109 15.04 -6.72 -1.00
N THR A 110 15.00 -7.97 -0.55
CA THR A 110 14.94 -8.25 0.87
C THR A 110 16.32 -8.09 1.50
N LEU A 111 16.34 -7.96 2.82
CA LEU A 111 17.60 -7.81 3.53
C LEU A 111 18.54 -8.97 3.22
N GLN A 112 18.00 -10.16 3.02
CA GLN A 112 18.84 -11.32 2.74
C GLN A 112 19.52 -11.17 1.37
N GLU A 113 18.80 -10.66 0.37
CA GLU A 113 19.42 -10.47 -0.95
C GLU A 113 20.55 -9.45 -0.88
N GLN A 114 20.34 -8.37 -0.14
CA GLN A 114 21.40 -7.36 0.01
C GLN A 114 22.60 -7.94 0.75
N ILE A 115 22.35 -8.68 1.83
CA ILE A 115 23.44 -9.28 2.58
C ILE A 115 24.22 -10.25 1.71
N GLY A 116 23.52 -11.04 0.89
CA GLY A 116 24.21 -11.95 -0.01
C GLY A 116 25.04 -11.21 -1.04
N TRP A 117 24.46 -10.18 -1.66
CA TRP A 117 25.19 -9.41 -2.67
C TRP A 117 26.45 -8.78 -2.09
N MET A 118 26.35 -8.22 -0.87
CA MET A 118 27.50 -7.53 -0.30
C MET A 118 28.50 -8.47 0.35
N THR A 119 28.07 -9.66 0.78
CA THR A 119 28.96 -10.61 1.44
C THR A 119 29.50 -11.68 0.50
N HIS A 120 29.05 -11.71 -0.74
CA HIS A 120 29.55 -12.70 -1.70
C HIS A 120 30.98 -12.37 -2.09
N ASN A 121 31.85 -13.38 -2.05
CA ASN A 121 33.23 -13.18 -2.49
C ASN A 121 33.34 -13.45 -3.99
N PRO A 122 34.22 -12.72 -4.69
CA PRO A 122 35.06 -11.62 -4.18
C PRO A 122 34.27 -10.32 -3.99
N ILE A 124 29.96 -8.09 -4.75
CA ILE A 124 29.56 -6.83 -5.36
C ILE A 124 28.91 -5.91 -4.32
N PRO A 125 29.71 -5.01 -3.72
CA PRO A 125 29.19 -4.18 -2.63
C PRO A 125 28.19 -3.13 -3.12
N VAL A 126 26.92 -3.53 -3.18
CA VAL A 126 25.85 -2.64 -3.62
C VAL A 126 25.67 -1.48 -2.65
N GLY A 127 25.89 -1.71 -1.34
CA GLY A 127 25.73 -0.64 -0.37
C GLY A 127 26.59 0.56 -0.70
N GLU A 128 27.85 0.35 -1.07
CA GLU A 128 28.72 1.47 -1.42
C GLU A 128 28.16 2.23 -2.61
N ILE A 129 27.56 1.53 -3.57
CA ILE A 129 27.00 2.20 -4.75
C ILE A 129 25.82 3.06 -4.34
N TYR A 130 24.92 2.51 -3.52
CA TYR A 130 23.79 3.32 -3.05
C TYR A 130 24.28 4.54 -2.28
N LYS A 131 25.37 4.38 -1.52
CA LYS A 131 25.91 5.52 -0.78
C LYS A 131 26.49 6.56 -1.73
N ARG A 132 27.11 6.11 -2.83
CA ARG A 132 27.57 7.04 -3.85
C ARG A 132 26.40 7.86 -4.40
N TRP A 133 25.30 7.19 -4.74
CA TRP A 133 24.13 7.89 -5.24
C TRP A 133 23.62 8.91 -4.24
N ILE A 134 23.52 8.50 -2.97
CA ILE A 134 23.00 9.41 -1.95
C ILE A 134 23.94 10.59 -1.79
N ILE A 135 25.25 10.36 -1.91
CA ILE A 135 26.21 11.44 -1.75
C ILE A 135 26.11 12.43 -2.91
N LEU A 136 25.85 11.94 -4.11
CA LEU A 136 25.62 12.84 -5.25
C LEU A 136 24.38 13.69 -5.00
N GLY A 137 23.29 13.05 -4.56
CA GLY A 137 22.09 13.80 -4.23
C GLY A 137 22.32 14.85 -3.16
N LEU A 138 23.10 14.50 -2.14
CA LEU A 138 23.37 15.44 -1.06
C LEU A 138 24.25 16.59 -1.54
N ASN A 139 25.21 16.31 -2.43
CA ASN A 139 25.98 17.39 -3.02
C ASN A 139 25.09 18.36 -3.76
N LYS A 140 24.16 17.83 -4.57
CA LYS A 140 23.21 18.71 -5.25
C LYS A 140 22.40 19.53 -4.25
N ILE A 141 21.92 18.89 -3.17
CA ILE A 141 21.12 19.60 -2.18
C ILE A 141 21.92 20.71 -1.52
N VAL A 142 23.16 20.43 -1.14
CA VAL A 142 24.00 21.45 -0.50
C VAL A 142 24.25 22.60 -1.46
N ARG A 143 24.56 22.29 -2.73
CA ARG A 143 24.75 23.35 -3.71
C ARG A 143 23.50 24.21 -3.85
N MET A 144 22.32 23.60 -3.69
CA MET A 144 21.08 24.37 -3.81
C MET A 144 20.78 25.19 -2.57
N TYR A 145 21.23 24.75 -1.40
CA TYR A 145 20.94 25.48 -0.16
C TYR A 145 21.79 26.73 0.02
N SER A 146 22.88 26.86 -0.74
CA SER A 146 23.71 28.08 -0.73
C SER A 146 23.47 28.82 -2.05
N PRO A 147 22.46 29.67 -2.14
CA PRO A 147 22.16 30.29 -3.44
C PRO A 147 23.17 31.34 -3.85
N THR A 148 23.84 31.98 -2.90
CA THR A 148 24.79 33.04 -3.24
C THR A 148 26.05 32.44 -3.86
N SER A 149 26.54 33.10 -4.90
CA SER A 149 27.75 32.66 -5.58
C SER A 149 28.98 33.30 -4.96
N ILE A 150 30.14 32.71 -5.24
CA ILE A 150 31.39 33.22 -4.68
C ILE A 150 31.63 34.65 -5.17
N LEU A 151 31.23 34.95 -6.40
CA LEU A 151 31.44 36.27 -6.98
C LEU A 151 30.46 37.31 -6.48
N ASP A 152 29.40 36.89 -5.76
CA ASP A 152 28.43 37.81 -5.21
C ASP A 152 28.72 38.17 -3.76
N ILE A 153 29.61 37.44 -3.09
CA ILE A 153 29.96 37.71 -1.70
C ILE A 153 30.97 38.85 -1.65
N ARG A 154 30.64 39.89 -0.87
CA ARG A 154 31.53 41.02 -0.70
C ARG A 154 31.43 41.51 0.74
N GLN A 155 32.54 42.00 1.27
CA GLN A 155 32.57 42.47 2.65
C GLN A 155 31.67 43.69 2.82
N GLY A 156 30.96 43.72 3.95
CA GLY A 156 30.10 44.82 4.26
C GLY A 156 30.87 46.06 4.70
N PRO A 157 30.12 47.12 5.00
CA PRO A 157 30.77 48.38 5.42
C PRO A 157 31.48 48.27 6.75
N LYS A 158 30.74 47.92 7.80
CA LYS A 158 31.29 47.80 9.14
C LYS A 158 31.30 46.34 9.58
N GLU A 159 31.80 45.45 8.72
CA GLU A 159 31.87 44.03 9.01
C GLU A 159 33.31 43.62 9.24
N PRO A 160 33.64 42.99 10.38
CA PRO A 160 35.02 42.56 10.60
C PRO A 160 35.51 41.65 9.47
N PHE A 161 36.82 41.73 9.20
CA PHE A 161 37.39 40.96 8.11
C PHE A 161 37.26 39.46 8.36
N ARG A 162 37.31 39.04 9.63
CA ARG A 162 37.20 37.63 9.95
C ARG A 162 35.87 37.07 9.47
N ASP A 163 34.77 37.79 9.74
CA ASP A 163 33.45 37.31 9.33
C ASP A 163 33.33 37.26 7.81
N TYR A 164 33.87 38.25 7.10
CA TYR A 164 33.85 38.22 5.64
C TYR A 164 34.62 37.03 5.11
N VAL A 165 35.79 36.73 5.68
CA VAL A 165 36.56 35.58 5.24
C VAL A 165 35.77 34.30 5.50
N ASP A 166 35.11 34.23 6.66
CA ASP A 166 34.31 33.05 6.99
C ASP A 166 33.21 32.84 5.94
N ARG A 167 32.45 33.90 5.62
CA ARG A 167 31.39 33.76 4.62
C ARG A 167 31.96 33.38 3.26
N PHE A 168 33.06 34.02 2.86
CA PHE A 168 33.67 33.71 1.56
C PHE A 168 34.04 32.24 1.47
N TYR A 169 34.75 31.72 2.48
CA TYR A 169 35.20 30.34 2.41
C TYR A 169 34.04 29.36 2.60
N LYS A 170 33.01 29.73 3.36
CA LYS A 170 31.83 28.88 3.46
C LYS A 170 31.15 28.73 2.10
N THR A 171 30.96 29.85 1.39
CA THR A 171 30.37 29.78 0.07
C THR A 171 31.26 29.00 -0.89
N LEU A 172 32.58 29.16 -0.77
CA LEU A 172 33.50 28.44 -1.65
C LEU A 172 33.42 26.94 -1.42
N ARG A 173 33.35 26.52 -0.16
CA ARG A 173 33.21 25.09 0.12
C ARG A 173 31.84 24.58 -0.31
N ALA A 174 30.81 25.42 -0.23
CA ALA A 174 29.47 25.01 -0.65
C ALA A 174 29.39 24.81 -2.17
N GLU A 175 30.07 25.65 -2.94
CA GLU A 175 29.93 25.55 -4.39
C GLU A 175 30.37 24.20 -4.93
N GLN A 176 31.45 23.63 -4.40
CA GLN A 176 31.98 22.34 -4.88
C GLN A 176 32.37 22.41 -6.37
N ALA A 177 33.25 23.36 -6.67
CA ALA A 177 33.80 23.53 -8.00
C ALA A 177 35.04 22.67 -8.15
N SER A 178 35.68 22.74 -9.31
CA SER A 178 36.92 22.02 -9.51
C SER A 178 38.04 22.62 -8.65
N GLN A 179 38.86 21.75 -8.06
CA GLN A 179 39.98 22.22 -7.24
C GLN A 179 40.97 23.07 -8.04
N GLU A 180 40.85 23.10 -9.37
CA GLU A 180 41.72 23.94 -10.18
C GLU A 180 41.43 25.42 -9.96
N VAL A 181 40.15 25.80 -10.03
CA VAL A 181 39.76 27.19 -9.85
C VAL A 181 39.91 27.66 -8.41
N LYS A 182 40.17 26.73 -7.48
CA LYS A 182 40.22 27.10 -6.06
C LYS A 182 41.32 28.10 -5.79
N ASN A 183 42.51 27.89 -6.35
CA ASN A 183 43.63 28.77 -6.05
C ASN A 183 43.43 30.14 -6.69
N ALA A 184 43.04 30.16 -7.95
CA ALA A 184 42.80 31.43 -8.64
C ALA A 184 41.74 32.25 -7.90
N ALA A 185 40.61 31.63 -7.57
CA ALA A 185 39.55 32.37 -6.89
C ALA A 185 39.99 32.84 -5.51
N THR A 186 40.53 31.92 -4.70
CA THR A 186 40.91 32.29 -3.34
C THR A 186 41.89 33.46 -3.36
N GLU A 187 42.83 33.46 -4.30
CA GLU A 187 43.87 34.50 -4.26
C GLU A 187 43.36 35.83 -4.84
N THR A 188 42.68 35.80 -5.99
CA THR A 188 42.24 37.06 -6.60
C THR A 188 40.98 37.62 -5.94
N LEU A 189 39.92 36.81 -5.83
CA LEU A 189 38.63 37.30 -5.40
C LEU A 189 38.61 37.71 -3.94
N LEU A 190 39.36 37.03 -3.07
CA LEU A 190 39.36 37.41 -1.66
C LEU A 190 39.85 38.85 -1.48
N VAL A 191 40.92 39.21 -2.18
CA VAL A 191 41.42 40.58 -2.11
C VAL A 191 40.50 41.52 -2.89
N GLN A 192 39.86 41.03 -3.94
CA GLN A 192 39.05 41.90 -4.79
C GLN A 192 37.79 42.37 -4.07
N ASN A 193 37.07 41.45 -3.41
CA ASN A 193 35.78 41.76 -2.81
C ASN A 193 35.88 42.35 -1.40
N ALA A 194 37.04 42.87 -1.02
CA ALA A 194 37.21 43.47 0.30
C ALA A 194 36.75 44.92 0.29
N ASN A 195 36.27 45.39 1.45
CA ASN A 195 35.84 46.78 1.57
C ASN A 195 37.05 47.70 1.37
N PRO A 196 36.82 48.96 0.99
CA PRO A 196 37.96 49.84 0.63
C PRO A 196 39.08 49.92 1.65
N ASP A 197 38.79 50.10 2.94
CA ASP A 197 39.85 50.26 3.92
C ASP A 197 40.74 49.03 4.00
N CYS A 198 40.15 47.86 4.29
CA CYS A 198 40.94 46.65 4.35
C CYS A 198 41.51 46.29 2.98
N LYS A 199 40.83 46.68 1.90
CA LYS A 199 41.38 46.45 0.56
C LYS A 199 42.71 47.17 0.40
N THR A 200 42.75 48.46 0.78
CA THR A 200 43.99 49.22 0.71
C THR A 200 45.06 48.63 1.63
N ILE A 201 44.68 48.28 2.86
CA ILE A 201 45.64 47.72 3.80
C ILE A 201 46.27 46.45 3.22
N LEU A 202 45.44 45.57 2.66
CA LEU A 202 45.93 44.32 2.12
C LEU A 202 46.79 44.55 0.87
N LYS A 203 46.36 45.45 -0.02
CA LYS A 203 47.16 45.77 -1.19
C LYS A 203 48.52 46.32 -0.78
N ALA A 204 48.58 47.04 0.34
CA ALA A 204 49.86 47.54 0.83
C ALA A 204 50.67 46.44 1.51
N LEU A 205 49.98 45.40 2.02
CA LEU A 205 50.70 44.31 2.68
C LEU A 205 51.74 43.69 1.76
N GLY A 206 51.49 43.66 0.45
CA GLY A 206 52.43 43.12 -0.49
C GLY A 206 52.03 41.73 -0.95
N PRO A 207 52.44 41.34 -2.16
CA PRO A 207 52.05 40.01 -2.66
C PRO A 207 52.64 38.88 -1.82
N GLY A 208 52.02 37.71 -1.96
CA GLY A 208 52.50 36.52 -1.28
C GLY A 208 52.12 36.42 0.18
N ALA A 209 51.14 37.20 0.63
CA ALA A 209 50.75 37.20 2.03
C ALA A 209 49.86 36.00 2.34
N THR A 210 50.01 35.48 3.55
CA THR A 210 49.18 34.39 4.04
C THR A 210 47.93 34.96 4.74
N LEU A 211 46.93 34.10 4.89
CA LEU A 211 45.67 34.53 5.49
C LEU A 211 45.86 34.96 6.94
N GLU A 212 46.77 34.29 7.67
CA GLU A 212 47.03 34.66 9.06
C GLU A 212 47.52 36.11 9.14
N GLU A 213 48.48 36.47 8.29
CA GLU A 213 49.01 37.83 8.28
C GLU A 213 47.92 38.84 7.91
N MET A 214 47.10 38.51 6.92
CA MET A 214 46.03 39.42 6.51
C MET A 214 45.06 39.67 7.67
N MET A 215 44.61 38.59 8.32
CA MET A 215 43.67 38.74 9.43
C MET A 215 44.30 39.49 10.59
N THR A 216 45.58 39.24 10.85
CA THR A 216 46.26 39.97 11.92
C THR A 216 46.36 41.45 11.60
N ALA A 217 46.55 41.78 10.32
CA ALA A 217 46.65 43.17 9.91
C ALA A 217 45.30 43.87 10.02
N CYS A 218 44.22 43.18 9.66
CA CYS A 218 42.92 43.84 9.67
C CYS A 218 42.31 43.89 11.07
N GLN A 219 42.52 42.86 11.89
CA GLN A 219 41.89 42.81 13.20
C GLN A 219 42.39 43.94 14.09
N PRO B 1 41.41 4.77 13.14
CA PRO B 1 42.10 4.32 14.36
C PRO B 1 42.74 2.95 14.20
N ILE B 2 43.71 2.65 15.07
CA ILE B 2 44.40 1.36 15.03
C ILE B 2 44.21 0.63 16.37
N HIS B 12 42.17 -1.76 11.43
CA HIS B 12 41.91 -0.35 11.20
C HIS B 12 40.41 -0.07 11.07
N GLN B 13 39.72 0.02 12.21
CA GLN B 13 38.32 0.40 12.21
C GLN B 13 38.18 1.89 11.92
N ALA B 14 37.13 2.25 11.17
CA ALA B 14 36.85 3.65 10.91
C ALA B 14 36.47 4.36 12.20
N ILE B 15 36.76 5.66 12.24
CA ILE B 15 36.48 6.45 13.44
C ILE B 15 35.04 6.23 13.86
N SER B 16 34.85 5.93 15.14
CA SER B 16 33.53 5.57 15.64
C SER B 16 32.60 6.78 15.63
N PRO B 17 31.29 6.54 15.58
CA PRO B 17 30.33 7.67 15.59
C PRO B 17 30.49 8.56 16.81
N ARG B 18 30.36 7.98 18.00
CA ARG B 18 30.42 8.78 19.23
C ARG B 18 31.58 9.76 19.21
N THR B 19 32.75 9.31 18.74
CA THR B 19 33.91 10.19 18.71
C THR B 19 33.67 11.40 17.82
N LEU B 20 33.22 11.18 16.58
CA LEU B 20 32.98 12.28 15.67
C LEU B 20 31.91 13.23 16.21
N CYS B 21 30.82 12.68 16.74
CA CYS B 21 29.74 13.52 17.24
C CYS B 21 30.22 14.38 18.40
N CYS B 22 31.00 13.79 19.32
CA CYS B 22 31.53 14.56 20.44
C CYS B 22 32.52 15.62 19.95
N TRP B 23 33.34 15.29 18.96
CA TRP B 23 34.28 16.27 18.42
C TRP B 23 33.54 17.46 17.83
N VAL B 24 32.49 17.20 17.05
CA VAL B 24 31.72 18.29 16.47
C VAL B 24 31.09 19.16 17.57
N LYS B 25 30.47 18.50 18.56
CA LYS B 25 29.82 19.28 19.62
C LYS B 25 30.83 20.10 20.41
N VAL B 26 32.03 19.56 20.63
CA VAL B 26 33.06 20.30 21.36
C VAL B 26 33.50 21.51 20.55
N VAL B 27 33.83 21.32 19.28
CA VAL B 27 34.30 22.44 18.47
C VAL B 27 33.22 23.50 18.33
N GLU B 28 31.94 23.09 18.38
CA GLU B 28 30.85 24.06 18.29
C GLU B 28 30.69 24.82 19.61
N GLU B 29 30.69 24.10 20.73
CA GLU B 29 30.41 24.71 22.03
C GLU B 29 31.55 25.63 22.47
N LYS B 30 32.75 25.07 22.60
CA LYS B 30 33.89 25.83 23.12
C LYS B 30 34.46 26.82 22.13
N ALA B 31 33.97 26.88 20.90
CA ALA B 31 34.59 27.70 19.85
C ALA B 31 36.04 27.24 19.77
N PHE B 32 37.02 28.13 19.78
CA PHE B 32 38.43 27.76 19.77
C PHE B 32 39.06 28.28 21.06
N SER B 33 39.06 27.42 22.08
CA SER B 33 39.67 27.70 23.37
C SER B 33 40.77 26.68 23.64
N PRO B 34 41.68 26.98 24.56
CA PRO B 34 42.82 26.06 24.79
C PRO B 34 42.43 24.63 25.06
N GLU B 35 41.30 24.41 25.76
CA GLU B 35 40.88 23.06 26.10
C GLU B 35 40.51 22.23 24.88
N VAL B 36 40.46 22.83 23.69
CA VAL B 36 40.16 22.07 22.48
C VAL B 36 41.37 21.24 22.04
N ILE B 37 42.57 21.66 22.40
CA ILE B 37 43.79 20.98 21.95
C ILE B 37 43.94 19.64 22.66
N PRO B 38 43.85 19.58 24.00
CA PRO B 38 43.91 18.25 24.64
C PRO B 38 42.79 17.33 24.19
N MET B 39 41.56 17.86 24.09
CA MET B 39 40.45 17.07 23.60
C MET B 39 40.76 16.47 22.24
N PHE B 40 41.18 17.31 21.29
CA PHE B 40 41.52 16.83 19.96
C PHE B 40 42.60 15.74 20.04
N SER B 41 43.70 16.03 20.73
CA SER B 41 44.78 15.05 20.82
C SER B 41 44.31 13.74 21.42
N ALA B 42 43.31 13.78 22.31
CA ALA B 42 42.84 12.57 22.97
C ALA B 42 41.85 11.79 22.09
N LEU B 43 41.08 12.49 21.26
CA LEU B 43 40.10 11.83 20.41
C LEU B 43 40.73 11.19 19.17
N SER B 44 41.95 11.60 18.81
CA SER B 44 42.59 11.08 17.62
C SER B 44 43.80 10.22 17.98
N GLU B 45 43.58 9.18 18.77
CA GLU B 45 44.63 8.25 19.15
C GLU B 45 44.69 7.11 18.13
N GLY B 46 45.86 6.91 17.53
CA GLY B 46 46.01 5.92 16.48
C GLY B 46 45.24 6.21 15.23
N ALA B 47 44.73 7.44 15.09
CA ALA B 47 43.94 7.79 13.91
C ALA B 47 44.85 7.95 12.70
N THR B 48 44.36 7.49 11.55
CA THR B 48 45.09 7.64 10.32
C THR B 48 44.89 9.05 9.75
N PRO B 49 45.73 9.47 8.80
CA PRO B 49 45.55 10.82 8.22
C PRO B 49 44.16 11.04 7.67
N GLN B 50 43.57 10.03 7.03
CA GLN B 50 42.21 10.17 6.52
C GLN B 50 41.23 10.45 7.64
N ASP B 51 41.42 9.82 8.80
CA ASP B 51 40.53 10.07 9.93
C ASP B 51 40.68 11.50 10.46
N LEU B 52 41.91 12.00 10.51
CA LEU B 52 42.11 13.38 10.93
C LEU B 52 41.46 14.35 9.94
N ASN B 53 41.54 14.05 8.65
CA ASN B 53 40.88 14.90 7.66
C ASN B 53 39.37 14.83 7.82
N THR B 54 38.83 13.65 8.12
CA THR B 54 37.40 13.54 8.37
C THR B 54 36.98 14.35 9.60
N MET B 55 37.82 14.34 10.65
CA MET B 55 37.52 15.12 11.84
C MET B 55 37.54 16.61 11.51
N LEU B 56 38.55 17.06 10.76
CA LEU B 56 38.64 18.48 10.43
C LEU B 56 37.53 18.93 9.49
N ASN B 57 37.06 18.04 8.62
CA ASN B 57 36.00 18.41 7.69
C ASN B 57 34.69 18.66 8.43
N THR B 58 34.36 17.82 9.41
CA THR B 58 33.10 17.93 10.13
C THR B 58 33.01 19.20 10.97
N VAL B 59 34.10 19.95 11.11
CA VAL B 59 34.08 21.18 11.90
C VAL B 59 33.20 22.20 11.18
N GLY B 60 32.09 22.57 11.82
CA GLY B 60 31.18 23.54 11.23
C GLY B 60 31.62 24.96 11.53
N GLY B 61 31.44 25.83 10.52
CA GLY B 61 31.82 27.22 10.68
C GLY B 61 33.32 27.36 10.88
N HIS B 62 33.71 28.58 11.24
CA HIS B 62 35.11 28.91 11.50
C HIS B 62 35.99 28.55 10.31
N GLN B 63 35.45 28.70 9.10
CA GLN B 63 36.19 28.26 7.91
C GLN B 63 37.47 29.06 7.71
N ALA B 64 37.53 30.30 8.20
CA ALA B 64 38.77 31.05 8.15
C ALA B 64 39.85 30.35 8.97
N ALA B 65 39.50 29.91 10.18
CA ALA B 65 40.47 29.19 11.01
C ALA B 65 40.88 27.89 10.34
N MET B 66 39.96 27.23 9.65
CA MET B 66 40.31 25.99 8.96
C MET B 66 41.25 26.25 7.79
N GLN B 67 41.04 27.37 7.09
CA GLN B 67 41.98 27.75 6.02
C GLN B 67 43.36 28.04 6.60
N MET B 68 43.41 28.72 7.74
CA MET B 68 44.71 28.96 8.38
C MET B 68 45.38 27.66 8.78
N LEU B 69 44.58 26.71 9.31
CA LEU B 69 45.12 25.40 9.66
C LEU B 69 45.66 24.69 8.42
N LYS B 70 44.94 24.78 7.30
CA LYS B 70 45.41 24.15 6.07
C LYS B 70 46.71 24.79 5.60
N GLU B 71 46.83 26.11 5.74
CA GLU B 71 48.09 26.78 5.38
C GLU B 71 49.24 26.31 6.27
N THR B 72 48.98 26.17 7.57
CA THR B 72 50.01 25.66 8.47
C THR B 72 50.41 24.25 8.10
N ILE B 73 49.44 23.43 7.69
CA ILE B 73 49.74 22.07 7.27
C ILE B 73 50.61 22.07 6.02
N ASN B 74 50.31 22.98 5.08
CA ASN B 74 51.12 23.08 3.87
C ASN B 74 52.54 23.54 4.21
N GLU B 75 52.68 24.50 5.12
CA GLU B 75 54.00 24.94 5.54
C GLU B 75 54.80 23.78 6.12
N GLU B 76 54.21 23.04 7.06
CA GLU B 76 54.92 21.93 7.68
C GLU B 76 55.24 20.83 6.66
N ALA B 77 54.35 20.61 5.70
CA ALA B 77 54.62 19.61 4.68
C ALA B 77 55.78 20.02 3.79
N ALA B 78 55.85 21.31 3.43
CA ALA B 78 56.99 21.79 2.66
C ALA B 78 58.29 21.66 3.44
N GLU B 79 58.27 22.01 4.73
CA GLU B 79 59.47 21.85 5.56
C GLU B 79 59.89 20.39 5.62
N TRP B 80 58.94 19.48 5.80
CA TRP B 80 59.25 18.05 5.80
C TRP B 80 59.88 17.63 4.48
N ASP B 81 59.25 18.01 3.36
CA ASP B 81 59.79 17.64 2.06
C ASP B 81 61.22 18.14 1.90
N ARG B 82 61.51 19.34 2.40
CA ARG B 82 62.88 19.85 2.34
C ARG B 82 63.82 19.01 3.19
N LEU B 83 63.37 18.61 4.40
CA LEU B 83 64.23 17.87 5.30
C LEU B 83 64.39 16.39 4.91
N HIS B 84 63.43 15.82 4.17
CA HIS B 84 63.47 14.43 3.76
C HIS B 84 63.19 14.33 2.26
N PRO B 85 64.13 14.82 1.42
CA PRO B 85 63.94 14.79 -0.04
C PRO B 85 64.06 13.38 -0.62
N MET B 96 57.26 0.27 1.46
CA MET B 96 56.60 1.15 0.50
C MET B 96 57.46 2.38 0.21
N ARG B 97 56.97 3.24 -0.68
CA ARG B 97 57.70 4.44 -1.06
C ARG B 97 57.79 5.40 0.13
N GLU B 98 58.71 6.35 0.03
CA GLU B 98 58.86 7.33 1.09
C GLU B 98 57.70 8.33 1.03
N PRO B 99 57.21 8.81 2.17
CA PRO B 99 56.06 9.72 2.15
C PRO B 99 56.46 11.18 1.97
N ARG B 100 55.88 11.83 0.97
CA ARG B 100 56.15 13.24 0.70
C ARG B 100 55.31 14.09 1.65
N GLY B 101 55.34 15.40 1.46
CA GLY B 101 54.59 16.29 2.34
C GLY B 101 53.09 16.07 2.22
N SER B 102 52.56 16.16 1.00
CA SER B 102 51.14 15.92 0.77
C SER B 102 50.74 14.48 1.06
N ASP B 103 51.70 13.58 1.20
CA ASP B 103 51.38 12.20 1.58
C ASP B 103 51.06 12.07 3.06
N ILE B 104 51.71 12.89 3.91
CA ILE B 104 51.42 12.84 5.34
C ILE B 104 50.04 13.41 5.63
N ALA B 105 49.67 14.48 4.92
CA ALA B 105 48.37 15.13 5.11
C ALA B 105 47.23 14.35 4.48
N GLY B 106 47.49 13.19 3.87
CA GLY B 106 46.41 12.39 3.32
C GLY B 106 45.78 12.95 2.07
N THR B 107 46.47 13.85 1.37
CA THR B 107 45.94 14.43 0.13
C THR B 107 46.35 13.64 -1.10
N THR B 108 47.48 12.95 -1.06
CA THR B 108 48.00 12.18 -2.18
C THR B 108 48.44 10.79 -1.72
N SER B 109 47.56 10.11 -0.99
CA SER B 109 47.85 8.77 -0.50
C SER B 109 46.53 8.05 -0.23
N THR B 110 46.43 6.82 -0.72
CA THR B 110 45.25 6.01 -0.51
C THR B 110 45.27 5.41 0.90
N LEU B 111 44.09 4.95 1.34
CA LEU B 111 44.00 4.33 2.66
C LEU B 111 44.97 3.17 2.80
N GLN B 112 45.21 2.43 1.71
CA GLN B 112 46.13 1.31 1.76
C GLN B 112 47.56 1.77 2.02
N GLU B 113 47.96 2.88 1.38
CA GLU B 113 49.32 3.40 1.60
C GLU B 113 49.51 3.86 3.04
N GLN B 114 48.51 4.54 3.61
CA GLN B 114 48.60 4.97 5.00
C GLN B 114 48.65 3.77 5.94
N ILE B 115 47.80 2.77 5.70
CA ILE B 115 47.79 1.58 6.54
C ILE B 115 49.14 0.87 6.47
N GLY B 116 49.73 0.80 5.28
CA GLY B 116 51.03 0.17 5.15
C GLY B 116 52.12 0.94 5.88
N TRP B 117 52.13 2.26 5.72
CA TRP B 117 53.14 3.08 6.40
C TRP B 117 53.03 2.93 7.91
N MET B 118 51.80 2.94 8.45
CA MET B 118 51.63 2.90 9.89
C MET B 118 51.78 1.50 10.47
N THR B 119 51.58 0.46 9.65
CA THR B 119 51.66 -0.92 10.11
C THR B 119 53.03 -1.55 9.87
N HIS B 120 53.89 -0.91 9.07
CA HIS B 120 55.23 -1.43 8.85
C HIS B 120 56.01 -1.43 10.16
N ASN B 121 56.87 -2.44 10.31
CA ASN B 121 57.69 -2.56 11.52
C ASN B 121 58.39 -1.27 11.88
N PRO B 122 59.05 -0.56 10.97
CA PRO B 122 59.51 0.81 11.27
C PRO B 122 58.34 1.78 11.25
N PRO B 123 57.92 2.28 12.39
CA PRO B 123 56.71 3.13 12.42
C PRO B 123 56.94 4.43 11.68
N ILE B 124 56.16 4.65 10.62
CA ILE B 124 56.09 5.96 9.98
C ILE B 124 54.83 6.62 10.52
N PRO B 125 54.91 7.41 11.59
CA PRO B 125 53.68 7.94 12.20
C PRO B 125 53.05 9.05 11.36
N VAL B 126 52.26 8.68 10.36
CA VAL B 126 51.58 9.72 9.59
C VAL B 126 50.55 10.42 10.47
N GLY B 127 49.87 9.65 11.32
CA GLY B 127 48.92 10.24 12.24
C GLY B 127 49.58 11.21 13.21
N GLU B 128 50.68 10.77 13.84
CA GLU B 128 51.35 11.62 14.82
C GLU B 128 51.92 12.88 14.17
N ILE B 129 52.51 12.76 12.99
CA ILE B 129 53.10 13.93 12.33
C ILE B 129 52.00 14.91 11.92
N TYR B 130 50.96 14.40 11.26
CA TYR B 130 49.86 15.26 10.87
C TYR B 130 49.22 15.92 12.09
N LYS B 131 49.16 15.19 13.20
CA LYS B 131 48.58 15.74 14.42
C LYS B 131 49.47 16.82 15.02
N ARG B 132 50.79 16.65 14.92
CA ARG B 132 51.70 17.73 15.33
C ARG B 132 51.43 18.99 14.53
N TRP B 133 51.35 18.84 13.20
CA TRP B 133 51.07 20.00 12.35
C TRP B 133 49.74 20.65 12.72
N ILE B 134 48.70 19.81 12.88
CA ILE B 134 47.37 20.33 13.18
C ILE B 134 47.35 21.01 14.53
N ILE B 135 48.09 20.47 15.51
CA ILE B 135 48.10 21.05 16.84
C ILE B 135 48.84 22.38 16.82
N LEU B 136 49.89 22.50 16.02
CA LEU B 136 50.56 23.79 15.87
C LEU B 136 49.61 24.81 15.26
N GLY B 137 48.91 24.43 14.19
CA GLY B 137 47.94 25.33 13.60
C GLY B 137 46.84 25.72 14.57
N LEU B 138 46.39 24.76 15.38
CA LEU B 138 45.32 25.05 16.33
C LEU B 138 45.80 25.96 17.44
N ASN B 139 47.04 25.79 17.88
CA ASN B 139 47.61 26.74 18.84
C ASN B 139 47.64 28.13 18.25
N LYS B 140 48.05 28.25 16.99
CA LYS B 140 48.02 29.56 16.32
C LYS B 140 46.61 30.14 16.32
N ILE B 141 45.62 29.30 15.98
CA ILE B 141 44.24 29.76 15.92
C ILE B 141 43.78 30.25 17.28
N VAL B 142 44.09 29.48 18.33
CA VAL B 142 43.67 29.86 19.68
C VAL B 142 44.33 31.18 20.08
N ARG B 143 45.63 31.32 19.79
CA ARG B 143 46.30 32.57 20.09
C ARG B 143 45.66 33.73 19.34
N MET B 144 45.12 33.47 18.15
CA MET B 144 44.48 34.53 17.39
C MET B 144 43.09 34.86 17.92
N TYR B 145 42.40 33.90 18.52
CA TYR B 145 41.07 34.15 19.06
C TYR B 145 41.09 34.93 20.37
N SER B 146 42.23 34.93 21.07
CA SER B 146 42.43 35.74 22.28
C SER B 146 43.44 36.84 22.00
N PRO B 147 43.02 38.00 21.48
CA PRO B 147 44.00 39.04 21.13
C PRO B 147 44.55 39.78 22.33
N THR B 148 43.77 39.84 23.41
CA THR B 148 44.18 40.59 24.60
C THR B 148 45.33 39.91 25.31
N SER B 149 46.30 40.72 25.77
CA SER B 149 47.46 40.22 26.49
C SER B 149 47.18 40.22 28.00
N ILE B 150 48.00 39.46 28.72
CA ILE B 150 47.84 39.36 30.17
C ILE B 150 48.05 40.71 30.84
N LEU B 151 48.95 41.52 30.30
CA LEU B 151 49.29 42.81 30.90
C LEU B 151 48.24 43.88 30.63
N ASP B 152 47.30 43.64 29.72
CA ASP B 152 46.24 44.59 29.41
C ASP B 152 44.95 44.31 30.18
N ILE B 153 44.84 43.16 30.83
CA ILE B 153 43.63 42.79 31.57
C ILE B 153 43.64 43.48 32.93
N ARG B 154 42.55 44.18 33.24
CA ARG B 154 42.42 44.86 34.52
C ARG B 154 40.97 44.73 35.00
N GLN B 155 40.82 44.67 36.32
CA GLN B 155 39.49 44.55 36.90
C GLN B 155 38.67 45.79 36.59
N GLY B 156 37.39 45.56 36.26
CA GLY B 156 36.50 46.65 35.97
C GLY B 156 36.06 47.37 37.22
N PRO B 157 35.24 48.40 37.04
CA PRO B 157 34.77 49.19 38.19
C PRO B 157 33.84 48.38 39.08
N LYS B 158 32.74 47.89 38.52
CA LYS B 158 31.76 47.10 39.26
C LYS B 158 31.78 45.65 38.79
N GLU B 159 32.97 45.07 38.68
CA GLU B 159 33.13 43.69 38.23
C GLU B 159 33.54 42.80 39.37
N PRO B 160 32.83 41.70 39.63
CA PRO B 160 33.25 40.80 40.71
C PRO B 160 34.68 40.30 40.51
N PHE B 161 35.37 40.07 41.62
CA PHE B 161 36.77 39.64 41.55
C PHE B 161 36.90 38.27 40.89
N ARG B 162 35.91 37.39 41.08
CA ARG B 162 35.98 36.05 40.50
C ARG B 162 36.03 36.12 38.98
N ASP B 163 35.18 36.96 38.38
CA ASP B 163 35.17 37.08 36.92
C ASP B 163 36.50 37.65 36.42
N TYR B 164 37.06 38.62 37.14
CA TYR B 164 38.35 39.18 36.75
C TYR B 164 39.44 38.11 36.79
N VAL B 165 39.46 37.29 37.84
CA VAL B 165 40.47 36.24 37.93
C VAL B 165 40.27 35.22 36.80
N ASP B 166 39.02 34.89 36.50
CA ASP B 166 38.74 33.96 35.42
C ASP B 166 39.26 34.48 34.08
N ARG B 167 38.94 35.74 33.76
CA ARG B 167 39.43 36.32 32.51
C ARG B 167 40.95 36.36 32.48
N PHE B 168 41.57 36.74 33.60
CA PHE B 168 43.03 36.80 33.67
C PHE B 168 43.64 35.44 33.35
N TYR B 169 43.16 34.38 34.01
CA TYR B 169 43.76 33.07 33.81
C TYR B 169 43.41 32.48 32.44
N LYS B 170 42.25 32.82 31.89
CA LYS B 170 41.95 32.41 30.52
C LYS B 170 42.93 33.04 29.54
N THR B 171 43.19 34.34 29.72
CA THR B 171 44.17 35.01 28.86
C THR B 171 45.55 34.40 29.05
N LEU B 172 45.89 34.01 30.28
CA LEU B 172 47.18 33.39 30.52
C LEU B 172 47.29 32.07 29.77
N ARG B 173 46.22 31.27 29.80
CA ARG B 173 46.23 30.00 29.07
C ARG B 173 46.29 30.22 27.58
N ALA B 174 45.69 31.32 27.09
CA ALA B 174 45.80 31.63 25.67
C ALA B 174 47.22 32.01 25.30
N GLU B 175 47.89 32.79 26.17
CA GLU B 175 49.27 33.19 25.89
C GLU B 175 50.21 32.00 25.86
N GLN B 176 49.92 30.98 26.67
CA GLN B 176 50.71 29.75 26.73
C GLN B 176 52.21 30.03 26.75
N ALA B 177 52.60 30.99 27.59
CA ALA B 177 53.99 31.37 27.73
C ALA B 177 54.72 30.39 28.64
N LYS B 182 56.90 32.97 35.16
CA LYS B 182 55.50 32.89 34.76
C LYS B 182 54.58 33.01 35.98
N ASN B 183 54.92 32.30 37.06
CA ASN B 183 54.09 32.30 38.26
C ASN B 183 54.23 33.62 39.01
N ALA B 184 55.47 34.08 39.20
CA ALA B 184 55.70 35.35 39.90
C ALA B 184 55.00 36.50 39.18
N ALA B 185 55.17 36.58 37.86
CA ALA B 185 54.55 37.67 37.12
C ALA B 185 53.03 37.58 37.20
N THR B 186 52.47 36.38 36.98
CA THR B 186 51.03 36.23 37.02
C THR B 186 50.48 36.67 38.37
N GLU B 187 51.18 36.31 39.45
CA GLU B 187 50.66 36.57 40.79
C GLU B 187 50.78 38.04 41.15
N THR B 188 51.89 38.68 40.75
CA THR B 188 52.04 40.09 41.04
C THR B 188 51.07 40.92 40.21
N LEU B 189 50.96 40.61 38.91
CA LEU B 189 50.09 41.38 38.04
C LEU B 189 48.63 41.22 38.43
N LEU B 190 48.25 40.06 38.96
CA LEU B 190 46.87 39.88 39.40
C LEU B 190 46.50 40.92 40.46
N VAL B 191 47.40 41.13 41.44
CA VAL B 191 47.14 42.14 42.46
C VAL B 191 47.31 43.54 41.88
N GLN B 192 48.21 43.71 40.91
CA GLN B 192 48.49 45.03 40.37
C GLN B 192 47.30 45.56 39.57
N ASN B 193 46.73 44.71 38.71
CA ASN B 193 45.66 45.11 37.80
C ASN B 193 44.29 45.05 38.44
N ALA B 194 44.22 45.03 39.77
CA ALA B 194 42.93 44.97 40.46
C ALA B 194 42.31 46.35 40.56
N ASN B 195 41.04 46.37 40.96
CA ASN B 195 40.34 47.62 41.21
C ASN B 195 40.88 48.26 42.50
N PRO B 196 40.75 49.58 42.64
CA PRO B 196 41.34 50.24 43.81
C PRO B 196 40.96 49.60 45.13
N ASP B 197 39.66 49.34 45.34
CA ASP B 197 39.22 48.74 46.60
C ASP B 197 39.84 47.36 46.78
N CYS B 198 39.63 46.47 45.82
CA CYS B 198 40.19 45.14 45.91
C CYS B 198 41.72 45.17 45.86
N LYS B 199 42.30 46.15 45.16
CA LYS B 199 43.76 46.27 45.16
C LYS B 199 44.28 46.53 46.56
N THR B 200 43.66 47.47 47.28
CA THR B 200 44.07 47.75 48.64
C THR B 200 43.82 46.54 49.54
N ILE B 201 42.66 45.90 49.39
CA ILE B 201 42.35 44.74 50.23
C ILE B 201 43.41 43.66 50.05
N LEU B 202 43.79 43.39 48.79
CA LEU B 202 44.77 42.34 48.52
C LEU B 202 46.15 42.72 49.02
N LYS B 203 46.57 43.98 48.79
CA LYS B 203 47.86 44.41 49.28
C LYS B 203 47.94 44.34 50.80
N ALA B 204 46.83 44.58 51.50
CA ALA B 204 46.80 44.47 52.95
C ALA B 204 46.73 43.02 53.41
N LEU B 205 46.17 42.12 52.59
CA LEU B 205 46.08 40.72 52.99
C LEU B 205 47.44 40.13 53.34
N GLY B 206 48.50 40.59 52.69
CA GLY B 206 49.84 40.10 52.97
C GLY B 206 50.33 39.14 51.90
N PRO B 207 51.65 39.05 51.74
CA PRO B 207 52.20 38.16 50.70
C PRO B 207 51.91 36.70 50.99
N GLY B 208 51.92 35.91 49.91
CA GLY B 208 51.77 34.47 50.00
C GLY B 208 50.35 33.97 50.15
N ALA B 209 49.37 34.85 50.26
CA ALA B 209 47.99 34.42 50.44
C ALA B 209 47.53 33.59 49.25
N THR B 210 46.86 32.48 49.53
CA THR B 210 46.35 31.63 48.46
C THR B 210 45.18 32.31 47.75
N LEU B 211 44.89 31.83 46.54
CA LEU B 211 43.81 32.41 45.76
C LEU B 211 42.47 32.24 46.46
N GLU B 212 42.28 31.11 47.16
CA GLU B 212 41.04 30.91 47.89
C GLU B 212 40.83 32.00 48.93
N GLU B 213 41.87 32.30 49.71
CA GLU B 213 41.77 33.35 50.73
C GLU B 213 41.49 34.71 50.10
N MET B 214 42.18 35.04 49.00
CA MET B 214 41.96 36.31 48.35
C MET B 214 40.52 36.44 47.89
N MET B 215 40.01 35.41 47.21
CA MET B 215 38.63 35.45 46.71
C MET B 215 37.63 35.51 47.85
N THR B 216 37.93 34.81 48.95
CA THR B 216 37.04 34.88 50.11
C THR B 216 37.02 36.28 50.70
N ALA B 217 38.17 36.96 50.68
CA ALA B 217 38.22 38.33 51.21
C ALA B 217 37.47 39.30 50.30
N CYS B 218 37.60 39.13 48.99
CA CYS B 218 36.96 40.04 48.04
C CYS B 218 35.47 39.73 47.83
N GLN B 219 34.96 38.64 48.40
CA GLN B 219 33.56 38.29 48.24
C GLN B 219 32.69 39.06 49.24
N PRO C 1 43.28 3.97 31.63
CA PRO C 1 43.10 3.29 32.92
C PRO C 1 43.61 1.85 32.90
N ILE C 2 44.01 1.34 34.07
CA ILE C 2 44.53 -0.02 34.16
C ILE C 2 43.38 -1.01 34.04
N VAL C 11 45.63 -4.12 31.33
CA VAL C 11 46.04 -3.29 30.19
C VAL C 11 45.72 -1.83 30.47
N HIS C 12 46.27 -0.92 29.67
CA HIS C 12 46.07 0.51 29.81
C HIS C 12 45.44 1.05 28.52
N GLN C 13 44.13 0.89 28.40
CA GLN C 13 43.41 1.49 27.28
C GLN C 13 43.34 2.99 27.47
N ALA C 14 43.44 3.74 26.37
CA ALA C 14 43.33 5.18 26.44
C ALA C 14 41.93 5.60 26.86
N ILE C 15 41.87 6.73 27.58
CA ILE C 15 40.60 7.23 28.08
C ILE C 15 39.60 7.34 26.93
N SER C 16 38.42 6.78 27.13
CA SER C 16 37.43 6.72 26.07
C SER C 16 36.84 8.11 25.80
N PRO C 17 36.37 8.36 24.57
CA PRO C 17 35.74 9.64 24.27
C PRO C 17 34.53 9.95 25.15
N ARG C 18 33.55 9.03 25.15
CA ARG C 18 32.30 9.25 25.87
C ARG C 18 32.54 9.79 27.27
N THR C 19 33.52 9.24 27.98
CA THR C 19 33.79 9.71 29.35
C THR C 19 34.17 11.19 29.36
N LEU C 20 35.14 11.57 28.51
CA LEU C 20 35.56 12.97 28.44
C LEU C 20 34.40 13.88 28.07
N CYS C 21 33.61 13.47 27.06
CA CYS C 21 32.52 14.30 26.58
C CYS C 21 31.47 14.51 27.67
N CYS C 22 31.08 13.44 28.36
CA CYS C 22 30.11 13.58 29.43
C CYS C 22 30.66 14.41 30.57
N TRP C 23 31.95 14.25 30.88
CA TRP C 23 32.56 15.05 31.93
C TRP C 23 32.51 16.54 31.57
N VAL C 24 32.84 16.87 30.33
CA VAL C 24 32.80 18.26 29.89
C VAL C 24 31.37 18.80 29.95
N LYS C 25 30.42 18.02 29.45
CA LYS C 25 29.03 18.49 29.44
C LYS C 25 28.51 18.70 30.85
N VAL C 26 28.89 17.82 31.78
CA VAL C 26 28.45 17.97 33.16
C VAL C 26 29.05 19.22 33.78
N VAL C 27 30.37 19.39 33.64
CA VAL C 27 31.03 20.55 34.25
C VAL C 27 30.49 21.84 33.65
N GLU C 28 30.09 21.82 32.38
CA GLU C 28 29.55 23.03 31.77
C GLU C 28 28.14 23.32 32.24
N GLU C 29 27.26 22.31 32.21
CA GLU C 29 25.86 22.53 32.54
C GLU C 29 25.69 22.81 34.04
N LYS C 30 26.10 21.86 34.88
CA LYS C 30 25.89 21.98 36.32
C LYS C 30 26.81 23.00 36.98
N ALA C 31 27.72 23.61 36.22
CA ALA C 31 28.73 24.51 36.79
C ALA C 31 29.48 23.72 37.86
N PHE C 32 29.69 24.26 39.05
CA PHE C 32 30.36 23.55 40.13
C PHE C 32 29.39 23.42 41.30
N SER C 33 28.65 22.32 41.31
CA SER C 33 27.70 21.97 42.36
C SER C 33 28.10 20.64 42.98
N PRO C 34 27.59 20.33 44.16
CA PRO C 34 28.01 19.09 44.85
C PRO C 34 27.91 17.85 44.00
N GLU C 35 26.93 17.78 43.10
CA GLU C 35 26.77 16.59 42.27
C GLU C 35 27.95 16.35 41.34
N VAL C 36 28.88 17.30 41.24
CA VAL C 36 30.05 17.11 40.38
C VAL C 36 31.07 16.16 41.01
N ILE C 37 31.08 16.02 42.32
CA ILE C 37 32.08 15.20 43.00
C ILE C 37 31.78 13.73 42.72
N PRO C 38 30.56 13.24 42.92
CA PRO C 38 30.29 11.84 42.56
C PRO C 38 30.51 11.56 41.08
N MET C 39 30.05 12.46 40.22
CA MET C 39 30.29 12.30 38.78
C MET C 39 31.77 12.14 38.48
N PHE C 40 32.58 13.08 38.98
CA PHE C 40 34.03 12.99 38.74
C PHE C 40 34.58 11.66 39.25
N SER C 41 34.30 11.33 40.51
CA SER C 41 34.84 10.10 41.08
C SER C 41 34.41 8.87 40.28
N ALA C 42 33.23 8.91 39.67
CA ALA C 42 32.74 7.76 38.92
C ALA C 42 33.31 7.71 37.51
N LEU C 43 33.59 8.87 36.92
CA LEU C 43 34.14 8.91 35.57
C LEU C 43 35.63 8.62 35.52
N SER C 44 36.32 8.72 36.65
CA SER C 44 37.76 8.48 36.70
C SER C 44 38.06 7.22 37.51
N GLU C 45 37.51 6.08 37.07
CA GLU C 45 37.76 4.81 37.72
C GLU C 45 38.99 4.17 37.11
N GLY C 46 39.99 3.87 37.94
CA GLY C 46 41.23 3.30 37.45
C GLY C 46 42.03 4.21 36.56
N ALA C 47 41.71 5.50 36.49
CA ALA C 47 42.41 6.42 35.62
C ALA C 47 43.82 6.70 36.13
N THR C 48 44.76 6.78 35.20
CA THR C 48 46.14 7.09 35.54
C THR C 48 46.32 8.60 35.72
N PRO C 49 47.42 9.03 36.35
CA PRO C 49 47.63 10.48 36.54
C PRO C 49 47.56 11.26 35.24
N GLN C 50 48.14 10.70 34.16
CA GLN C 50 48.05 11.37 32.87
C GLN C 50 46.61 11.50 32.44
N ASP C 51 45.78 10.48 32.71
CA ASP C 51 44.38 10.53 32.35
C ASP C 51 43.64 11.59 33.17
N LEU C 52 43.94 11.70 34.46
CA LEU C 52 43.32 12.73 35.28
C LEU C 52 43.71 14.12 34.80
N ASN C 53 44.97 14.30 34.41
CA ASN C 53 45.38 15.59 33.89
C ASN C 53 44.71 15.89 32.55
N THR C 54 44.53 14.87 31.72
CA THR C 54 43.81 15.06 30.47
C THR C 54 42.37 15.48 30.74
N MET C 55 41.75 14.89 31.76
CA MET C 55 40.39 15.28 32.13
C MET C 55 40.35 16.72 32.64
N LEU C 56 41.30 17.10 33.49
CA LEU C 56 41.31 18.44 34.06
C LEU C 56 41.60 19.51 33.01
N ASN C 57 42.39 19.18 31.98
CA ASN C 57 42.69 20.15 30.95
C ASN C 57 41.45 20.50 30.15
N THR C 58 40.63 19.50 29.81
CA THR C 58 39.45 19.72 28.98
C THR C 58 38.37 20.54 29.66
N VAL C 59 38.50 20.81 30.96
CA VAL C 59 37.49 21.61 31.66
C VAL C 59 37.55 23.04 31.13
N GLY C 60 36.49 23.47 30.46
CA GLY C 60 36.42 24.82 29.94
C GLY C 60 35.92 25.80 30.99
N GLY C 61 36.48 27.01 30.96
CA GLY C 61 36.07 28.03 31.91
C GLY C 61 36.40 27.66 33.34
N HIS C 62 35.85 28.46 34.25
CA HIS C 62 36.04 28.27 35.69
C HIS C 62 37.53 28.18 36.02
N GLN C 63 38.34 28.96 35.30
CA GLN C 63 39.78 28.84 35.43
C GLN C 63 40.26 29.23 36.83
N ALA C 64 39.50 30.07 37.54
CA ALA C 64 39.85 30.36 38.93
C ALA C 64 39.74 29.10 39.79
N ALA C 65 38.65 28.35 39.62
CA ALA C 65 38.49 27.11 40.35
C ALA C 65 39.57 26.09 39.98
N MET C 66 39.96 26.07 38.71
CA MET C 66 41.01 25.13 38.29
C MET C 66 42.36 25.53 38.90
N GLN C 67 42.64 26.83 38.98
CA GLN C 67 43.87 27.27 39.64
C GLN C 67 43.85 26.94 41.12
N MET C 68 42.70 27.10 41.78
CA MET C 68 42.61 26.72 43.19
C MET C 68 42.81 25.23 43.37
N LEU C 69 42.27 24.42 42.44
CA LEU C 69 42.50 22.98 42.49
C LEU C 69 43.98 22.65 42.31
N LYS C 70 44.66 23.35 41.40
CA LYS C 70 46.08 23.10 41.20
C LYS C 70 46.89 23.48 42.44
N GLU C 71 46.53 24.60 43.10
CA GLU C 71 47.22 24.97 44.33
C GLU C 71 46.99 23.93 45.43
N THR C 72 45.76 23.42 45.55
CA THR C 72 45.50 22.37 46.52
C THR C 72 46.30 21.11 46.21
N ILE C 73 46.44 20.78 44.93
CA ILE C 73 47.23 19.62 44.54
C ILE C 73 48.69 19.82 44.93
N ASN C 74 49.22 21.03 44.73
CA ASN C 74 50.59 21.31 45.14
C ASN C 74 50.76 21.21 46.65
N GLU C 75 49.80 21.74 47.40
CA GLU C 75 49.85 21.62 48.86
C GLU C 75 49.89 20.16 49.28
N GLU C 76 48.99 19.35 48.73
CA GLU C 76 48.96 17.93 49.10
C GLU C 76 50.25 17.23 48.68
N ALA C 77 50.84 17.63 47.55
CA ALA C 77 52.09 17.02 47.13
C ALA C 77 53.22 17.37 48.09
N ALA C 78 53.26 18.61 48.57
CA ALA C 78 54.26 18.99 49.56
C ALA C 78 54.07 18.20 50.85
N GLU C 79 52.83 18.06 51.30
CA GLU C 79 52.57 17.27 52.50
C GLU C 79 53.00 15.82 52.30
N TRP C 80 52.72 15.24 51.13
CA TRP C 80 53.14 13.88 50.84
C TRP C 80 54.66 13.76 50.91
N ASP C 81 55.37 14.68 50.24
CA ASP C 81 56.82 14.65 50.29
C ASP C 81 57.33 14.74 51.72
N ARG C 82 56.67 15.55 52.56
CA ARG C 82 57.07 15.65 53.95
C ARG C 82 56.85 14.34 54.69
N LEU C 83 55.71 13.68 54.44
CA LEU C 83 55.40 12.43 55.12
C LEU C 83 56.13 11.23 54.53
N HIS C 84 56.55 11.30 53.27
CA HIS C 84 57.24 10.19 52.59
C HIS C 84 58.50 10.72 51.92
N PRO C 85 59.66 10.65 52.62
CA PRO C 85 60.91 11.12 52.02
C PRO C 85 61.56 10.10 51.10
N MET C 96 60.94 -0.32 41.61
CA MET C 96 61.33 0.95 41.01
C MET C 96 61.54 2.00 42.09
N ARG C 97 61.92 3.21 41.68
CA ARG C 97 62.18 4.28 42.62
C ARG C 97 60.89 4.70 43.32
N GLU C 98 61.05 5.40 44.45
CA GLU C 98 59.90 5.87 45.21
C GLU C 98 59.26 7.08 44.52
N PRO C 99 57.94 7.22 44.60
CA PRO C 99 57.28 8.34 43.91
C PRO C 99 57.24 9.60 44.77
N ARG C 100 57.77 10.70 44.23
CA ARG C 100 57.80 11.96 44.95
C ARG C 100 56.45 12.66 44.81
N GLY C 101 56.36 13.90 45.29
CA GLY C 101 55.11 14.63 45.20
C GLY C 101 54.75 14.98 43.77
N SER C 102 55.67 15.60 43.04
CA SER C 102 55.43 15.94 41.64
C SER C 102 55.29 14.72 40.76
N ASP C 103 55.67 13.53 41.25
CA ASP C 103 55.43 12.31 40.49
C ASP C 103 53.97 11.87 40.54
N ILE C 104 53.31 12.13 41.67
CA ILE C 104 51.89 11.78 41.79
C ILE C 104 51.05 12.71 40.91
N ALA C 105 51.38 13.99 40.89
CA ALA C 105 50.65 14.96 40.08
C ALA C 105 50.96 14.85 38.60
N GLY C 106 51.83 13.93 38.19
CA GLY C 106 52.09 13.72 36.78
C GLY C 106 52.88 14.82 36.10
N THR C 107 53.58 15.66 36.87
CA THR C 107 54.37 16.73 36.28
C THR C 107 55.81 16.32 36.01
N THR C 108 56.33 15.36 36.77
CA THR C 108 57.70 14.88 36.64
C THR C 108 57.73 13.35 36.66
N SER C 109 56.90 12.74 35.82
CA SER C 109 56.83 11.28 35.73
C SER C 109 56.28 10.90 34.37
N THR C 110 56.94 9.94 33.72
CA THR C 110 56.49 9.45 32.42
C THR C 110 55.33 8.47 32.60
N LEU C 111 54.59 8.26 31.51
CA LEU C 111 53.46 7.34 31.55
C LEU C 111 53.89 5.95 31.97
N GLN C 112 55.10 5.52 31.57
CA GLN C 112 55.56 4.18 31.91
C GLN C 112 55.76 4.04 33.42
N GLU C 113 56.32 5.06 34.07
CA GLU C 113 56.50 5.00 35.52
C GLU C 113 55.16 4.94 36.23
N GLN C 114 54.18 5.70 35.74
CA GLN C 114 52.84 5.65 36.34
C GLN C 114 52.22 4.27 36.17
N ILE C 115 52.34 3.70 34.97
CA ILE C 115 51.79 2.37 34.74
C ILE C 115 52.44 1.35 35.65
N GLY C 116 53.76 1.45 35.85
CA GLY C 116 54.43 0.54 36.75
C GLY C 116 53.98 0.70 38.19
N TRP C 117 53.89 1.95 38.65
CA TRP C 117 53.46 2.19 40.03
C TRP C 117 52.05 1.66 40.28
N MET C 118 51.13 1.89 39.35
CA MET C 118 49.74 1.47 39.56
C MET C 118 49.51 0.00 39.24
N THR C 119 50.36 -0.61 38.41
CA THR C 119 50.19 -2.01 38.03
C THR C 119 51.09 -2.89 38.89
N ILE C 124 51.48 0.53 44.31
CA ILE C 124 51.36 1.90 44.78
C ILE C 124 50.32 2.66 43.95
N PRO C 125 49.08 2.70 44.44
CA PRO C 125 48.00 3.33 43.64
C PRO C 125 48.12 4.84 43.57
N VAL C 126 48.90 5.34 42.62
CA VAL C 126 49.06 6.79 42.46
C VAL C 126 47.73 7.43 42.03
N GLY C 127 46.96 6.72 41.20
CA GLY C 127 45.70 7.28 40.75
C GLY C 127 44.75 7.61 41.88
N GLU C 128 44.60 6.69 42.84
CA GLU C 128 43.68 6.92 43.94
C GLU C 128 44.10 8.13 44.77
N ILE C 129 45.41 8.27 45.01
CA ILE C 129 45.90 9.40 45.81
C ILE C 129 45.67 10.71 45.08
N TYR C 130 46.02 10.75 43.79
CA TYR C 130 45.81 11.96 43.01
C TYR C 130 44.34 12.34 42.98
N LYS C 131 43.46 11.33 42.90
CA LYS C 131 42.03 11.60 42.87
C LYS C 131 41.54 12.09 44.23
N ARG C 132 42.11 11.58 45.31
CA ARG C 132 41.79 12.11 46.64
C ARG C 132 42.14 13.59 46.73
N TRP C 133 43.35 13.95 46.27
CA TRP C 133 43.74 15.36 46.28
C TRP C 133 42.78 16.21 45.45
N ILE C 134 42.45 15.73 44.25
CA ILE C 134 41.59 16.48 43.35
C ILE C 134 40.19 16.63 43.95
N ILE C 135 39.70 15.59 44.62
CA ILE C 135 38.37 15.64 45.19
C ILE C 135 38.33 16.60 46.38
N LEU C 136 39.42 16.64 47.17
CA LEU C 136 39.49 17.62 48.24
C LEU C 136 39.45 19.03 47.68
N GLY C 137 40.24 19.28 46.63
CA GLY C 137 40.19 20.59 45.98
C GLY C 137 38.82 20.91 45.45
N LEU C 138 38.13 19.92 44.88
CA LEU C 138 36.80 20.15 44.33
C LEU C 138 35.79 20.44 45.42
N ASN C 139 35.91 19.77 46.58
CA ASN C 139 35.06 20.10 47.72
C ASN C 139 35.28 21.53 48.17
N LYS C 140 36.55 21.96 48.26
CA LYS C 140 36.82 23.36 48.59
C LYS C 140 36.16 24.30 47.58
N ILE C 141 36.29 23.97 46.29
CA ILE C 141 35.72 24.81 45.23
C ILE C 141 34.21 24.89 45.38
N VAL C 142 33.56 23.75 45.63
CA VAL C 142 32.10 23.73 45.76
C VAL C 142 31.68 24.56 46.96
N ARG C 143 32.38 24.41 48.08
CA ARG C 143 32.06 25.23 49.25
C ARG C 143 32.21 26.71 48.92
N MET C 144 33.16 27.06 48.07
CA MET C 144 33.36 28.47 47.73
C MET C 144 32.32 28.97 46.73
N TYR C 145 31.76 28.09 45.90
CA TYR C 145 30.78 28.51 44.92
C TYR C 145 29.40 28.78 45.53
N SER C 146 29.17 28.33 46.76
CA SER C 146 27.92 28.61 47.49
C SER C 146 28.21 29.61 48.60
N PRO C 147 28.17 30.91 48.31
CA PRO C 147 28.54 31.89 49.35
C PRO C 147 27.48 32.07 50.42
N THR C 148 26.21 31.79 50.10
CA THR C 148 25.14 32.02 51.05
C THR C 148 25.22 31.02 52.20
N SER C 149 25.00 31.52 53.42
CA SER C 149 25.03 30.67 54.61
C SER C 149 23.63 30.14 54.92
N ILE C 150 23.59 29.08 55.73
CA ILE C 150 22.31 28.48 56.09
C ILE C 150 21.46 29.46 56.89
N LEU C 151 22.10 30.28 57.72
CA LEU C 151 21.38 31.20 58.59
C LEU C 151 20.87 32.44 57.88
N ASP C 152 21.28 32.69 56.63
CA ASP C 152 20.83 33.86 55.90
C ASP C 152 19.64 33.58 54.99
N ILE C 153 19.32 32.31 54.73
CA ILE C 153 18.21 31.97 53.86
C ILE C 153 16.90 32.06 54.63
N ARG C 154 15.95 32.83 54.10
CA ARG C 154 14.63 32.99 54.69
C ARG C 154 13.60 33.08 53.58
N GLN C 155 12.40 32.57 53.85
CA GLN C 155 11.35 32.57 52.83
C GLN C 155 10.93 33.99 52.50
N GLY C 156 10.74 34.24 51.20
CA GLY C 156 10.30 35.54 50.73
C GLY C 156 8.82 35.76 50.96
N PRO C 157 8.35 36.94 50.56
CA PRO C 157 6.93 37.27 50.72
C PRO C 157 6.02 36.41 49.85
N LYS C 158 6.24 36.47 48.54
CA LYS C 158 5.44 35.69 47.60
C LYS C 158 6.27 34.58 46.97
N GLU C 159 7.00 33.82 47.79
CA GLU C 159 7.85 32.74 47.32
C GLU C 159 7.27 31.39 47.71
N PRO C 160 7.04 30.47 46.77
CA PRO C 160 6.52 29.15 47.15
C PRO C 160 7.43 28.45 48.15
N PHE C 161 6.81 27.68 49.05
CA PHE C 161 7.57 26.98 50.08
C PHE C 161 8.49 25.92 49.48
N ARG C 162 8.08 25.28 48.39
CA ARG C 162 8.91 24.24 47.77
C ARG C 162 10.24 24.81 47.32
N ASP C 163 10.22 25.98 46.67
CA ASP C 163 11.46 26.58 46.18
C ASP C 163 12.36 26.97 47.35
N TYR C 164 11.77 27.49 48.43
CA TYR C 164 12.56 27.84 49.60
C TYR C 164 13.22 26.61 50.21
N VAL C 165 12.48 25.51 50.31
CA VAL C 165 13.06 24.29 50.86
C VAL C 165 14.17 23.77 49.96
N ASP C 166 13.97 23.83 48.64
CA ASP C 166 15.00 23.37 47.72
C ASP C 166 16.27 24.19 47.87
N ARG C 167 16.14 25.51 47.90
CA ARG C 167 17.32 26.37 48.07
C ARG C 167 18.00 26.09 49.41
N PHE C 168 17.21 25.95 50.48
CA PHE C 168 17.78 25.67 51.79
C PHE C 168 18.62 24.40 51.76
N TYR C 169 18.06 23.31 51.23
CA TYR C 169 18.78 22.05 51.25
C TYR C 169 19.96 22.05 50.28
N LYS C 170 19.86 22.80 49.18
CA LYS C 170 21.01 22.95 48.29
C LYS C 170 22.16 23.62 49.01
N THR C 171 21.88 24.72 49.72
CA THR C 171 22.93 25.39 50.48
C THR C 171 23.48 24.48 51.57
N LEU C 172 22.61 23.71 52.22
CA LEU C 172 23.08 22.80 53.28
C LEU C 172 24.01 21.74 52.71
N ARG C 173 23.67 21.19 51.55
CA ARG C 173 24.54 20.20 50.91
C ARG C 173 25.84 20.84 50.42
N ALA C 174 25.80 22.11 50.01
CA ALA C 174 27.02 22.77 49.57
C ALA C 174 27.97 23.01 50.74
N GLU C 175 27.43 23.40 51.90
CA GLU C 175 28.30 23.66 53.04
C GLU C 175 29.02 22.41 53.50
N GLN C 176 28.36 21.26 53.41
CA GLN C 176 28.90 19.97 53.88
C GLN C 176 29.69 20.13 55.19
N VAL C 181 24.67 17.83 63.36
CA VAL C 181 24.48 19.26 63.53
C VAL C 181 23.56 19.80 62.44
N LYS C 182 23.95 19.58 61.17
CA LYS C 182 23.14 20.02 60.05
C LYS C 182 21.70 19.55 60.19
N ASN C 183 21.50 18.28 60.58
CA ASN C 183 20.15 17.75 60.68
C ASN C 183 19.40 18.40 61.85
N ALA C 184 20.06 18.53 63.00
CA ALA C 184 19.46 19.22 64.13
C ALA C 184 19.09 20.64 63.75
N ALA C 185 20.02 21.33 63.07
CA ALA C 185 19.79 22.72 62.67
C ALA C 185 18.60 22.83 61.72
N THR C 186 18.41 21.83 60.86
CA THR C 186 17.32 21.87 59.88
C THR C 186 15.98 22.17 60.54
N GLU C 187 15.75 21.61 61.73
CA GLU C 187 14.44 21.74 62.36
C GLU C 187 14.22 23.16 62.87
N THR C 188 15.28 23.78 63.43
CA THR C 188 15.16 25.16 63.88
C THR C 188 15.03 26.09 62.69
N LEU C 189 15.85 25.88 61.66
CA LEU C 189 15.83 26.75 60.49
C LEU C 189 14.50 26.67 59.77
N LEU C 190 13.83 25.51 59.82
CA LEU C 190 12.51 25.40 59.20
C LEU C 190 11.55 26.42 59.80
N VAL C 191 11.56 26.57 61.13
CA VAL C 191 10.73 27.57 61.77
C VAL C 191 11.29 28.97 61.49
N GLN C 192 12.61 29.09 61.37
CA GLN C 192 13.21 30.41 61.19
C GLN C 192 12.90 30.96 59.79
N ASN C 193 13.08 30.14 58.76
CA ASN C 193 12.90 30.56 57.37
C ASN C 193 11.46 30.43 56.90
N ALA C 194 10.49 30.67 57.77
CA ALA C 194 9.07 30.57 57.45
C ALA C 194 8.46 31.96 57.44
N ASN C 195 7.93 32.37 56.29
CA ASN C 195 7.21 33.64 56.16
C ASN C 195 6.12 33.70 57.23
N PRO C 196 5.65 34.90 57.61
CA PRO C 196 4.68 34.98 58.73
C PRO C 196 3.52 34.01 58.58
N ASP C 197 2.90 33.94 57.40
CA ASP C 197 1.80 33.01 57.18
C ASP C 197 2.29 31.57 57.36
N CYS C 198 3.31 31.19 56.61
CA CYS C 198 3.86 29.84 56.74
C CYS C 198 4.48 29.63 58.11
N LYS C 199 4.98 30.69 58.73
CA LYS C 199 5.49 30.57 60.10
C LYS C 199 4.39 30.15 61.06
N THR C 200 3.23 30.80 60.97
CA THR C 200 2.10 30.42 61.81
C THR C 200 1.64 29.00 61.49
N ILE C 201 1.55 28.66 60.21
CA ILE C 201 1.11 27.33 59.81
C ILE C 201 2.04 26.27 60.40
N LEU C 202 3.35 26.50 60.32
CA LEU C 202 4.32 25.53 60.83
C LEU C 202 4.28 25.45 62.35
N LYS C 203 4.20 26.60 63.02
CA LYS C 203 4.12 26.59 64.48
C LYS C 203 2.88 25.86 64.96
N ALA C 204 1.78 25.95 64.22
CA ALA C 204 0.57 25.22 64.59
C ALA C 204 0.67 23.75 64.22
N LEU C 205 1.46 23.40 63.19
CA LEU C 205 1.58 22.00 62.79
C LEU C 205 2.06 21.11 63.94
N GLY C 206 2.92 21.64 64.81
CA GLY C 206 3.39 20.88 65.95
C GLY C 206 4.78 20.32 65.71
N PRO C 207 5.54 20.10 66.79
CA PRO C 207 6.89 19.55 66.62
C PRO C 207 6.86 18.14 66.05
N GLY C 208 8.03 17.69 65.61
CA GLY C 208 8.17 16.33 65.10
C GLY C 208 7.38 16.06 63.84
N ALA C 209 7.14 17.09 63.03
CA ALA C 209 6.40 16.93 61.78
C ALA C 209 7.36 16.60 60.65
N THR C 210 7.07 15.53 59.91
CA THR C 210 7.95 15.09 58.85
C THR C 210 7.93 16.08 57.68
N LEU C 211 8.97 15.99 56.85
CA LEU C 211 9.07 16.90 55.71
C LEU C 211 7.95 16.67 54.71
N GLU C 212 7.57 15.41 54.49
CA GLU C 212 6.48 15.13 53.57
C GLU C 212 5.18 15.74 54.09
N GLU C 213 4.86 15.47 55.36
CA GLU C 213 3.65 16.04 55.96
C GLU C 213 3.72 17.56 56.00
N MET C 214 4.89 18.10 56.37
CA MET C 214 5.02 19.55 56.45
C MET C 214 4.76 20.20 55.10
N MET C 215 5.39 19.67 54.04
CA MET C 215 5.19 20.25 52.71
C MET C 215 3.76 20.06 52.24
N THR C 216 3.13 18.92 52.55
CA THR C 216 1.75 18.71 52.15
C THR C 216 0.84 19.72 52.85
N ALA C 217 1.15 20.06 54.10
CA ALA C 217 0.36 21.05 54.82
C ALA C 217 0.59 22.45 54.27
N CYS C 218 1.84 22.78 53.93
CA CYS C 218 2.17 24.12 53.45
C CYS C 218 1.85 24.32 51.97
N GLN C 219 1.67 23.25 51.22
CA GLN C 219 1.39 23.35 49.78
C GLN C 219 0.16 24.20 49.51
N PRO D 1 27.14 -2.51 39.56
CA PRO D 1 26.44 -3.64 38.93
C PRO D 1 27.24 -4.93 38.94
N ILE D 2 26.56 -6.07 39.05
CA ILE D 2 27.22 -7.36 39.08
C ILE D 2 26.59 -8.27 38.03
N VAL D 11 30.61 -10.73 37.63
CA VAL D 11 31.67 -9.75 37.84
C VAL D 11 31.14 -8.58 38.65
N HIS D 12 31.85 -7.44 38.58
CA HIS D 12 31.44 -6.22 39.28
C HIS D 12 32.04 -5.03 38.53
N GLN D 13 31.43 -4.68 37.41
CA GLN D 13 31.82 -3.51 36.64
C GLN D 13 31.35 -2.23 37.34
N ALA D 14 32.19 -1.20 37.28
CA ALA D 14 31.82 0.10 37.82
C ALA D 14 30.72 0.73 36.98
N ILE D 15 29.85 1.51 37.63
CA ILE D 15 28.74 2.14 36.93
C ILE D 15 29.28 2.92 35.74
N SER D 16 28.69 2.68 34.56
CA SER D 16 29.20 3.26 33.33
C SER D 16 28.90 4.77 33.28
N PRO D 17 29.71 5.54 32.55
CA PRO D 17 29.43 6.97 32.40
C PRO D 17 28.06 7.24 31.78
N ARG D 18 27.83 6.68 30.60
CA ARG D 18 26.59 6.94 29.86
C ARG D 18 25.37 6.84 30.75
N THR D 19 25.34 5.83 31.63
CA THR D 19 24.19 5.66 32.52
C THR D 19 23.99 6.88 33.40
N LEU D 20 25.06 7.32 34.08
CA LEU D 20 24.97 8.48 34.96
C LEU D 20 24.59 9.73 34.19
N CYS D 21 25.21 9.94 33.03
CA CYS D 21 24.94 11.15 32.26
C CYS D 21 23.48 11.19 31.82
N CYS D 22 22.96 10.06 31.34
CA CYS D 22 21.57 9.99 30.92
C CYS D 22 20.62 10.16 32.11
N TRP D 23 20.97 9.58 33.26
CA TRP D 23 20.13 9.73 34.44
C TRP D 23 20.06 11.20 34.86
N VAL D 24 21.20 11.89 34.85
CA VAL D 24 21.22 13.31 35.20
C VAL D 24 20.37 14.11 34.22
N LYS D 25 20.55 13.84 32.92
CA LYS D 25 19.78 14.58 31.91
C LYS D 25 18.29 14.32 32.06
N VAL D 26 17.91 13.09 32.41
CA VAL D 26 16.51 12.76 32.59
C VAL D 26 15.93 13.51 33.78
N VAL D 27 16.61 13.44 34.93
CA VAL D 27 16.08 14.10 36.12
C VAL D 27 16.03 15.60 35.92
N GLU D 28 16.93 16.16 35.12
CA GLU D 28 16.89 17.60 34.89
C GLU D 28 15.75 17.97 33.95
N GLU D 29 15.64 17.28 32.82
CA GLU D 29 14.65 17.66 31.81
C GLU D 29 13.23 17.35 32.27
N LYS D 30 12.94 16.08 32.56
CA LYS D 30 11.58 15.63 32.86
C LYS D 30 11.10 16.06 34.24
N ALA D 31 11.92 16.72 35.05
CA ALA D 31 11.56 17.06 36.43
C ALA D 31 11.17 15.74 37.11
N PHE D 32 10.06 15.69 37.84
CA PHE D 32 9.62 14.45 38.50
C PHE D 32 8.23 14.08 37.97
N SER D 33 8.21 13.27 36.92
CA SER D 33 7.01 12.72 36.32
C SER D 33 7.06 11.20 36.38
N PRO D 34 5.93 10.53 36.20
CA PRO D 34 5.94 9.06 36.35
C PRO D 34 7.02 8.37 35.53
N GLU D 35 7.36 8.90 34.35
CA GLU D 35 8.37 8.24 33.52
C GLU D 35 9.75 8.21 34.17
N VAL D 36 9.95 8.90 35.28
CA VAL D 36 11.24 8.84 35.95
C VAL D 36 11.43 7.53 36.69
N ILE D 37 10.33 6.90 37.12
CA ILE D 37 10.42 5.67 37.91
C ILE D 37 10.82 4.51 37.00
N PRO D 38 10.15 4.30 35.86
CA PRO D 38 10.62 3.23 34.95
C PRO D 38 12.01 3.48 34.42
N MET D 39 12.32 4.72 34.03
CA MET D 39 13.67 5.05 33.59
C MET D 39 14.70 4.68 34.66
N PHE D 40 14.46 5.12 35.90
CA PHE D 40 15.36 4.77 36.99
C PHE D 40 15.50 3.26 37.12
N SER D 41 14.38 2.55 37.20
CA SER D 41 14.43 1.10 37.36
C SER D 41 15.20 0.44 36.22
N ALA D 42 15.18 1.04 35.03
CA ALA D 42 15.88 0.46 33.89
C ALA D 42 17.36 0.79 33.90
N LEU D 43 17.74 1.96 34.42
CA LEU D 43 19.15 2.34 34.47
C LEU D 43 19.89 1.71 35.62
N SER D 44 19.17 1.23 36.64
CA SER D 44 19.81 0.65 37.82
C SER D 44 19.49 -0.84 37.90
N GLU D 45 19.89 -1.60 36.88
CA GLU D 45 19.68 -3.05 36.85
C GLU D 45 20.88 -3.72 37.50
N GLY D 46 20.62 -4.52 38.54
CA GLY D 46 21.68 -5.18 39.27
C GLY D 46 22.62 -4.26 40.00
N ALA D 47 22.28 -2.99 40.14
CA ALA D 47 23.16 -2.01 40.76
C ALA D 47 23.26 -2.27 42.26
N THR D 48 24.46 -2.11 42.80
CA THR D 48 24.70 -2.25 44.21
C THR D 48 24.30 -0.97 44.95
N PRO D 49 24.14 -1.02 46.26
CA PRO D 49 23.76 0.19 47.00
C PRO D 49 24.67 1.38 46.74
N GLN D 50 25.98 1.15 46.63
CA GLN D 50 26.90 2.25 46.34
C GLN D 50 26.56 2.88 45.00
N ASP D 51 26.22 2.06 44.00
CA ASP D 51 25.87 2.61 42.69
C ASP D 51 24.55 3.38 42.75
N LEU D 52 23.57 2.89 43.49
CA LEU D 52 22.33 3.61 43.64
C LEU D 52 22.55 4.96 44.32
N ASN D 53 23.42 4.99 45.32
CA ASN D 53 23.73 6.25 45.97
C ASN D 53 24.47 7.20 45.03
N THR D 54 25.38 6.66 44.20
CA THR D 54 26.05 7.50 43.22
C THR D 54 25.04 8.09 42.24
N MET D 55 24.04 7.30 41.84
CA MET D 55 22.99 7.81 40.96
C MET D 55 22.18 8.89 41.65
N LEU D 56 21.79 8.67 42.90
CA LEU D 56 20.96 9.64 43.60
C LEU D 56 21.72 10.92 43.91
N ASN D 57 23.03 10.84 44.11
CA ASN D 57 23.82 12.04 44.39
C ASN D 57 23.91 12.95 43.16
N THR D 58 24.07 12.36 41.97
CA THR D 58 24.22 13.15 40.76
C THR D 58 22.95 13.92 40.39
N VAL D 59 21.83 13.66 41.07
CA VAL D 59 20.59 14.37 40.78
C VAL D 59 20.76 15.83 41.20
N GLY D 60 20.72 16.72 40.22
CA GLY D 60 20.83 18.15 40.50
C GLY D 60 19.49 18.75 40.86
N GLY D 61 19.51 19.69 41.79
CA GLY D 61 18.28 20.33 42.20
C GLY D 61 17.32 19.34 42.84
N HIS D 62 16.10 19.83 43.03
CA HIS D 62 15.02 19.02 43.63
C HIS D 62 15.46 18.45 44.97
N GLN D 63 16.26 19.22 45.72
CA GLN D 63 16.84 18.68 46.95
C GLN D 63 15.77 18.37 47.99
N ALA D 64 14.63 19.06 47.93
CA ALA D 64 13.53 18.72 48.84
C ALA D 64 13.05 17.30 48.57
N ALA D 65 12.86 16.95 47.30
CA ALA D 65 12.44 15.60 46.94
C ALA D 65 13.49 14.57 47.35
N MET D 66 14.77 14.93 47.23
CA MET D 66 15.82 13.99 47.64
C MET D 66 15.83 13.79 49.15
N GLN D 67 15.58 14.85 49.91
CA GLN D 67 15.48 14.69 51.35
C GLN D 67 14.28 13.83 51.73
N MET D 68 13.14 14.03 51.06
CA MET D 68 11.99 13.20 51.33
C MET D 68 12.26 11.73 50.98
N LEU D 69 12.98 11.50 49.87
CA LEU D 69 13.36 10.14 49.50
C LEU D 69 14.26 9.53 50.57
N LYS D 70 15.19 10.32 51.10
CA LYS D 70 16.06 9.83 52.17
C LYS D 70 15.26 9.50 53.42
N GLU D 71 14.26 10.31 53.72
CA GLU D 71 13.40 10.03 54.87
C GLU D 71 12.63 8.73 54.67
N THR D 72 12.11 8.50 53.46
CA THR D 72 11.42 7.24 53.17
C THR D 72 12.38 6.06 53.30
N ILE D 73 13.62 6.23 52.86
CA ILE D 73 14.60 5.15 52.97
C ILE D 73 14.88 4.84 54.45
N ASN D 74 14.98 5.88 55.27
CA ASN D 74 15.19 5.67 56.70
C ASN D 74 13.98 4.96 57.34
N GLU D 75 12.76 5.35 56.95
CA GLU D 75 11.58 4.66 57.46
C GLU D 75 11.61 3.18 57.11
N GLU D 76 11.88 2.86 55.85
CA GLU D 76 11.91 1.45 55.44
C GLU D 76 13.03 0.71 56.15
N ALA D 77 14.17 1.38 56.37
CA ALA D 77 15.27 0.73 57.08
C ALA D 77 14.89 0.45 58.54
N ALA D 78 14.19 1.38 59.18
CA ALA D 78 13.72 1.14 60.54
C ALA D 78 12.75 -0.02 60.59
N GLU D 79 11.81 -0.08 59.64
CA GLU D 79 10.88 -1.20 59.59
C GLU D 79 11.61 -2.52 59.41
N TRP D 80 12.60 -2.54 58.50
CA TRP D 80 13.40 -3.75 58.30
C TRP D 80 14.11 -4.16 59.58
N ASP D 81 14.77 -3.21 60.24
CA ASP D 81 15.46 -3.51 61.50
C ASP D 81 14.51 -4.07 62.54
N ARG D 82 13.30 -3.52 62.62
CA ARG D 82 12.34 -4.03 63.59
C ARG D 82 11.92 -5.45 63.26
N LEU D 83 11.70 -5.74 61.97
CA LEU D 83 11.29 -7.09 61.59
C LEU D 83 12.45 -8.07 61.61
N HIS D 84 13.68 -7.59 61.51
CA HIS D 84 14.86 -8.45 61.51
C HIS D 84 15.88 -7.96 62.53
N MET D 96 28.49 -14.59 56.04
CA MET D 96 28.71 -13.25 56.58
C MET D 96 27.57 -12.85 57.51
N ARG D 97 27.72 -11.68 58.15
CA ARG D 97 26.72 -11.20 59.09
C ARG D 97 25.41 -10.88 58.36
N GLU D 98 24.32 -10.80 59.13
CA GLU D 98 23.04 -10.43 58.54
C GLU D 98 23.02 -8.92 58.31
N PRO D 99 22.36 -8.45 57.22
CA PRO D 99 22.37 -7.00 56.97
C PRO D 99 21.27 -6.24 57.70
N ARG D 100 21.65 -5.20 58.44
CA ARG D 100 20.68 -4.40 59.17
C ARG D 100 20.02 -3.40 58.23
N GLY D 101 19.21 -2.50 58.78
CA GLY D 101 18.51 -1.54 57.94
C GLY D 101 19.44 -0.54 57.28
N SER D 102 20.26 0.15 58.08
CA SER D 102 21.23 1.08 57.51
C SER D 102 22.31 0.37 56.70
N ASP D 103 22.41 -0.95 56.81
CA ASP D 103 23.33 -1.72 55.97
C ASP D 103 22.82 -1.85 54.55
N ILE D 104 21.49 -1.92 54.38
CA ILE D 104 20.91 -2.01 53.04
C ILE D 104 21.07 -0.68 52.31
N ALA D 105 20.92 0.44 53.02
CA ALA D 105 21.03 1.76 52.42
C ALA D 105 22.46 2.15 52.08
N GLY D 106 23.44 1.27 52.30
CA GLY D 106 24.80 1.57 51.92
C GLY D 106 25.52 2.59 52.77
N THR D 107 25.04 2.85 53.98
CA THR D 107 25.70 3.79 54.87
C THR D 107 26.74 3.14 55.78
N THR D 108 26.56 1.87 56.11
CA THR D 108 27.45 1.15 57.01
C THR D 108 27.79 -0.23 56.43
N SER D 109 28.23 -0.24 55.17
CA SER D 109 28.63 -1.48 54.52
C SER D 109 29.58 -1.15 53.38
N THR D 110 30.68 -1.89 53.30
CA THR D 110 31.65 -1.65 52.24
C THR D 110 31.17 -2.30 50.95
N LEU D 111 31.74 -1.83 49.83
CA LEU D 111 31.39 -2.40 48.53
C LEU D 111 31.64 -3.90 48.50
N GLN D 112 32.70 -4.36 49.18
CA GLN D 112 33.00 -5.78 49.21
C GLN D 112 31.93 -6.55 49.97
N GLU D 113 31.46 -6.00 51.08
CA GLU D 113 30.39 -6.66 51.84
C GLU D 113 29.12 -6.74 51.02
N GLN D 114 28.79 -5.68 50.28
CA GLN D 114 27.61 -5.70 49.42
C GLN D 114 27.77 -6.74 48.32
N ILE D 115 28.95 -6.80 47.70
CA ILE D 115 29.20 -7.77 46.64
C ILE D 115 29.06 -9.19 47.18
N GLY D 116 29.57 -9.43 48.40
CA GLY D 116 29.42 -10.75 48.99
C GLY D 116 27.98 -11.11 49.28
N TRP D 117 27.23 -10.16 49.85
CA TRP D 117 25.82 -10.40 50.16
C TRP D 117 25.04 -10.72 48.89
N MET D 118 25.29 -9.97 47.81
CA MET D 118 24.51 -10.12 46.60
C MET D 118 24.98 -11.31 45.75
N THR D 119 26.23 -11.73 45.88
CA THR D 119 26.76 -12.83 45.08
C THR D 119 26.72 -14.17 45.81
N HIS D 120 26.63 -14.18 47.14
CA HIS D 120 26.63 -15.42 47.90
C HIS D 120 25.46 -16.31 47.45
N ASN D 121 25.62 -17.60 47.69
CA ASN D 121 24.61 -18.59 47.31
C ASN D 121 24.17 -19.35 48.55
N PRO D 122 22.93 -19.16 49.04
CA PRO D 122 21.87 -18.28 48.52
C PRO D 122 22.21 -16.79 48.65
N PRO D 123 21.74 -15.94 47.74
CA PRO D 123 22.04 -14.52 47.84
C PRO D 123 20.98 -13.73 48.58
N ILE D 124 21.42 -12.60 49.15
CA ILE D 124 20.52 -11.62 49.73
C ILE D 124 20.61 -10.35 48.88
N PRO D 125 19.74 -10.15 47.89
CA PRO D 125 19.90 -9.01 46.98
C PRO D 125 19.61 -7.69 47.66
N VAL D 126 20.64 -7.12 48.30
CA VAL D 126 20.50 -5.83 48.97
C VAL D 126 20.22 -4.73 47.95
N GLY D 127 20.82 -4.84 46.76
CA GLY D 127 20.56 -3.85 45.73
C GLY D 127 19.08 -3.76 45.38
N GLU D 128 18.45 -4.92 45.17
CA GLU D 128 17.04 -4.92 44.82
C GLU D 128 16.18 -4.33 45.92
N ILE D 129 16.52 -4.63 47.18
CA ILE D 129 15.74 -4.11 48.30
C ILE D 129 15.86 -2.60 48.36
N TYR D 130 17.10 -2.09 48.28
CA TYR D 130 17.29 -0.65 48.29
C TYR D 130 16.58 0.01 47.12
N LYS D 131 16.55 -0.66 45.96
CA LYS D 131 15.89 -0.07 44.81
C LYS D 131 14.37 -0.06 45.00
N ARG D 132 13.82 -1.09 45.64
CA ARG D 132 12.40 -1.06 45.98
C ARG D 132 12.08 0.12 46.88
N TRP D 133 12.89 0.32 47.92
CA TRP D 133 12.67 1.46 48.82
C TRP D 133 12.74 2.77 48.04
N ILE D 134 13.75 2.91 47.18
CA ILE D 134 13.94 4.15 46.44
C ILE D 134 12.76 4.38 45.50
N ILE D 135 12.26 3.31 44.88
CA ILE D 135 11.16 3.45 43.94
C ILE D 135 9.87 3.81 44.68
N LEU D 136 9.68 3.29 45.88
CA LEU D 136 8.55 3.71 46.70
C LEU D 136 8.64 5.20 47.02
N GLY D 137 9.83 5.64 47.44
CA GLY D 137 10.02 7.06 47.67
C GLY D 137 9.75 7.89 46.44
N LEU D 138 10.17 7.40 45.27
CA LEU D 138 9.97 8.13 44.03
C LEU D 138 8.49 8.19 43.66
N ASN D 139 7.75 7.11 43.91
CA ASN D 139 6.31 7.15 43.71
C ASN D 139 5.67 8.20 44.60
N LYS D 140 6.08 8.26 45.86
CA LYS D 140 5.58 9.30 46.77
C LYS D 140 5.89 10.68 46.20
N ILE D 141 7.12 10.88 45.75
CA ILE D 141 7.53 12.18 45.22
C ILE D 141 6.70 12.54 43.99
N VAL D 142 6.48 11.58 43.09
CA VAL D 142 5.72 11.86 41.88
C VAL D 142 4.28 12.22 42.23
N ARG D 143 3.66 11.44 43.13
CA ARG D 143 2.31 11.75 43.54
C ARG D 143 2.23 13.14 44.19
N MET D 144 3.30 13.54 44.89
CA MET D 144 3.29 14.83 45.56
C MET D 144 3.57 15.98 44.61
N TYR D 145 4.30 15.74 43.52
CA TYR D 145 4.60 16.80 42.56
C TYR D 145 3.42 17.12 41.66
N SER D 146 2.41 16.25 41.61
CA SER D 146 1.17 16.51 40.87
C SER D 146 0.08 16.78 41.89
N PRO D 147 -0.09 18.03 42.34
CA PRO D 147 -1.08 18.28 43.41
C PRO D 147 -2.51 18.22 42.94
N THR D 148 -2.79 18.43 41.66
CA THR D 148 -4.17 18.46 41.19
C THR D 148 -4.78 17.06 41.22
N SER D 149 -6.02 16.99 41.68
CA SER D 149 -6.76 15.73 41.76
C SER D 149 -7.54 15.49 40.47
N ILE D 150 -7.94 14.23 40.28
CA ILE D 150 -8.69 13.87 39.08
C ILE D 150 -10.01 14.62 39.03
N LEU D 151 -10.63 14.83 40.19
CA LEU D 151 -11.93 15.49 40.25
C LEU D 151 -11.84 17.00 40.13
N ASP D 152 -10.65 17.58 40.22
CA ASP D 152 -10.49 19.03 40.10
C ASP D 152 -10.12 19.49 38.69
N ILE D 153 -9.68 18.58 37.82
CA ILE D 153 -9.30 18.94 36.47
C ILE D 153 -10.55 19.03 35.60
N ARG D 154 -10.73 20.17 34.93
CA ARG D 154 -11.85 20.40 34.05
C ARG D 154 -11.41 21.21 32.84
N GLN D 155 -12.05 20.95 31.70
CA GLN D 155 -11.70 21.65 30.47
C GLN D 155 -12.01 23.13 30.58
N GLY D 156 -11.11 23.96 30.06
CA GLY D 156 -11.29 25.39 30.07
C GLY D 156 -12.31 25.85 29.06
N PRO D 157 -12.55 27.17 29.06
CA PRO D 157 -13.54 27.74 28.12
C PRO D 157 -13.11 27.66 26.67
N LYS D 158 -11.98 28.28 26.35
CA LYS D 158 -11.46 28.26 24.98
C LYS D 158 -10.20 27.42 24.93
N GLU D 159 -10.27 26.21 25.49
CA GLU D 159 -9.16 25.29 25.55
C GLU D 159 -9.40 24.11 24.60
N PRO D 160 -8.48 23.82 23.68
CA PRO D 160 -8.68 22.65 22.81
C PRO D 160 -8.84 21.38 23.64
N PHE D 161 -9.65 20.46 23.10
CA PHE D 161 -9.93 19.21 23.82
C PHE D 161 -8.66 18.38 24.01
N ARG D 162 -7.72 18.47 23.07
CA ARG D 162 -6.49 17.69 23.16
C ARG D 162 -5.71 18.04 24.43
N ASP D 163 -5.58 19.33 24.72
CA ASP D 163 -4.84 19.74 25.92
C ASP D 163 -5.55 19.27 27.19
N TYR D 164 -6.88 19.34 27.21
CA TYR D 164 -7.62 18.85 28.36
C TYR D 164 -7.42 17.37 28.57
N VAL D 165 -7.46 16.58 27.49
CA VAL D 165 -7.24 15.14 27.62
C VAL D 165 -5.82 14.86 28.11
N ASP D 166 -4.84 15.61 27.58
CA ASP D 166 -3.46 15.42 28.01
C ASP D 166 -3.32 15.68 29.51
N ARG D 167 -3.85 16.81 29.99
CA ARG D 167 -3.76 17.12 31.41
C ARG D 167 -4.49 16.07 32.24
N PHE D 168 -5.67 15.64 31.80
CA PHE D 168 -6.41 14.64 32.54
C PHE D 168 -5.60 13.36 32.71
N TYR D 169 -5.05 12.85 31.60
CA TYR D 169 -4.34 11.58 31.69
C TYR D 169 -3.00 11.72 32.43
N LYS D 170 -2.35 12.88 32.34
CA LYS D 170 -1.14 13.10 33.12
C LYS D 170 -1.44 13.07 34.61
N THR D 171 -2.49 13.78 35.03
CA THR D 171 -2.86 13.77 36.44
C THR D 171 -3.28 12.37 36.89
N LEU D 172 -3.98 11.64 36.02
CA LEU D 172 -4.40 10.29 36.39
C LEU D 172 -3.21 9.37 36.58
N ARG D 173 -2.21 9.45 35.69
CA ARG D 173 -1.02 8.63 35.86
C ARG D 173 -0.22 9.06 37.08
N ALA D 174 -0.25 10.35 37.43
CA ALA D 174 0.45 10.81 38.62
C ALA D 174 -0.23 10.28 39.88
N GLU D 175 -1.55 10.25 39.91
CA GLU D 175 -2.26 9.77 41.10
C GLU D 175 -1.94 8.32 41.38
N GLN D 176 -1.86 7.49 40.35
CA GLN D 176 -1.51 6.08 40.52
C GLN D 176 -2.60 5.33 41.27
N ALA D 177 -3.82 5.31 40.71
CA ALA D 177 -4.91 4.52 41.26
C ALA D 177 -4.98 3.16 40.55
N SER D 178 -5.61 2.20 41.22
CA SER D 178 -5.74 0.86 40.64
C SER D 178 -6.38 0.92 39.26
N GLN D 179 -5.92 0.06 38.35
CA GLN D 179 -6.42 0.07 36.98
C GLN D 179 -7.93 -0.14 36.94
N GLU D 180 -8.46 -0.96 37.85
CA GLU D 180 -9.91 -1.16 37.92
C GLU D 180 -10.62 0.19 38.13
N VAL D 181 -10.16 0.97 39.11
CA VAL D 181 -10.69 2.32 39.29
C VAL D 181 -10.26 3.22 38.15
N LYS D 182 -9.12 2.90 37.50
CA LYS D 182 -8.68 3.67 36.36
C LYS D 182 -9.75 3.70 35.27
N ASN D 183 -10.40 2.56 35.02
CA ASN D 183 -11.39 2.52 33.94
C ASN D 183 -12.62 3.35 34.29
N ALA D 184 -13.13 3.18 35.52
CA ALA D 184 -14.29 3.95 35.96
C ALA D 184 -14.01 5.44 35.88
N ALA D 185 -12.85 5.87 36.39
CA ALA D 185 -12.52 7.29 36.37
C ALA D 185 -12.38 7.78 34.94
N THR D 186 -11.65 7.04 34.11
CA THR D 186 -11.43 7.47 32.73
C THR D 186 -12.77 7.68 32.02
N GLU D 187 -13.75 6.81 32.27
CA GLU D 187 -15.00 6.93 31.55
C GLU D 187 -15.89 8.02 32.13
N THR D 188 -16.01 8.10 33.46
CA THR D 188 -16.92 9.08 34.06
C THR D 188 -16.36 10.50 34.06
N LEU D 189 -15.17 10.69 34.62
CA LEU D 189 -14.65 12.04 34.82
C LEU D 189 -14.33 12.75 33.52
N LEU D 190 -13.84 12.01 32.51
CA LEU D 190 -13.53 12.63 31.24
C LEU D 190 -14.76 13.28 30.61
N VAL D 191 -15.88 12.56 30.63
CA VAL D 191 -17.12 13.10 30.07
C VAL D 191 -17.73 14.16 30.99
N GLN D 192 -17.55 14.02 32.31
CA GLN D 192 -18.24 14.92 33.23
C GLN D 192 -17.68 16.34 33.17
N ASN D 193 -16.36 16.48 33.23
CA ASN D 193 -15.73 17.79 33.35
C ASN D 193 -15.47 18.46 32.01
N ALA D 194 -16.07 17.99 30.92
CA ALA D 194 -15.86 18.59 29.62
C ALA D 194 -16.61 19.91 29.50
N ASN D 195 -16.05 20.84 28.73
CA ASN D 195 -16.69 22.13 28.52
C ASN D 195 -18.02 21.93 27.80
N PRO D 196 -18.94 22.90 27.92
CA PRO D 196 -20.29 22.71 27.37
C PRO D 196 -20.34 22.23 25.92
N ASP D 197 -19.58 22.86 25.02
CA ASP D 197 -19.63 22.48 23.62
C ASP D 197 -19.15 21.04 23.42
N CYS D 198 -17.93 20.75 23.83
CA CYS D 198 -17.41 19.39 23.70
C CYS D 198 -18.19 18.41 24.58
N LYS D 199 -18.74 18.89 25.71
CA LYS D 199 -19.57 18.02 26.53
C LYS D 199 -20.80 17.54 25.76
N THR D 200 -21.49 18.47 25.09
CA THR D 200 -22.65 18.09 24.28
C THR D 200 -22.24 17.19 23.13
N ILE D 201 -21.15 17.54 22.44
CA ILE D 201 -20.71 16.72 21.30
C ILE D 201 -20.44 15.29 21.76
N LEU D 202 -19.74 15.14 22.88
CA LEU D 202 -19.39 13.81 23.37
C LEU D 202 -20.62 13.06 23.86
N LYS D 203 -21.52 13.72 24.59
CA LYS D 203 -22.73 13.05 25.04
C LYS D 203 -23.57 12.58 23.85
N ALA D 204 -23.55 13.32 22.76
CA ALA D 204 -24.26 12.88 21.56
C ALA D 204 -23.48 11.78 20.82
N LEU D 205 -22.16 11.73 21.00
CA LEU D 205 -21.35 10.71 20.33
C LEU D 205 -21.83 9.30 20.67
N GLY D 206 -22.38 9.09 21.86
CA GLY D 206 -22.89 7.80 22.27
C GLY D 206 -21.96 7.09 23.24
N PRO D 207 -22.50 6.19 24.07
CA PRO D 207 -21.66 5.51 25.05
C PRO D 207 -20.59 4.65 24.41
N GLY D 208 -19.57 4.33 25.20
CA GLY D 208 -18.47 3.50 24.75
C GLY D 208 -17.55 4.14 23.74
N ALA D 209 -17.79 5.39 23.36
CA ALA D 209 -17.02 6.01 22.29
C ALA D 209 -15.54 5.98 22.60
N THR D 210 -14.76 5.40 21.69
CA THR D 210 -13.32 5.34 21.87
C THR D 210 -12.73 6.75 21.90
N LEU D 211 -11.52 6.85 22.45
CA LEU D 211 -10.87 8.15 22.57
C LEU D 211 -10.58 8.76 21.21
N GLU D 212 -10.24 7.93 20.23
CA GLU D 212 -9.97 8.44 18.88
C GLU D 212 -11.19 9.15 18.32
N GLU D 213 -12.37 8.53 18.44
CA GLU D 213 -13.59 9.15 17.93
C GLU D 213 -13.86 10.48 18.61
N MET D 214 -13.71 10.53 19.94
CA MET D 214 -13.94 11.77 20.67
C MET D 214 -13.00 12.87 20.21
N MET D 215 -11.70 12.56 20.11
CA MET D 215 -10.73 13.57 19.72
C MET D 215 -10.97 14.06 18.31
N THR D 216 -11.33 13.15 17.40
CA THR D 216 -11.62 13.56 16.02
C THR D 216 -12.90 14.40 15.96
N ALA D 217 -13.89 14.08 16.81
CA ALA D 217 -15.14 14.83 16.80
C ALA D 217 -14.96 16.24 17.34
N CYS D 218 -14.13 16.40 18.38
CA CYS D 218 -14.00 17.71 19.00
C CYS D 218 -13.09 18.64 18.21
N GLN D 219 -12.05 18.12 17.56
CA GLN D 219 -11.08 18.96 16.86
C GLN D 219 -11.76 19.89 15.87
N PRO E 1 16.30 -6.67 25.55
CA PRO E 1 16.49 -7.17 24.19
C PRO E 1 17.33 -8.43 24.11
N ILE E 2 17.31 -9.10 22.96
CA ILE E 2 18.06 -10.31 22.72
C ILE E 2 18.93 -10.10 21.48
N VAL E 3 20.16 -10.61 21.53
CA VAL E 3 21.07 -10.50 20.40
C VAL E 3 22.27 -11.42 20.60
N VAL E 11 21.77 -14.40 24.41
CA VAL E 11 21.69 -14.01 25.81
C VAL E 11 20.58 -12.97 26.01
N HIS E 12 20.38 -12.55 27.25
CA HIS E 12 19.34 -11.58 27.62
C HIS E 12 20.01 -10.32 28.16
N GLN E 13 20.46 -9.46 27.26
CA GLN E 13 20.99 -8.17 27.67
C GLN E 13 19.85 -7.26 28.09
N ALA E 14 20.07 -6.49 29.16
CA ALA E 14 19.10 -5.49 29.57
C ALA E 14 19.08 -4.36 28.55
N ILE E 15 17.92 -3.72 28.40
CA ILE E 15 17.82 -2.63 27.45
C ILE E 15 18.92 -1.61 27.75
N SER E 16 19.67 -1.25 26.72
CA SER E 16 20.84 -0.40 26.94
C SER E 16 20.40 1.01 27.32
N PRO E 17 21.24 1.75 28.06
CA PRO E 17 20.90 3.13 28.40
C PRO E 17 20.68 3.97 27.16
N ARG E 18 21.71 4.01 26.30
CA ARG E 18 21.66 4.86 25.11
C ARG E 18 20.33 4.73 24.38
N THR E 19 19.82 3.50 24.27
CA THR E 19 18.56 3.30 23.56
C THR E 19 17.41 4.06 24.23
N LEU E 20 17.24 3.86 25.53
CA LEU E 20 16.15 4.53 26.25
C LEU E 20 16.31 6.04 26.19
N CYS E 21 17.53 6.53 26.42
CA CYS E 21 17.76 7.97 26.47
C CYS E 21 17.50 8.61 25.11
N CYS E 22 18.00 7.99 24.05
CA CYS E 22 17.77 8.52 22.70
C CYS E 22 16.30 8.44 22.33
N TRP E 23 15.61 7.36 22.71
CA TRP E 23 14.19 7.28 22.43
C TRP E 23 13.42 8.39 23.10
N VAL E 24 13.73 8.67 24.38
CA VAL E 24 13.07 9.76 25.08
C VAL E 24 13.37 11.09 24.41
N LYS E 25 14.64 11.32 24.05
CA LYS E 25 15.01 12.57 23.41
C LYS E 25 14.30 12.75 22.07
N VAL E 26 14.16 11.66 21.31
CA VAL E 26 13.47 11.73 20.02
C VAL E 26 12.00 12.07 20.22
N VAL E 27 11.33 11.34 21.11
CA VAL E 27 9.91 11.59 21.32
C VAL E 27 9.69 13.00 21.86
N GLU E 28 10.67 13.54 22.60
CA GLU E 28 10.54 14.90 23.11
C GLU E 28 10.74 15.93 22.01
N GLU E 29 11.79 15.77 21.21
CA GLU E 29 12.12 16.76 20.19
C GLU E 29 11.12 16.71 19.03
N LYS E 30 11.03 15.56 18.35
CA LYS E 30 10.23 15.45 17.14
C LYS E 30 8.73 15.42 17.40
N ALA E 31 8.30 15.36 18.65
CA ALA E 31 6.87 15.16 18.96
C ALA E 31 6.46 13.89 18.21
N PHE E 32 5.36 13.88 17.46
CA PHE E 32 4.92 12.71 16.70
C PHE E 32 4.88 13.09 15.22
N SER E 33 5.98 12.82 14.53
CA SER E 33 6.11 12.99 13.09
C SER E 33 6.44 11.66 12.46
N PRO E 34 6.24 11.53 11.14
CA PRO E 34 6.44 10.21 10.50
C PRO E 34 7.80 9.60 10.80
N GLU E 35 8.85 10.41 10.93
CA GLU E 35 10.18 9.87 11.20
C GLU E 35 10.27 9.20 12.56
N VAL E 36 9.25 9.31 13.40
CA VAL E 36 9.28 8.66 14.71
C VAL E 36 9.05 7.16 14.58
N ILE E 37 8.33 6.72 13.55
CA ILE E 37 8.00 5.31 13.40
C ILE E 37 9.25 4.54 12.99
N PRO E 38 9.99 4.98 11.96
CA PRO E 38 11.25 4.28 11.66
C PRO E 38 12.24 4.33 12.80
N MET E 39 12.36 5.48 13.45
CA MET E 39 13.23 5.58 14.63
C MET E 39 12.86 4.54 15.67
N PHE E 40 11.58 4.50 16.06
CA PHE E 40 11.14 3.51 17.03
C PHE E 40 11.48 2.10 16.57
N SER E 41 11.09 1.75 15.33
CA SER E 41 11.33 0.41 14.83
C SER E 41 12.81 0.06 14.84
N ALA E 42 13.69 1.05 14.65
CA ALA E 42 15.12 0.79 14.62
C ALA E 42 15.72 0.70 16.02
N LEU E 43 15.17 1.42 16.99
CA LEU E 43 15.67 1.37 18.36
C LEU E 43 15.18 0.14 19.11
N SER E 44 14.13 -0.52 18.62
CA SER E 44 13.57 -1.68 19.29
C SER E 44 13.84 -2.93 18.46
N GLU E 45 15.10 -3.24 18.22
CA GLU E 45 15.48 -4.44 17.49
C GLU E 45 15.65 -5.59 18.48
N GLY E 46 14.89 -6.66 18.27
CA GLY E 46 14.93 -7.80 19.16
C GLY E 46 14.41 -7.53 20.56
N ALA E 47 13.73 -6.40 20.77
CA ALA E 47 13.26 -6.07 22.12
C ALA E 47 12.13 -6.99 22.54
N THR E 48 12.15 -7.41 23.80
CA THR E 48 11.09 -8.23 24.36
C THR E 48 9.91 -7.36 24.77
N PRO E 49 8.75 -7.95 25.00
CA PRO E 49 7.59 -7.15 25.40
C PRO E 49 7.83 -6.28 26.62
N GLN E 50 8.52 -6.80 27.65
CA GLN E 50 8.81 -5.99 28.82
C GLN E 50 9.64 -4.76 28.45
N ASP E 51 10.60 -4.94 27.55
CA ASP E 51 11.42 -3.82 27.12
C ASP E 51 10.61 -2.81 26.33
N LEU E 52 9.69 -3.28 25.48
CA LEU E 52 8.84 -2.36 24.73
C LEU E 52 7.94 -1.56 25.68
N ASN E 53 7.44 -2.21 26.72
CA ASN E 53 6.64 -1.49 27.71
C ASN E 53 7.49 -0.49 28.47
N THR E 54 8.74 -0.85 28.77
CA THR E 54 9.63 0.10 29.43
C THR E 54 9.88 1.32 28.53
N MET E 55 10.01 1.09 27.23
CA MET E 55 10.18 2.19 26.29
C MET E 55 8.94 3.07 26.26
N LEU E 56 7.76 2.46 26.19
CA LEU E 56 6.53 3.24 26.11
C LEU E 56 6.27 4.00 27.40
N ASN E 57 6.69 3.46 28.54
CA ASN E 57 6.49 4.15 29.81
C ASN E 57 7.34 5.42 29.88
N THR E 58 8.58 5.34 29.39
CA THR E 58 9.49 6.48 29.45
C THR E 58 9.05 7.63 28.56
N VAL E 59 8.06 7.44 27.70
CA VAL E 59 7.56 8.51 26.84
C VAL E 59 6.88 9.54 27.71
N GLY E 60 7.43 10.74 27.78
CA GLY E 60 6.85 11.82 28.57
C GLY E 60 5.79 12.57 27.78
N GLY E 61 4.74 12.98 28.48
CA GLY E 61 3.68 13.70 27.83
C GLY E 61 2.97 12.85 26.78
N HIS E 62 2.13 13.52 25.98
CA HIS E 62 1.38 12.88 24.92
C HIS E 62 0.59 11.68 25.44
N GLN E 63 0.10 11.80 26.68
CA GLN E 63 -0.54 10.65 27.32
C GLN E 63 -1.83 10.25 26.59
N ALA E 64 -2.47 11.20 25.90
CA ALA E 64 -3.64 10.86 25.09
C ALA E 64 -3.25 9.89 23.98
N ALA E 65 -2.15 10.18 23.29
CA ALA E 65 -1.68 9.29 22.24
C ALA E 65 -1.33 7.92 22.81
N MET E 66 -0.78 7.89 24.03
CA MET E 66 -0.45 6.61 24.64
C MET E 66 -1.70 5.82 24.99
N GLN E 67 -2.75 6.51 25.43
CA GLN E 67 -4.02 5.83 25.69
C GLN E 67 -4.61 5.26 24.40
N MET E 68 -4.53 6.03 23.32
CA MET E 68 -5.02 5.53 22.03
C MET E 68 -4.19 4.33 21.58
N LEU E 69 -2.88 4.37 21.80
CA LEU E 69 -2.03 3.24 21.48
C LEU E 69 -2.41 2.01 22.30
N LYS E 70 -2.73 2.21 23.58
CA LYS E 70 -3.13 1.08 24.42
C LYS E 70 -4.44 0.49 23.94
N GLU E 71 -5.38 1.34 23.52
CA GLU E 71 -6.64 0.84 22.99
C GLU E 71 -6.43 0.04 21.71
N THR E 72 -5.57 0.54 20.81
CA THR E 72 -5.27 -0.19 19.59
C THR E 72 -4.61 -1.53 19.90
N ILE E 73 -3.74 -1.56 20.92
CA ILE E 73 -3.09 -2.81 21.31
C ILE E 73 -4.12 -3.79 21.83
N ASN E 74 -5.10 -3.31 22.61
CA ASN E 74 -6.14 -4.21 23.10
C ASN E 74 -6.96 -4.78 21.94
N GLU E 75 -7.30 -3.94 20.95
CA GLU E 75 -8.02 -4.43 19.78
C GLU E 75 -7.22 -5.52 19.06
N GLU E 76 -5.94 -5.25 18.78
CA GLU E 76 -5.13 -6.23 18.07
C GLU E 76 -4.97 -7.51 18.88
N ALA E 77 -4.88 -7.38 20.21
CA ALA E 77 -4.77 -8.57 21.05
C ALA E 77 -6.05 -9.39 21.01
N ALA E 78 -7.20 -8.72 21.00
CA ALA E 78 -8.45 -9.46 20.88
C ALA E 78 -8.52 -10.21 19.55
N GLU E 79 -8.10 -9.55 18.47
CA GLU E 79 -8.07 -10.23 17.17
C GLU E 79 -7.14 -11.44 17.20
N TRP E 80 -5.96 -11.28 17.80
CA TRP E 80 -5.02 -12.40 17.91
C TRP E 80 -5.66 -13.56 18.68
N ASP E 81 -6.24 -13.26 19.84
CA ASP E 81 -6.88 -14.30 20.64
C ASP E 81 -7.97 -15.01 19.85
N ARG E 82 -8.73 -14.26 19.04
CA ARG E 82 -9.77 -14.87 18.22
C ARG E 82 -9.16 -15.81 17.19
N LEU E 83 -8.05 -15.41 16.57
CA LEU E 83 -7.43 -16.26 15.55
C LEU E 83 -6.62 -17.40 16.14
N HIS E 84 -6.14 -17.27 17.38
CA HIS E 84 -5.31 -18.29 18.03
C HIS E 84 -5.86 -18.59 19.42
N PRO E 85 -6.91 -19.43 19.49
CA PRO E 85 -7.49 -19.81 20.80
C PRO E 85 -6.50 -20.57 21.69
N MET E 96 6.85 -25.51 25.51
CA MET E 96 6.10 -24.79 26.54
C MET E 96 4.70 -24.45 26.04
N ARG E 97 3.89 -23.83 26.90
CA ARG E 97 2.54 -23.48 26.54
C ARG E 97 2.52 -22.40 25.45
N GLU E 98 1.36 -22.29 24.78
CA GLU E 98 1.16 -21.30 23.73
C GLU E 98 0.91 -19.91 24.33
N PRO E 99 1.35 -18.84 23.65
CA PRO E 99 1.18 -17.50 24.21
C PRO E 99 -0.18 -16.89 23.86
N ARG E 100 -0.92 -16.45 24.87
CA ARG E 100 -2.23 -15.86 24.65
C ARG E 100 -2.08 -14.40 24.21
N GLY E 101 -3.19 -13.69 24.08
CA GLY E 101 -3.14 -12.32 23.62
C GLY E 101 -2.47 -11.38 24.61
N SER E 102 -2.95 -11.37 25.85
CA SER E 102 -2.36 -10.49 26.86
C SER E 102 -0.93 -10.87 27.21
N ASP E 103 -0.47 -12.07 26.81
CA ASP E 103 0.93 -12.42 27.01
C ASP E 103 1.83 -11.73 25.99
N ILE E 104 1.31 -11.48 24.79
CA ILE E 104 2.12 -10.80 23.78
C ILE E 104 2.37 -9.35 24.20
N ALA E 105 1.35 -8.69 24.75
CA ALA E 105 1.48 -7.31 25.19
C ALA E 105 2.28 -7.17 26.49
N GLY E 106 2.77 -8.27 27.05
CA GLY E 106 3.61 -8.19 28.23
C GLY E 106 2.88 -7.81 29.50
N THR E 107 1.55 -7.98 29.54
CA THR E 107 0.78 -7.66 30.73
C THR E 107 0.63 -8.84 31.68
N THR E 108 0.61 -10.06 31.15
CA THR E 108 0.41 -11.26 31.96
C THR E 108 1.41 -12.34 31.55
N SER E 109 2.69 -11.98 31.52
CA SER E 109 3.73 -12.93 31.15
C SER E 109 5.05 -12.48 31.75
N THR E 110 5.76 -13.41 32.39
CA THR E 110 7.04 -13.07 32.99
C THR E 110 8.12 -12.99 31.92
N LEU E 111 9.22 -12.30 32.28
CA LEU E 111 10.34 -12.15 31.35
C LEU E 111 10.87 -13.51 30.91
N GLN E 112 10.88 -14.48 31.81
CA GLN E 112 11.40 -15.80 31.46
C GLN E 112 10.53 -16.49 30.42
N GLU E 113 9.21 -16.36 30.53
CA GLU E 113 8.32 -16.96 29.54
C GLU E 113 8.53 -16.33 28.17
N GLN E 114 8.70 -15.01 28.12
CA GLN E 114 8.95 -14.34 26.85
C GLN E 114 10.27 -14.79 26.26
N ILE E 115 11.32 -14.88 27.07
CA ILE E 115 12.62 -15.34 26.58
C ILE E 115 12.51 -16.76 26.06
N GLY E 116 11.76 -17.62 26.75
CA GLY E 116 11.58 -18.98 26.27
C GLY E 116 10.86 -19.03 24.93
N TRP E 117 9.79 -18.25 24.80
CA TRP E 117 9.07 -18.20 23.53
C TRP E 117 9.97 -17.72 22.40
N MET E 118 10.80 -16.71 22.67
CA MET E 118 11.62 -16.11 21.63
C MET E 118 12.87 -16.92 21.30
N THR E 119 13.34 -17.77 22.22
CA THR E 119 14.55 -18.55 21.99
C THR E 119 14.28 -19.95 21.47
N HIS E 120 13.03 -20.41 21.49
CA HIS E 120 12.71 -21.75 21.02
C HIS E 120 12.94 -21.85 19.50
N ASN E 121 12.86 -23.07 18.99
CA ASN E 121 12.92 -23.30 17.55
C ASN E 121 11.92 -24.38 17.17
N PRO E 122 10.90 -24.07 16.34
CA PRO E 122 10.62 -22.78 15.71
C PRO E 122 10.22 -21.71 16.74
N PRO E 123 10.87 -20.54 16.74
CA PRO E 123 10.55 -19.53 17.74
C PRO E 123 9.21 -18.88 17.49
N ILE E 124 8.55 -18.48 18.58
CA ILE E 124 7.34 -17.68 18.50
C ILE E 124 7.74 -16.22 18.75
N PRO E 125 8.02 -15.42 17.71
CA PRO E 125 8.53 -14.06 17.95
C PRO E 125 7.47 -13.13 18.52
N VAL E 126 7.33 -13.14 19.84
CA VAL E 126 6.37 -12.24 20.50
C VAL E 126 6.79 -10.79 20.35
N GLY E 127 8.10 -10.53 20.39
CA GLY E 127 8.57 -9.16 20.25
C GLY E 127 8.17 -8.53 18.94
N GLU E 128 8.35 -9.26 17.83
CA GLU E 128 8.01 -8.70 16.53
C GLU E 128 6.52 -8.41 16.43
N ILE E 129 5.67 -9.27 16.99
CA ILE E 129 4.23 -9.06 16.92
C ILE E 129 3.83 -7.85 17.74
N TYR E 130 4.34 -7.74 18.96
CA TYR E 130 4.03 -6.57 19.78
C TYR E 130 4.50 -5.30 19.09
N LYS E 131 5.65 -5.37 18.41
CA LYS E 131 6.15 -4.19 17.71
C LYS E 131 5.29 -3.84 16.51
N ARG E 132 4.76 -4.85 15.82
CA ARG E 132 3.80 -4.58 14.74
C ARG E 132 2.59 -3.83 15.27
N TRP E 133 2.02 -4.33 16.37
CA TRP E 133 0.87 -3.65 16.96
C TRP E 133 1.22 -2.21 17.34
N ILE E 134 2.38 -2.02 17.96
CA ILE E 134 2.78 -0.69 18.39
C ILE E 134 2.97 0.22 17.19
N ILE E 135 3.51 -0.32 16.08
CA ILE E 135 3.75 0.49 14.90
C ILE E 135 2.43 0.88 14.25
N LEU E 136 1.44 -0.02 14.27
CA LEU E 136 0.12 0.35 13.76
C LEU E 136 -0.47 1.48 14.62
N GLY E 137 -0.38 1.35 15.94
CA GLY E 137 -0.85 2.42 16.81
C GLY E 137 -0.13 3.73 16.54
N LEU E 138 1.18 3.65 16.28
CA LEU E 138 1.97 4.85 16.01
C LEU E 138 1.60 5.47 14.67
N ASN E 139 1.29 4.64 13.67
CA ASN E 139 0.79 5.17 12.40
C ASN E 139 -0.51 5.93 12.62
N LYS E 140 -1.42 5.35 13.40
CA LYS E 140 -2.65 6.06 13.72
C LYS E 140 -2.36 7.40 14.40
N ILE E 141 -1.46 7.38 15.39
CA ILE E 141 -1.17 8.60 16.13
C ILE E 141 -0.57 9.66 15.22
N VAL E 142 0.37 9.28 14.37
CA VAL E 142 1.03 10.24 13.49
C VAL E 142 0.02 10.81 12.51
N ARG E 143 -0.81 9.95 11.91
CA ARG E 143 -1.82 10.42 10.98
C ARG E 143 -2.80 11.37 11.66
N MET E 144 -3.11 11.14 12.94
CA MET E 144 -4.06 11.99 13.64
C MET E 144 -3.45 13.30 14.12
N TYR E 145 -2.14 13.33 14.39
CA TYR E 145 -1.52 14.55 14.88
C TYR E 145 -1.31 15.61 13.81
N SER E 146 -1.37 15.21 12.53
CA SER E 146 -1.34 16.15 11.40
C SER E 146 -2.74 16.13 10.78
N PRO E 147 -3.67 16.95 11.26
CA PRO E 147 -5.05 16.84 10.79
C PRO E 147 -5.26 17.34 9.37
N THR E 148 -4.40 18.22 8.86
CA THR E 148 -4.60 18.75 7.52
C THR E 148 -4.36 17.67 6.48
N SER E 149 -5.24 17.62 5.49
CA SER E 149 -5.15 16.64 4.41
C SER E 149 -4.32 17.17 3.25
N ILE E 150 -3.88 16.25 2.39
CA ILE E 150 -3.08 16.65 1.24
C ILE E 150 -3.91 17.56 0.34
N LEU E 151 -5.22 17.27 0.23
CA LEU E 151 -6.10 18.06 -0.62
C LEU E 151 -6.54 19.36 0.04
N ASP E 152 -6.31 19.51 1.34
CA ASP E 152 -6.64 20.74 2.06
C ASP E 152 -5.46 21.68 2.22
N ILE E 153 -4.24 21.20 1.99
CA ILE E 153 -3.05 22.02 2.11
C ILE E 153 -2.88 22.84 0.83
N ARG E 154 -2.71 24.15 0.98
CA ARG E 154 -2.55 25.03 -0.17
C ARG E 154 -1.51 26.11 0.15
N GLN E 155 -0.77 26.50 -0.88
CA GLN E 155 0.28 27.50 -0.71
C GLN E 155 -0.31 28.85 -0.32
N GLY E 156 0.37 29.54 0.59
CA GLY E 156 -0.06 30.84 1.04
C GLY E 156 0.21 31.90 0.00
N PRO E 157 -0.19 33.15 0.33
CA PRO E 157 -0.01 34.25 -0.62
C PRO E 157 1.43 34.64 -0.86
N LYS E 158 2.15 35.02 0.20
CA LYS E 158 3.55 35.42 0.08
C LYS E 158 4.46 34.40 0.75
N GLU E 159 4.28 33.12 0.42
CA GLU E 159 5.06 32.03 1.01
C GLU E 159 6.03 31.48 -0.02
N PRO E 160 7.32 31.43 0.26
CA PRO E 160 8.26 30.82 -0.70
C PRO E 160 7.87 29.39 -1.01
N PHE E 161 8.19 28.97 -2.24
CA PHE E 161 7.80 27.64 -2.69
C PHE E 161 8.45 26.54 -1.86
N ARG E 162 9.66 26.78 -1.35
CA ARG E 162 10.35 25.76 -0.56
C ARG E 162 9.54 25.38 0.68
N ASP E 163 9.03 26.38 1.40
CA ASP E 163 8.27 26.10 2.62
C ASP E 163 6.98 25.35 2.30
N TYR E 164 6.29 25.74 1.23
CA TYR E 164 5.08 25.03 0.84
C TYR E 164 5.38 23.59 0.48
N VAL E 165 6.48 23.35 -0.24
CA VAL E 165 6.84 21.98 -0.60
C VAL E 165 7.15 21.18 0.65
N ASP E 166 7.85 21.78 1.61
CA ASP E 166 8.17 21.08 2.85
C ASP E 166 6.90 20.67 3.58
N ARG E 167 5.97 21.61 3.76
CA ARG E 167 4.71 21.28 4.44
C ARG E 167 3.92 20.23 3.68
N PHE E 168 3.84 20.38 2.35
CA PHE E 168 3.11 19.43 1.53
C PHE E 168 3.65 18.02 1.71
N TYR E 169 4.97 17.86 1.59
CA TYR E 169 5.53 16.51 1.68
C TYR E 169 5.47 15.95 3.09
N LYS E 170 5.55 16.81 4.11
CA LYS E 170 5.36 16.32 5.47
C LYS E 170 3.94 15.76 5.63
N THR E 171 2.93 16.51 5.17
CA THR E 171 1.57 16.03 5.28
C THR E 171 1.34 14.77 4.46
N LEU E 172 1.94 14.70 3.28
CA LEU E 172 1.78 13.51 2.44
C LEU E 172 2.39 12.29 3.09
N ARG E 173 3.58 12.43 3.67
CA ARG E 173 4.21 11.29 4.35
C ARG E 173 3.42 10.93 5.60
N ALA E 174 2.78 11.90 6.25
CA ALA E 174 1.96 11.58 7.42
C ALA E 174 0.73 10.78 7.02
N GLU E 175 0.09 11.15 5.91
CA GLU E 175 -1.11 10.43 5.49
C GLU E 175 -0.79 8.98 5.14
N GLN E 176 0.44 8.72 4.68
CA GLN E 176 0.90 7.39 4.28
C GLN E 176 -0.20 6.53 3.66
N ALA E 177 -0.56 6.84 2.42
CA ALA E 177 -1.51 6.00 1.67
C ALA E 177 -0.73 5.01 0.82
N SER E 178 -1.23 4.67 -0.37
CA SER E 178 -0.52 3.80 -1.29
C SER E 178 0.44 4.60 -2.16
N GLN E 179 1.40 3.90 -2.76
CA GLN E 179 2.47 4.58 -3.49
C GLN E 179 1.94 5.30 -4.73
N GLU E 180 1.00 4.68 -5.44
CA GLU E 180 0.37 5.35 -6.58
C GLU E 180 -0.16 6.72 -6.17
N VAL E 181 -0.84 6.76 -5.01
CA VAL E 181 -1.26 8.05 -4.46
C VAL E 181 -0.04 8.94 -4.27
N LYS E 182 1.05 8.38 -3.75
CA LYS E 182 2.22 9.22 -3.49
C LYS E 182 2.67 9.95 -4.74
N ASN E 183 2.81 9.24 -5.87
CA ASN E 183 3.34 9.88 -7.07
C ASN E 183 2.32 10.84 -7.70
N ALA E 184 1.10 10.33 -7.94
CA ALA E 184 0.08 11.16 -8.58
C ALA E 184 -0.20 12.40 -7.75
N ALA E 185 -0.46 12.22 -6.46
CA ALA E 185 -0.78 13.36 -5.61
C ALA E 185 0.40 14.31 -5.52
N THR E 186 1.62 13.79 -5.31
CA THR E 186 2.74 14.68 -5.14
C THR E 186 2.83 15.65 -6.31
N GLU E 187 2.86 15.13 -7.53
CA GLU E 187 3.12 16.07 -8.62
C GLU E 187 1.87 16.87 -8.99
N THR E 188 0.71 16.22 -9.07
CA THR E 188 -0.48 16.95 -9.50
C THR E 188 -0.87 17.99 -8.47
N LEU E 189 -0.95 17.60 -7.20
CA LEU E 189 -1.34 18.55 -6.16
C LEU E 189 -0.29 19.64 -5.97
N LEU E 190 1.01 19.33 -6.11
CA LEU E 190 2.00 20.39 -5.98
C LEU E 190 1.76 21.47 -7.03
N VAL E 191 1.47 21.07 -8.27
CA VAL E 191 1.21 22.10 -9.27
C VAL E 191 -0.16 22.74 -9.07
N GLN E 192 -1.15 21.97 -8.59
CA GLN E 192 -2.52 22.46 -8.49
C GLN E 192 -2.69 23.47 -7.36
N ASN E 193 -2.18 23.16 -6.18
CA ASN E 193 -2.42 23.97 -5.00
C ASN E 193 -1.44 25.13 -4.86
N ALA E 194 -0.43 25.20 -5.72
CA ALA E 194 0.51 26.31 -5.66
C ALA E 194 -0.22 27.64 -5.84
N ASN E 195 0.40 28.71 -5.35
CA ASN E 195 -0.18 30.02 -5.49
C ASN E 195 -0.24 30.41 -6.96
N PRO E 196 -1.13 31.35 -7.33
CA PRO E 196 -1.31 31.67 -8.75
C PRO E 196 -0.02 31.93 -9.51
N ASP E 197 0.89 32.75 -8.96
CA ASP E 197 2.12 33.08 -9.66
C ASP E 197 2.96 31.84 -9.93
N CYS E 198 3.32 31.11 -8.85
CA CYS E 198 4.11 29.90 -9.04
C CYS E 198 3.31 28.84 -9.79
N LYS E 199 1.97 28.85 -9.69
CA LYS E 199 1.17 27.93 -10.47
C LYS E 199 1.39 28.18 -11.96
N THR E 200 1.35 29.43 -12.38
CA THR E 200 1.59 29.78 -13.78
C THR E 200 3.02 29.41 -14.19
N ILE E 201 4.00 29.73 -13.35
CA ILE E 201 5.39 29.42 -13.69
C ILE E 201 5.56 27.92 -13.89
N LEU E 202 4.99 27.11 -12.99
CA LEU E 202 5.14 25.67 -13.07
C LEU E 202 4.40 25.10 -14.28
N LYS E 203 3.17 25.57 -14.53
CA LYS E 203 2.45 25.12 -15.70
C LYS E 203 3.20 25.47 -16.98
N ALA E 204 3.91 26.59 -16.99
CA ALA E 204 4.72 26.94 -18.15
C ALA E 204 5.99 26.10 -18.23
N LEU E 205 6.47 25.60 -17.09
CA LEU E 205 7.65 24.73 -17.12
C LEU E 205 7.43 23.52 -18.02
N GLY E 206 6.19 23.03 -18.10
CA GLY E 206 5.87 21.91 -18.95
C GLY E 206 5.71 20.62 -18.18
N PRO E 207 4.94 19.68 -18.71
CA PRO E 207 4.72 18.41 -18.00
C PRO E 207 6.00 17.64 -17.82
N GLY E 208 6.00 16.76 -16.81
CA GLY E 208 7.18 16.02 -16.43
C GLY E 208 8.12 16.75 -15.49
N ALA E 209 7.87 18.02 -15.21
CA ALA E 209 8.78 18.84 -14.40
C ALA E 209 9.18 18.13 -13.12
N THR E 210 10.48 17.96 -12.94
CA THR E 210 11.02 17.45 -11.68
C THR E 210 10.97 18.54 -10.61
N LEU E 211 11.06 18.10 -9.35
CA LEU E 211 10.94 19.04 -8.24
C LEU E 211 12.09 20.04 -8.23
N GLU E 212 13.29 19.60 -8.62
CA GLU E 212 14.43 20.52 -8.65
C GLU E 212 14.19 21.69 -9.60
N GLU E 213 13.71 21.40 -10.81
CA GLU E 213 13.44 22.47 -11.77
C GLU E 213 12.36 23.40 -11.24
N MET E 214 11.30 22.84 -10.65
CA MET E 214 10.23 23.65 -10.11
C MET E 214 10.74 24.60 -9.04
N MET E 215 11.53 24.08 -8.09
CA MET E 215 12.05 24.92 -7.02
C MET E 215 13.00 25.98 -7.56
N THR E 216 13.81 25.64 -8.56
CA THR E 216 14.71 26.62 -9.14
C THR E 216 13.95 27.71 -9.87
N ALA E 217 12.83 27.36 -10.52
CA ALA E 217 12.05 28.35 -11.24
C ALA E 217 11.29 29.27 -10.28
N CYS E 218 10.75 28.71 -9.19
CA CYS E 218 9.92 29.50 -8.28
C CYS E 218 10.70 30.34 -7.29
N GLN E 219 12.02 30.20 -7.20
CA GLN E 219 12.80 31.01 -6.27
C GLN E 219 12.98 32.42 -6.83
N PRO F 1 -3.30 -21.99 -14.77
CA PRO F 1 -3.49 -23.37 -14.32
C PRO F 1 -2.35 -24.29 -14.75
N ILE F 2 -2.24 -25.43 -14.08
CA ILE F 2 -1.19 -26.40 -14.38
C ILE F 2 -1.66 -27.34 -15.48
N VAL F 11 2.04 -26.72 -18.56
CA VAL F 11 2.65 -25.40 -18.45
C VAL F 11 1.74 -24.48 -17.65
N HIS F 12 2.27 -23.32 -17.24
CA HIS F 12 1.52 -22.35 -16.45
C HIS F 12 0.81 -21.37 -17.38
N GLN F 13 -0.35 -21.80 -17.87
CA GLN F 13 -1.18 -20.89 -18.65
C GLN F 13 -1.84 -19.87 -17.75
N ALA F 14 -1.90 -18.63 -18.24
CA ALA F 14 -2.61 -17.58 -17.51
C ALA F 14 -4.10 -17.83 -17.54
N ILE F 15 -4.79 -17.42 -16.47
CA ILE F 15 -6.22 -17.62 -16.38
C ILE F 15 -6.89 -17.04 -17.63
N SER F 16 -7.70 -17.86 -18.28
CA SER F 16 -8.30 -17.46 -19.55
C SER F 16 -9.38 -16.40 -19.33
N PRO F 17 -9.64 -15.55 -20.34
CA PRO F 17 -10.72 -14.58 -20.23
C PRO F 17 -12.10 -15.21 -20.04
N ARG F 18 -12.49 -16.09 -20.97
CA ARG F 18 -13.83 -16.68 -20.94
C ARG F 18 -14.19 -17.19 -19.55
N THR F 19 -13.25 -17.83 -18.86
CA THR F 19 -13.52 -18.34 -17.53
C THR F 19 -13.90 -17.22 -16.59
N LEU F 20 -13.10 -16.15 -16.57
CA LEU F 20 -13.40 -15.01 -15.69
C LEU F 20 -14.75 -14.40 -16.02
N CYS F 21 -15.05 -14.24 -17.32
CA CYS F 21 -16.31 -13.62 -17.71
C CYS F 21 -17.49 -14.46 -17.26
N CYS F 22 -17.42 -15.77 -17.47
CA CYS F 22 -18.51 -16.64 -17.04
C CYS F 22 -18.65 -16.66 -15.52
N TRP F 23 -17.52 -16.67 -14.81
CA TRP F 23 -17.58 -16.65 -13.34
C TRP F 23 -18.24 -15.37 -12.84
N VAL F 24 -17.86 -14.22 -13.41
CA VAL F 24 -18.47 -12.96 -13.02
C VAL F 24 -19.97 -12.98 -13.32
N LYS F 25 -20.34 -13.45 -14.51
CA LYS F 25 -21.75 -13.50 -14.87
C LYS F 25 -22.52 -14.40 -13.92
N VAL F 26 -21.92 -15.51 -13.50
CA VAL F 26 -22.58 -16.42 -12.57
C VAL F 26 -22.79 -15.75 -11.22
N VAL F 27 -21.73 -15.14 -10.68
CA VAL F 27 -21.86 -14.52 -9.36
C VAL F 27 -22.85 -13.35 -9.41
N GLU F 28 -22.97 -12.69 -10.56
CA GLU F 28 -23.90 -11.57 -10.66
C GLU F 28 -25.35 -12.07 -10.77
N GLU F 29 -25.61 -13.03 -11.65
CA GLU F 29 -26.98 -13.46 -11.91
C GLU F 29 -27.57 -14.21 -10.72
N LYS F 30 -26.94 -15.31 -10.33
CA LYS F 30 -27.49 -16.19 -9.29
C LYS F 30 -27.38 -15.63 -7.89
N ALA F 31 -26.77 -14.46 -7.70
CA ALA F 31 -26.50 -13.92 -6.37
C ALA F 31 -25.67 -14.98 -5.65
N PHE F 32 -25.98 -15.34 -4.41
CA PHE F 32 -25.24 -16.36 -3.67
C PHE F 32 -26.23 -17.49 -3.33
N SER F 33 -26.31 -18.47 -4.21
CA SER F 33 -27.12 -19.66 -4.05
C SER F 33 -26.23 -20.91 -4.08
N PRO F 34 -26.72 -22.04 -3.58
CA PRO F 34 -25.88 -23.24 -3.51
C PRO F 34 -25.24 -23.62 -4.83
N GLU F 35 -25.93 -23.38 -5.96
CA GLU F 35 -25.40 -23.76 -7.26
C GLU F 35 -24.13 -22.99 -7.64
N VAL F 36 -23.75 -21.97 -6.87
CA VAL F 36 -22.53 -21.25 -7.18
C VAL F 36 -21.30 -22.06 -6.77
N ILE F 37 -21.42 -22.94 -5.78
CA ILE F 37 -20.28 -23.69 -5.26
C ILE F 37 -19.84 -24.74 -6.29
N PRO F 38 -20.74 -25.57 -6.83
CA PRO F 38 -20.30 -26.48 -7.89
C PRO F 38 -19.74 -25.76 -9.10
N MET F 39 -20.41 -24.69 -9.54
CA MET F 39 -19.90 -23.89 -10.64
C MET F 39 -18.47 -23.44 -10.36
N PHE F 40 -18.25 -22.83 -9.20
CA PHE F 40 -16.91 -22.39 -8.82
C PHE F 40 -15.92 -23.55 -8.87
N SER F 41 -16.24 -24.65 -8.18
CA SER F 41 -15.31 -25.77 -8.13
C SER F 41 -15.00 -26.31 -9.52
N ALA F 42 -15.93 -26.17 -10.46
CA ALA F 42 -15.70 -26.67 -11.81
C ALA F 42 -14.90 -25.68 -12.65
N LEU F 43 -15.05 -24.38 -12.41
CA LEU F 43 -14.31 -23.38 -13.17
C LEU F 43 -12.88 -23.22 -12.69
N SER F 44 -12.56 -23.68 -11.48
CA SER F 44 -11.22 -23.52 -10.93
C SER F 44 -10.51 -24.87 -10.78
N GLU F 45 -10.32 -25.58 -11.89
CA GLU F 45 -9.63 -26.85 -11.88
C GLU F 45 -8.13 -26.62 -12.06
N GLY F 46 -7.34 -27.07 -11.10
CA GLY F 46 -5.90 -26.87 -11.14
C GLY F 46 -5.46 -25.44 -11.03
N ALA F 47 -6.34 -24.52 -10.64
CA ALA F 47 -5.98 -23.11 -10.57
C ALA F 47 -5.04 -22.86 -9.40
N THR F 48 -4.06 -22.00 -9.62
CA THR F 48 -3.13 -21.63 -8.57
C THR F 48 -3.75 -20.58 -7.66
N PRO F 49 -3.17 -20.37 -6.48
CA PRO F 49 -3.74 -19.35 -5.56
C PRO F 49 -3.90 -17.98 -6.19
N GLN F 50 -2.92 -17.55 -7.01
CA GLN F 50 -3.05 -16.25 -7.65
C GLN F 50 -4.28 -16.20 -8.55
N ASP F 51 -4.57 -17.29 -9.26
CA ASP F 51 -5.75 -17.32 -10.13
C ASP F 51 -7.03 -17.27 -9.30
N LEU F 52 -7.05 -17.96 -8.16
CA LEU F 52 -8.22 -17.90 -7.29
C LEU F 52 -8.44 -16.48 -6.76
N ASN F 53 -7.34 -15.79 -6.43
CA ASN F 53 -7.47 -14.41 -5.97
C ASN F 53 -7.95 -13.50 -7.10
N THR F 54 -7.49 -13.75 -8.32
CA THR F 54 -7.99 -12.98 -9.45
C THR F 54 -9.47 -13.21 -9.67
N MET F 55 -9.92 -14.45 -9.48
CA MET F 55 -11.35 -14.74 -9.61
C MET F 55 -12.16 -14.04 -8.53
N LEU F 56 -11.69 -14.10 -7.29
CA LEU F 56 -12.42 -13.51 -6.17
C LEU F 56 -12.42 -11.98 -6.26
N ASN F 57 -11.36 -11.39 -6.80
CA ASN F 57 -11.31 -9.93 -6.93
C ASN F 57 -12.34 -9.42 -7.93
N THR F 58 -12.50 -10.12 -9.05
CA THR F 58 -13.42 -9.70 -10.10
C THR F 58 -14.88 -9.78 -9.66
N VAL F 59 -15.18 -10.38 -8.52
CA VAL F 59 -16.54 -10.49 -8.03
C VAL F 59 -17.04 -9.10 -7.65
N GLY F 60 -18.03 -8.60 -8.37
CA GLY F 60 -18.59 -7.29 -8.09
C GLY F 60 -19.66 -7.37 -7.02
N GLY F 61 -19.70 -6.35 -6.17
CA GLY F 61 -20.68 -6.33 -5.10
C GLY F 61 -20.44 -7.46 -4.12
N HIS F 62 -21.43 -7.64 -3.25
CA HIS F 62 -21.38 -8.68 -2.23
C HIS F 62 -20.11 -8.58 -1.38
N GLN F 63 -19.64 -7.35 -1.17
CA GLN F 63 -18.35 -7.17 -0.51
C GLN F 63 -18.36 -7.66 0.94
N ALA F 64 -19.52 -7.67 1.60
CA ALA F 64 -19.60 -8.22 2.95
C ALA F 64 -19.29 -9.72 2.94
N ALA F 65 -19.90 -10.45 2.01
CA ALA F 65 -19.63 -11.87 1.90
C ALA F 65 -18.17 -12.12 1.56
N MET F 66 -17.57 -11.27 0.74
CA MET F 66 -16.17 -11.45 0.39
C MET F 66 -15.26 -11.19 1.58
N GLN F 67 -15.59 -10.19 2.42
CA GLN F 67 -14.81 -9.97 3.63
C GLN F 67 -14.93 -11.15 4.58
N MET F 68 -16.15 -11.71 4.72
CA MET F 68 -16.32 -12.89 5.55
C MET F 68 -15.52 -14.07 5.00
N LEU F 69 -15.50 -14.21 3.67
CA LEU F 69 -14.69 -15.26 3.06
C LEU F 69 -13.21 -15.06 3.35
N LYS F 70 -12.74 -13.80 3.29
CA LYS F 70 -11.34 -13.51 3.60
C LYS F 70 -11.02 -13.84 5.04
N GLU F 71 -11.93 -13.52 5.96
CA GLU F 71 -11.71 -13.85 7.37
C GLU F 71 -11.69 -15.36 7.57
N THR F 72 -12.58 -16.09 6.90
CA THR F 72 -12.56 -17.55 7.00
C THR F 72 -11.26 -18.11 6.45
N ILE F 73 -10.75 -17.53 5.37
CA ILE F 73 -9.48 -17.98 4.81
C ILE F 73 -8.34 -17.73 5.79
N ASN F 74 -8.35 -16.58 6.46
CA ASN F 74 -7.33 -16.31 7.46
C ASN F 74 -7.42 -17.29 8.63
N GLU F 75 -8.64 -17.60 9.06
CA GLU F 75 -8.83 -18.60 10.11
C GLU F 75 -8.25 -19.95 9.69
N GLU F 76 -8.59 -20.42 8.50
CA GLU F 76 -8.08 -21.70 8.04
C GLU F 76 -6.57 -21.68 7.90
N ALA F 77 -6.01 -20.53 7.47
CA ALA F 77 -4.56 -20.43 7.34
C ALA F 77 -3.88 -20.50 8.70
N ALA F 78 -4.45 -19.84 9.71
CA ALA F 78 -3.90 -19.93 11.05
C ALA F 78 -3.99 -21.37 11.58
N GLU F 79 -5.12 -22.04 11.35
CA GLU F 79 -5.25 -23.43 11.79
C GLU F 79 -4.21 -24.31 11.10
N TRP F 80 -4.00 -24.10 9.79
CA TRP F 80 -2.99 -24.86 9.08
C TRP F 80 -1.61 -24.62 9.67
N ASP F 81 -1.24 -23.34 9.86
CA ASP F 81 0.06 -23.03 10.44
C ASP F 81 0.24 -23.69 11.80
N ARG F 82 -0.82 -23.72 12.60
CA ARG F 82 -0.73 -24.37 13.90
C ARG F 82 -0.53 -25.87 13.75
N LEU F 83 -1.22 -26.50 12.80
CA LEU F 83 -1.14 -27.94 12.62
C LEU F 83 0.13 -28.37 11.88
N HIS F 84 0.77 -27.48 11.12
CA HIS F 84 1.96 -27.81 10.34
C HIS F 84 3.07 -26.79 10.62
N PRO F 85 3.78 -26.92 11.74
CA PRO F 85 4.91 -26.04 12.04
C PRO F 85 5.99 -26.06 10.96
N MET F 96 11.95 -27.34 -2.32
CA MET F 96 11.83 -25.97 -1.85
C MET F 96 11.35 -25.95 -0.40
N ARG F 97 11.23 -24.75 0.17
CA ARG F 97 10.79 -24.61 1.55
C ARG F 97 9.34 -25.05 1.70
N GLU F 98 8.95 -25.31 2.95
CA GLU F 98 7.57 -25.70 3.21
C GLU F 98 6.67 -24.48 3.16
N PRO F 99 5.43 -24.62 2.66
CA PRO F 99 4.54 -23.45 2.56
C PRO F 99 3.75 -23.20 3.84
N ARG F 100 3.85 -21.98 4.37
CA ARG F 100 3.15 -21.60 5.59
C ARG F 100 1.69 -21.26 5.24
N GLY F 101 0.95 -20.74 6.23
CA GLY F 101 -0.45 -20.44 6.00
C GLY F 101 -0.65 -19.34 4.98
N SER F 102 0.02 -18.20 5.17
CA SER F 102 -0.10 -17.11 4.22
C SER F 102 0.47 -17.46 2.86
N ASP F 103 1.24 -18.55 2.75
CA ASP F 103 1.71 -19.01 1.46
C ASP F 103 0.60 -19.71 0.67
N ILE F 104 -0.30 -20.41 1.37
CA ILE F 104 -1.39 -21.10 0.68
C ILE F 104 -2.38 -20.09 0.10
N ALA F 105 -2.67 -19.03 0.83
CA ALA F 105 -3.62 -18.02 0.37
C ALA F 105 -3.02 -17.09 -0.69
N GLY F 106 -1.77 -17.30 -1.09
CA GLY F 106 -1.19 -16.50 -2.15
C GLY F 106 -0.87 -15.08 -1.77
N THR F 107 -0.76 -14.78 -0.47
CA THR F 107 -0.44 -13.44 -0.02
C THR F 107 1.06 -13.23 0.16
N THR F 108 1.81 -14.29 0.45
CA THR F 108 3.25 -14.21 0.68
C THR F 108 3.95 -15.31 -0.10
N SER F 109 3.64 -15.40 -1.39
CA SER F 109 4.26 -16.38 -2.26
C SER F 109 4.15 -15.90 -3.69
N THR F 110 5.26 -15.95 -4.42
CA THR F 110 5.25 -15.54 -5.81
C THR F 110 4.65 -16.65 -6.67
N LEU F 111 4.24 -16.27 -7.88
CA LEU F 111 3.68 -17.25 -8.81
C LEU F 111 4.65 -18.40 -9.03
N GLN F 112 5.95 -18.10 -9.07
CA GLN F 112 6.95 -19.13 -9.29
C GLN F 112 6.99 -20.10 -8.12
N GLU F 113 6.87 -19.60 -6.89
CA GLU F 113 6.86 -20.48 -5.73
C GLU F 113 5.64 -21.41 -5.74
N GLN F 114 4.47 -20.88 -6.12
CA GLN F 114 3.29 -21.72 -6.21
C GLN F 114 3.44 -22.78 -7.29
N ILE F 115 3.96 -22.39 -8.46
CA ILE F 115 4.17 -23.35 -9.54
C ILE F 115 5.15 -24.44 -9.11
N GLY F 116 6.21 -24.05 -8.39
CA GLY F 116 7.15 -25.05 -7.90
C GLY F 116 6.53 -26.00 -6.90
N TRP F 117 5.76 -25.46 -5.95
CA TRP F 117 5.09 -26.30 -4.96
C TRP F 117 4.15 -27.29 -5.64
N MET F 118 3.43 -26.84 -6.68
CA MET F 118 2.47 -27.71 -7.34
C MET F 118 3.13 -28.68 -8.32
N THR F 119 4.34 -28.36 -8.81
CA THR F 119 5.03 -29.20 -9.76
C THR F 119 6.07 -30.12 -9.13
N HIS F 120 6.35 -29.97 -7.83
CA HIS F 120 7.30 -30.85 -7.18
C HIS F 120 6.82 -32.30 -7.26
N ASN F 121 7.72 -33.21 -6.88
CA ASN F 121 7.46 -34.65 -6.96
C ASN F 121 7.72 -35.29 -5.60
N PRO F 122 6.67 -35.71 -4.86
CA PRO F 122 5.23 -35.56 -5.14
C PRO F 122 4.78 -34.11 -4.93
N PRO F 123 3.74 -33.66 -5.62
CA PRO F 123 3.28 -32.28 -5.42
C PRO F 123 2.28 -32.15 -4.28
N ILE F 124 2.27 -30.95 -3.71
CA ILE F 124 1.33 -30.59 -2.64
C ILE F 124 0.34 -29.59 -3.23
N PRO F 125 -0.87 -30.02 -3.61
CA PRO F 125 -1.76 -29.11 -4.33
C PRO F 125 -2.23 -27.96 -3.48
N VAL F 126 -1.44 -26.88 -3.47
CA VAL F 126 -1.83 -25.69 -2.72
C VAL F 126 -3.11 -25.11 -3.29
N GLY F 127 -3.30 -25.21 -4.61
CA GLY F 127 -4.54 -24.75 -5.20
C GLY F 127 -5.75 -25.45 -4.61
N GLU F 128 -5.65 -26.79 -4.47
CA GLU F 128 -6.75 -27.55 -3.92
C GLU F 128 -7.04 -27.17 -2.47
N ILE F 129 -6.00 -26.92 -1.68
CA ILE F 129 -6.19 -26.56 -0.28
C ILE F 129 -6.85 -25.19 -0.17
N TYR F 130 -6.35 -24.22 -0.94
CA TYR F 130 -6.96 -22.90 -0.95
C TYR F 130 -8.41 -23.00 -1.41
N LYS F 131 -8.69 -23.91 -2.33
CA LYS F 131 -10.05 -24.09 -2.81
C LYS F 131 -10.93 -24.70 -1.72
N ARG F 132 -10.37 -25.60 -0.91
CA ARG F 132 -11.11 -26.12 0.24
C ARG F 132 -11.50 -24.99 1.17
N TRP F 133 -10.54 -24.13 1.50
CA TRP F 133 -10.83 -22.99 2.37
C TRP F 133 -11.92 -22.10 1.77
N ILE F 134 -11.79 -21.79 0.49
CA ILE F 134 -12.75 -20.91 -0.17
C ILE F 134 -14.13 -21.56 -0.20
N ILE F 135 -14.19 -22.87 -0.41
CA ILE F 135 -15.46 -23.56 -0.48
C ILE F 135 -16.12 -23.62 0.89
N LEU F 136 -15.32 -23.79 1.95
CA LEU F 136 -15.89 -23.73 3.30
C LEU F 136 -16.47 -22.34 3.57
N GLY F 137 -15.72 -21.30 3.23
CA GLY F 137 -16.25 -19.95 3.38
C GLY F 137 -17.52 -19.74 2.57
N LEU F 138 -17.57 -20.30 1.37
CA LEU F 138 -18.74 -20.14 0.53
C LEU F 138 -19.94 -20.89 1.10
N ASN F 139 -19.69 -22.07 1.69
CA ASN F 139 -20.76 -22.78 2.39
C ASN F 139 -21.31 -21.94 3.53
N LYS F 140 -20.42 -21.34 4.31
CA LYS F 140 -20.88 -20.43 5.38
C LYS F 140 -21.71 -19.30 4.80
N ILE F 141 -21.25 -18.69 3.71
CA ILE F 141 -21.97 -17.58 3.10
C ILE F 141 -23.36 -18.03 2.66
N VAL F 142 -23.44 -19.20 2.02
CA VAL F 142 -24.72 -19.70 1.54
C VAL F 142 -25.66 -19.95 2.71
N ARG F 143 -25.15 -20.58 3.77
CA ARG F 143 -25.96 -20.81 4.95
C ARG F 143 -26.47 -19.50 5.54
N MET F 144 -25.68 -18.43 5.44
CA MET F 144 -26.11 -17.15 5.98
C MET F 144 -27.10 -16.44 5.07
N TYR F 145 -27.05 -16.71 3.76
CA TYR F 145 -27.96 -16.05 2.82
C TYR F 145 -29.37 -16.62 2.84
N SER F 146 -29.57 -17.81 3.40
CA SER F 146 -30.90 -18.38 3.59
C SER F 146 -31.24 -18.38 5.08
N PRO F 147 -31.77 -17.27 5.62
CA PRO F 147 -31.99 -17.23 7.07
C PRO F 147 -33.17 -18.08 7.53
N THR F 148 -34.17 -18.31 6.68
CA THR F 148 -35.34 -19.08 7.10
C THR F 148 -34.98 -20.54 7.26
N SER F 149 -35.50 -21.15 8.31
CA SER F 149 -35.26 -22.56 8.58
C SER F 149 -36.35 -23.41 7.92
N ILE F 150 -36.05 -24.70 7.78
CA ILE F 150 -37.00 -25.62 7.14
C ILE F 150 -38.28 -25.68 7.94
N LEU F 151 -38.17 -25.62 9.28
CA LEU F 151 -39.31 -25.78 10.16
C LEU F 151 -40.17 -24.51 10.25
N ASP F 152 -39.68 -23.38 9.75
CA ASP F 152 -40.46 -22.15 9.72
C ASP F 152 -41.15 -21.93 8.39
N ILE F 153 -40.76 -22.68 7.35
CA ILE F 153 -41.36 -22.54 6.03
C ILE F 153 -42.66 -23.33 5.99
N ARG F 154 -43.74 -22.67 5.57
CA ARG F 154 -45.04 -23.31 5.45
C ARG F 154 -45.74 -22.75 4.22
N GLN F 155 -46.55 -23.59 3.57
CA GLN F 155 -47.23 -23.18 2.36
C GLN F 155 -48.20 -22.04 2.65
N GLY F 156 -48.26 -21.07 1.74
CA GLY F 156 -49.14 -19.95 1.89
C GLY F 156 -50.59 -20.32 1.62
N PRO F 157 -51.48 -19.34 1.74
CA PRO F 157 -52.91 -19.61 1.54
C PRO F 157 -53.26 -19.99 0.12
N LYS F 158 -52.95 -19.11 -0.84
CA LYS F 158 -53.25 -19.36 -2.24
C LYS F 158 -51.98 -19.60 -3.03
N GLU F 159 -51.11 -20.47 -2.53
CA GLU F 159 -49.85 -20.78 -3.20
C GLU F 159 -49.90 -22.19 -3.77
N PRO F 160 -49.64 -22.38 -5.08
CA PRO F 160 -49.63 -23.73 -5.63
C PRO F 160 -48.65 -24.63 -4.91
N PHE F 161 -48.98 -25.94 -4.88
CA PHE F 161 -48.13 -26.90 -4.18
C PHE F 161 -46.74 -26.96 -4.80
N ARG F 162 -46.64 -26.75 -6.12
CA ARG F 162 -45.34 -26.79 -6.77
C ARG F 162 -44.41 -25.71 -6.21
N ASP F 163 -44.91 -24.50 -6.04
CA ASP F 163 -44.08 -23.42 -5.51
C ASP F 163 -43.65 -23.71 -4.08
N TYR F 164 -44.55 -24.28 -3.27
CA TYR F 164 -44.19 -24.66 -1.91
C TYR F 164 -43.08 -25.71 -1.91
N VAL F 165 -43.18 -26.70 -2.80
CA VAL F 165 -42.13 -27.72 -2.90
C VAL F 165 -40.82 -27.08 -3.31
N ASP F 166 -40.87 -26.15 -4.27
CA ASP F 166 -39.66 -25.47 -4.72
C ASP F 166 -38.98 -24.75 -3.56
N ARG F 167 -39.75 -23.94 -2.81
CA ARG F 167 -39.16 -23.22 -1.69
C ARG F 167 -38.62 -24.18 -0.63
N PHE F 168 -39.38 -25.22 -0.32
CA PHE F 168 -38.96 -26.19 0.68
C PHE F 168 -37.61 -26.81 0.30
N TYR F 169 -37.49 -27.30 -0.94
CA TYR F 169 -36.25 -27.97 -1.34
C TYR F 169 -35.11 -26.98 -1.52
N LYS F 170 -35.40 -25.74 -1.93
CA LYS F 170 -34.35 -24.73 -1.99
C LYS F 170 -33.77 -24.49 -0.60
N THR F 171 -34.64 -24.31 0.40
CA THR F 171 -34.14 -24.13 1.76
C THR F 171 -33.40 -25.37 2.24
N LEU F 172 -33.87 -26.56 1.85
CA LEU F 172 -33.19 -27.78 2.25
C LEU F 172 -31.78 -27.83 1.70
N ARG F 173 -31.61 -27.49 0.42
CA ARG F 173 -30.28 -27.50 -0.18
C ARG F 173 -29.40 -26.40 0.40
N ALA F 174 -30.00 -25.26 0.77
CA ALA F 174 -29.20 -24.19 1.36
C ALA F 174 -28.70 -24.54 2.75
N GLU F 175 -29.55 -25.17 3.58
CA GLU F 175 -29.15 -25.48 4.95
C GLU F 175 -27.98 -26.46 5.03
N GLN F 176 -27.77 -27.27 4.00
CA GLN F 176 -26.66 -28.23 3.94
C GLN F 176 -26.50 -28.97 5.27
N ALA F 177 -27.57 -29.66 5.66
CA ALA F 177 -27.53 -30.50 6.85
C ALA F 177 -26.80 -31.80 6.51
N SER F 178 -26.90 -32.80 7.38
CA SER F 178 -26.30 -34.09 7.12
C SER F 178 -27.17 -34.90 6.17
N GLN F 179 -26.52 -35.77 5.39
CA GLN F 179 -27.25 -36.58 4.42
C GLN F 179 -28.22 -37.54 5.10
N GLU F 180 -28.07 -37.79 6.40
CA GLU F 180 -29.02 -38.63 7.11
C GLU F 180 -30.31 -37.90 7.42
N VAL F 181 -30.25 -36.58 7.60
CA VAL F 181 -31.45 -35.79 7.86
C VAL F 181 -32.31 -35.65 6.60
N LYS F 182 -31.74 -35.90 5.43
CA LYS F 182 -32.48 -35.68 4.19
C LYS F 182 -33.75 -36.51 4.13
N ASN F 183 -33.65 -37.80 4.50
CA ASN F 183 -34.79 -38.69 4.38
C ASN F 183 -35.87 -38.34 5.41
N ALA F 184 -35.45 -38.15 6.66
CA ALA F 184 -36.40 -37.80 7.71
C ALA F 184 -37.13 -36.51 7.35
N ALA F 185 -36.40 -35.47 6.95
CA ALA F 185 -37.04 -34.21 6.64
C ALA F 185 -37.96 -34.34 5.43
N THR F 186 -37.46 -34.91 4.33
CA THR F 186 -38.29 -35.01 3.13
C THR F 186 -39.59 -35.74 3.43
N GLU F 187 -39.54 -36.79 4.25
CA GLU F 187 -40.74 -37.58 4.46
C GLU F 187 -41.71 -36.93 5.46
N THR F 188 -41.19 -36.43 6.58
CA THR F 188 -42.09 -35.85 7.58
C THR F 188 -42.51 -34.41 7.26
N LEU F 189 -41.53 -33.51 7.06
CA LEU F 189 -41.83 -32.09 6.96
C LEU F 189 -42.59 -31.74 5.68
N LEU F 190 -42.30 -32.43 4.58
CA LEU F 190 -42.99 -32.10 3.33
C LEU F 190 -44.50 -32.28 3.48
N VAL F 191 -44.93 -33.39 4.08
CA VAL F 191 -46.35 -33.59 4.30
C VAL F 191 -46.86 -32.71 5.43
N GLN F 192 -46.02 -32.44 6.44
CA GLN F 192 -46.47 -31.71 7.62
C GLN F 192 -46.78 -30.25 7.29
N ASN F 193 -45.88 -29.58 6.57
CA ASN F 193 -46.01 -28.15 6.31
C ASN F 193 -46.83 -27.85 5.05
N ALA F 194 -47.79 -28.70 4.71
CA ALA F 194 -48.63 -28.48 3.55
C ALA F 194 -49.88 -27.69 3.94
N ASN F 195 -50.53 -27.11 2.92
CA ASN F 195 -51.76 -26.37 3.15
C ASN F 195 -52.88 -27.32 3.58
N PRO F 196 -53.88 -26.82 4.31
CA PRO F 196 -54.92 -27.73 4.83
C PRO F 196 -55.56 -28.62 3.78
N ASP F 197 -56.01 -28.05 2.66
CA ASP F 197 -56.64 -28.83 1.61
C ASP F 197 -55.65 -29.83 1.03
N CYS F 198 -54.51 -29.34 0.55
CA CYS F 198 -53.49 -30.23 0.00
C CYS F 198 -52.93 -31.14 1.08
N LYS F 199 -52.94 -30.70 2.35
CA LYS F 199 -52.52 -31.58 3.44
C LYS F 199 -53.43 -32.80 3.52
N THR F 200 -54.74 -32.58 3.48
CA THR F 200 -55.68 -33.70 3.50
C THR F 200 -55.51 -34.58 2.28
N ILE F 201 -55.38 -33.97 1.10
CA ILE F 201 -55.22 -34.75 -0.13
C ILE F 201 -53.98 -35.63 -0.04
N LEU F 202 -52.87 -35.07 0.44
CA LEU F 202 -51.63 -35.82 0.53
C LEU F 202 -51.71 -36.92 1.59
N LYS F 203 -52.30 -36.62 2.74
CA LYS F 203 -52.48 -37.65 3.76
C LYS F 203 -53.34 -38.80 3.25
N ALA F 204 -54.31 -38.50 2.38
CA ALA F 204 -55.12 -39.53 1.76
C ALA F 204 -54.39 -40.25 0.62
N LEU F 205 -53.38 -39.61 0.03
CA LEU F 205 -52.66 -40.20 -1.10
C LEU F 205 -52.11 -41.59 -0.80
N GLY F 206 -51.74 -41.87 0.45
CA GLY F 206 -51.21 -43.17 0.79
C GLY F 206 -49.71 -43.17 0.97
N PRO F 207 -49.19 -44.14 1.71
CA PRO F 207 -47.75 -44.18 2.00
C PRO F 207 -46.91 -44.37 0.74
N GLY F 208 -45.60 -44.14 0.91
CA GLY F 208 -44.64 -44.36 -0.15
C GLY F 208 -44.97 -43.63 -1.44
N ALA F 209 -45.56 -42.44 -1.33
CA ALA F 209 -45.97 -41.69 -2.50
C ALA F 209 -44.79 -40.90 -3.08
N THR F 210 -44.61 -41.02 -4.39
CA THR F 210 -43.56 -40.26 -5.07
C THR F 210 -43.99 -38.81 -5.25
N LEU F 211 -43.00 -37.94 -5.47
CA LEU F 211 -43.28 -36.52 -5.61
C LEU F 211 -44.10 -36.23 -6.86
N GLU F 212 -43.88 -36.99 -7.93
CA GLU F 212 -44.67 -36.79 -9.15
C GLU F 212 -46.15 -37.00 -8.89
N GLU F 213 -46.50 -38.10 -8.21
CA GLU F 213 -47.90 -38.36 -7.91
C GLU F 213 -48.49 -37.27 -7.02
N MET F 214 -47.76 -36.84 -6.00
CA MET F 214 -48.26 -35.79 -5.12
C MET F 214 -48.53 -34.50 -5.89
N MET F 215 -47.55 -34.07 -6.69
CA MET F 215 -47.71 -32.82 -7.44
C MET F 215 -48.81 -32.92 -8.48
N THR F 216 -48.95 -34.08 -9.13
CA THR F 216 -50.04 -34.25 -10.08
C THR F 216 -51.39 -34.23 -9.39
N ALA F 217 -51.46 -34.77 -8.17
CA ALA F 217 -52.72 -34.77 -7.43
C ALA F 217 -53.09 -33.36 -6.99
N CYS F 218 -52.11 -32.56 -6.57
CA CYS F 218 -52.42 -31.23 -6.06
C CYS F 218 -52.70 -30.23 -7.18
N GLN F 219 -52.02 -30.35 -8.32
CA GLN F 219 -52.22 -29.40 -9.42
C GLN F 219 -53.65 -29.44 -9.91
N HIS G 12 -10.14 -37.80 -19.38
CA HIS G 12 -10.64 -37.30 -18.10
C HIS G 12 -10.45 -35.79 -18.00
N GLN G 13 -10.76 -35.09 -19.08
CA GLN G 13 -10.72 -33.63 -19.07
C GLN G 13 -11.91 -33.07 -18.30
N ALA G 14 -11.66 -32.00 -17.55
CA ALA G 14 -12.74 -31.35 -16.81
C ALA G 14 -13.73 -30.69 -17.77
N ILE G 15 -14.99 -30.67 -17.36
CA ILE G 15 -16.04 -30.05 -18.16
C ILE G 15 -15.65 -28.63 -18.49
N SER G 16 -15.77 -28.26 -19.77
CA SER G 16 -15.31 -26.95 -20.20
C SER G 16 -16.24 -25.86 -19.66
N PRO G 17 -15.72 -24.64 -19.49
CA PRO G 17 -16.57 -23.54 -19.00
C PRO G 17 -17.76 -23.25 -19.91
N ARG G 18 -17.49 -22.96 -21.18
CA ARG G 18 -18.55 -22.58 -22.10
C ARG G 18 -19.77 -23.50 -21.98
N THR G 19 -19.52 -24.81 -21.86
CA THR G 19 -20.63 -25.75 -21.78
C THR G 19 -21.50 -25.47 -20.55
N LEU G 20 -20.87 -25.38 -19.37
CA LEU G 20 -21.64 -25.14 -18.15
C LEU G 20 -22.37 -23.79 -18.20
N CYS G 21 -21.67 -22.75 -18.66
CA CYS G 21 -22.29 -21.42 -18.69
C CYS G 21 -23.50 -21.40 -19.61
N CYS G 22 -23.37 -22.01 -20.79
CA CYS G 22 -24.49 -22.07 -21.73
C CYS G 22 -25.61 -22.93 -21.18
N TRP G 23 -25.28 -24.03 -20.50
CA TRP G 23 -26.31 -24.89 -19.92
C TRP G 23 -27.13 -24.12 -18.90
N VAL G 24 -26.45 -23.35 -18.04
CA VAL G 24 -27.16 -22.55 -17.04
C VAL G 24 -28.04 -21.51 -17.72
N LYS G 25 -27.49 -20.81 -18.72
CA LYS G 25 -28.26 -19.77 -19.40
C LYS G 25 -29.49 -20.34 -20.10
N VAL G 26 -29.35 -21.51 -20.71
CA VAL G 26 -30.48 -22.13 -21.40
C VAL G 26 -31.55 -22.56 -20.40
N VAL G 27 -31.16 -23.28 -19.35
CA VAL G 27 -32.15 -23.75 -18.39
C VAL G 27 -32.83 -22.58 -17.69
N GLU G 28 -32.13 -21.47 -17.52
CA GLU G 28 -32.74 -20.30 -16.89
C GLU G 28 -33.71 -19.58 -17.81
N GLU G 29 -33.29 -19.31 -19.06
CA GLU G 29 -34.12 -18.50 -19.94
C GLU G 29 -35.37 -19.25 -20.38
N LYS G 30 -35.20 -20.38 -21.08
CA LYS G 30 -36.32 -21.11 -21.64
C LYS G 30 -37.10 -21.91 -20.59
N ALA G 31 -36.67 -21.89 -19.33
CA ALA G 31 -37.28 -22.70 -18.26
C ALA G 31 -37.22 -24.16 -18.70
N PHE G 32 -38.32 -24.91 -18.62
CA PHE G 32 -38.35 -26.33 -19.00
C PHE G 32 -39.32 -26.51 -20.16
N SER G 33 -38.79 -26.44 -21.37
CA SER G 33 -39.53 -26.68 -22.59
C SER G 33 -38.88 -27.85 -23.34
N PRO G 34 -39.59 -28.46 -24.29
CA PRO G 34 -39.03 -29.66 -24.95
C PRO G 34 -37.63 -29.48 -25.53
N GLU G 35 -37.32 -28.28 -26.06
CA GLU G 35 -36.02 -28.07 -26.69
C GLU G 35 -34.87 -28.15 -25.69
N VAL G 36 -35.14 -28.28 -24.40
CA VAL G 36 -34.07 -28.41 -23.42
C VAL G 36 -33.44 -29.80 -23.47
N ILE G 37 -34.19 -30.80 -23.92
CA ILE G 37 -33.72 -32.18 -23.92
C ILE G 37 -32.63 -32.37 -24.97
N PRO G 38 -32.84 -31.95 -26.23
CA PRO G 38 -31.74 -32.05 -27.20
C PRO G 38 -30.52 -31.25 -26.77
N MET G 39 -30.73 -30.04 -26.25
CA MET G 39 -29.63 -29.23 -25.75
C MET G 39 -28.81 -29.99 -24.71
N PHE G 40 -29.49 -30.53 -23.69
CA PHE G 40 -28.79 -31.31 -22.67
C PHE G 40 -28.04 -32.48 -23.29
N SER G 41 -28.73 -33.30 -24.08
CA SER G 41 -28.09 -34.47 -24.65
C SER G 41 -26.87 -34.10 -25.49
N ALA G 42 -26.88 -32.91 -26.11
CA ALA G 42 -25.76 -32.50 -26.94
C ALA G 42 -24.62 -31.93 -26.13
N LEU G 43 -24.91 -31.29 -24.99
CA LEU G 43 -23.85 -30.72 -24.16
C LEU G 43 -23.16 -31.77 -23.29
N SER G 44 -23.76 -32.94 -23.11
CA SER G 44 -23.17 -33.97 -22.25
C SER G 44 -22.71 -35.18 -23.06
N GLU G 45 -21.80 -34.96 -24.01
CA GLU G 45 -21.24 -36.03 -24.81
C GLU G 45 -19.97 -36.54 -24.14
N GLY G 46 -19.93 -37.84 -23.85
CA GLY G 46 -18.79 -38.41 -23.16
C GLY G 46 -18.61 -37.94 -21.74
N ALA G 47 -19.62 -37.28 -21.17
CA ALA G 47 -19.51 -36.75 -19.82
C ALA G 47 -19.54 -37.88 -18.80
N THR G 48 -18.70 -37.76 -17.78
CA THR G 48 -18.68 -38.73 -16.70
C THR G 48 -19.81 -38.45 -15.72
N PRO G 49 -20.14 -39.43 -14.87
CA PRO G 49 -21.22 -39.19 -13.89
C PRO G 49 -21.00 -37.94 -13.06
N GLN G 50 -19.74 -37.69 -12.65
CA GLN G 50 -19.46 -36.48 -11.89
C GLN G 50 -19.81 -35.24 -12.69
N ASP G 51 -19.55 -35.25 -14.00
CA ASP G 51 -19.87 -34.10 -14.83
C ASP G 51 -21.39 -33.93 -14.95
N LEU G 52 -22.13 -35.03 -15.07
CA LEU G 52 -23.58 -34.92 -15.13
C LEU G 52 -24.13 -34.36 -13.81
N ASN G 53 -23.55 -34.78 -12.69
CA ASN G 53 -23.98 -34.23 -11.40
C ASN G 53 -23.64 -32.76 -11.29
N THR G 54 -22.47 -32.36 -11.80
CA THR G 54 -22.10 -30.95 -11.79
C THR G 54 -23.06 -30.13 -12.64
N MET G 55 -23.47 -30.67 -13.79
CA MET G 55 -24.42 -29.96 -14.64
C MET G 55 -25.77 -29.83 -13.94
N LEU G 56 -26.26 -30.91 -13.33
CA LEU G 56 -27.56 -30.86 -12.67
C LEU G 56 -27.54 -29.95 -11.45
N ASN G 57 -26.38 -29.88 -10.76
CA ASN G 57 -26.28 -29.02 -9.60
C ASN G 57 -26.37 -27.55 -9.98
N THR G 58 -25.73 -27.17 -11.08
CA THR G 58 -25.72 -25.78 -11.52
C THR G 58 -27.08 -25.28 -11.99
N VAL G 59 -28.06 -26.16 -12.14
CA VAL G 59 -29.39 -25.76 -12.56
C VAL G 59 -30.02 -24.94 -11.42
N GLY G 60 -30.27 -23.66 -11.68
CA GLY G 60 -30.85 -22.79 -10.67
C GLY G 60 -32.36 -22.88 -10.66
N GLY G 61 -32.93 -22.82 -9.45
CA GLY G 61 -34.36 -22.89 -9.28
C GLY G 61 -34.93 -24.22 -9.72
N HIS G 62 -36.27 -24.25 -9.78
CA HIS G 62 -37.00 -25.44 -10.21
C HIS G 62 -36.61 -26.67 -9.38
N GLN G 63 -36.35 -26.46 -8.08
CA GLN G 63 -35.86 -27.55 -7.25
C GLN G 63 -36.87 -28.69 -7.15
N ALA G 64 -38.17 -28.40 -7.32
CA ALA G 64 -39.15 -29.48 -7.35
C ALA G 64 -38.90 -30.38 -8.54
N ALA G 65 -38.68 -29.80 -9.72
CA ALA G 65 -38.38 -30.60 -10.90
C ALA G 65 -37.09 -31.38 -10.72
N MET G 66 -36.11 -30.79 -10.04
CA MET G 66 -34.85 -31.50 -9.81
C MET G 66 -35.06 -32.66 -8.85
N GLN G 67 -35.92 -32.49 -7.84
CA GLN G 67 -36.25 -33.59 -6.95
C GLN G 67 -36.97 -34.71 -7.70
N MET G 68 -37.87 -34.36 -8.61
CA MET G 68 -38.53 -35.38 -9.42
C MET G 68 -37.50 -36.11 -10.28
N LEU G 69 -36.54 -35.38 -10.84
CA LEU G 69 -35.46 -36.00 -11.61
C LEU G 69 -34.64 -36.94 -10.74
N LYS G 70 -34.35 -36.54 -9.50
CA LYS G 70 -33.59 -37.39 -8.59
C LYS G 70 -34.37 -38.66 -8.25
N GLU G 71 -35.69 -38.53 -8.07
CA GLU G 71 -36.52 -39.70 -7.81
C GLU G 71 -36.52 -40.64 -9.01
N THR G 72 -36.62 -40.09 -10.22
CA THR G 72 -36.55 -40.92 -11.41
C THR G 72 -35.20 -41.62 -11.52
N ILE G 73 -34.12 -40.93 -11.16
CA ILE G 73 -32.79 -41.53 -11.18
C ILE G 73 -32.71 -42.67 -10.18
N ASN G 74 -33.29 -42.48 -8.99
CA ASN G 74 -33.31 -43.55 -8.00
C ASN G 74 -34.12 -44.75 -8.50
N GLU G 75 -35.26 -44.50 -9.14
CA GLU G 75 -36.04 -45.58 -9.72
C GLU G 75 -35.21 -46.36 -10.73
N GLU G 76 -34.55 -45.65 -11.65
CA GLU G 76 -33.74 -46.32 -12.66
C GLU G 76 -32.57 -47.08 -12.04
N ALA G 77 -31.97 -46.52 -10.97
CA ALA G 77 -30.87 -47.21 -10.32
C ALA G 77 -31.35 -48.49 -9.64
N ALA G 78 -32.52 -48.46 -9.01
CA ALA G 78 -33.09 -49.66 -8.42
C ALA G 78 -33.40 -50.68 -9.50
N GLU G 79 -33.95 -50.23 -10.63
CA GLU G 79 -34.21 -51.14 -11.74
C GLU G 79 -32.92 -51.79 -12.23
N TRP G 80 -31.85 -51.00 -12.36
CA TRP G 80 -30.56 -51.54 -12.76
C TRP G 80 -30.06 -52.59 -11.77
N ASP G 81 -30.07 -52.26 -10.48
CA ASP G 81 -29.62 -53.21 -9.47
C ASP G 81 -30.42 -54.50 -9.52
N ARG G 82 -31.73 -54.40 -9.74
CA ARG G 82 -32.56 -55.61 -9.84
C ARG G 82 -32.22 -56.41 -11.09
N LEU G 83 -32.05 -55.74 -12.23
CA LEU G 83 -31.77 -56.43 -13.48
C LEU G 83 -30.31 -56.86 -13.61
N HIS G 84 -29.40 -56.20 -12.92
CA HIS G 84 -27.96 -56.50 -12.99
C HIS G 84 -27.42 -56.63 -11.57
N PRO G 85 -27.49 -57.83 -10.98
CA PRO G 85 -27.02 -58.05 -9.61
C PRO G 85 -25.58 -57.56 -9.39
N MET G 96 -12.24 -54.68 -12.44
CA MET G 96 -12.71 -54.05 -11.21
C MET G 96 -14.13 -54.54 -10.90
N ARG G 97 -14.68 -54.09 -9.77
CA ARG G 97 -16.02 -54.50 -9.39
C ARG G 97 -17.06 -53.94 -10.35
N GLU G 98 -18.23 -54.55 -10.33
CA GLU G 98 -19.33 -54.10 -11.17
C GLU G 98 -19.96 -52.85 -10.55
N PRO G 99 -20.44 -51.91 -11.38
CA PRO G 99 -21.04 -50.69 -10.84
C PRO G 99 -22.51 -50.92 -10.49
N ARG G 100 -22.85 -50.60 -9.24
CA ARG G 100 -24.22 -50.75 -8.76
C ARG G 100 -25.06 -49.56 -9.21
N GLY G 101 -26.30 -49.48 -8.72
CA GLY G 101 -27.18 -48.40 -9.13
C GLY G 101 -26.66 -47.05 -8.68
N SER G 102 -26.39 -46.91 -7.38
CA SER G 102 -25.85 -45.66 -6.86
C SER G 102 -24.45 -45.37 -7.39
N ASP G 103 -23.79 -46.36 -7.99
CA ASP G 103 -22.49 -46.12 -8.62
C ASP G 103 -22.65 -45.43 -9.96
N ILE G 104 -23.74 -45.71 -10.68
CA ILE G 104 -23.97 -45.05 -11.97
C ILE G 104 -24.28 -43.58 -11.77
N ALA G 105 -25.05 -43.25 -10.72
CA ALA G 105 -25.41 -41.88 -10.43
C ALA G 105 -24.25 -41.07 -9.84
N GLY G 106 -23.07 -41.66 -9.68
CA GLY G 106 -21.94 -40.90 -9.19
C GLY G 106 -21.98 -40.57 -7.72
N THR G 107 -22.78 -41.30 -6.93
CA THR G 107 -22.86 -41.06 -5.50
C THR G 107 -21.85 -41.89 -4.71
N THR G 108 -21.46 -43.05 -5.23
CA THR G 108 -20.53 -43.96 -4.56
C THR G 108 -19.47 -44.44 -5.53
N SER G 109 -18.83 -43.51 -6.23
CA SER G 109 -17.77 -43.85 -7.17
C SER G 109 -16.87 -42.64 -7.36
N THR G 110 -15.56 -42.87 -7.26
CA THR G 110 -14.56 -41.82 -7.44
C THR G 110 -14.32 -41.57 -8.93
N LEU G 111 -13.70 -40.43 -9.23
CA LEU G 111 -13.39 -40.12 -10.62
C LEU G 111 -12.55 -41.22 -11.25
N GLN G 112 -11.65 -41.83 -10.46
CA GLN G 112 -10.83 -42.91 -10.99
C GLN G 112 -11.66 -44.14 -11.32
N GLU G 113 -12.62 -44.48 -10.46
CA GLU G 113 -13.50 -45.61 -10.74
C GLU G 113 -14.35 -45.35 -11.97
N GLN G 114 -14.85 -44.13 -12.13
CA GLN G 114 -15.62 -43.78 -13.31
C GLN G 114 -14.76 -43.88 -14.57
N ILE G 115 -13.52 -43.37 -14.50
CA ILE G 115 -12.63 -43.46 -15.65
C ILE G 115 -12.36 -44.91 -16.00
N GLY G 116 -12.17 -45.77 -14.99
CA GLY G 116 -11.95 -47.18 -15.26
C GLY G 116 -13.16 -47.84 -15.91
N TRP G 117 -14.35 -47.58 -15.38
CA TRP G 117 -15.56 -48.15 -15.94
C TRP G 117 -15.77 -47.71 -17.39
N MET G 118 -15.52 -46.43 -17.67
CA MET G 118 -15.80 -45.90 -19.00
C MET G 118 -14.70 -46.22 -20.02
N THR G 119 -13.46 -46.44 -19.58
CA THR G 119 -12.35 -46.72 -20.49
C THR G 119 -12.06 -48.20 -20.67
N HIS G 120 -12.74 -49.08 -19.93
CA HIS G 120 -12.48 -50.50 -20.03
C HIS G 120 -12.93 -51.03 -21.40
N ASN G 121 -12.59 -52.29 -21.66
CA ASN G 121 -12.98 -52.96 -22.90
C ASN G 121 -13.52 -54.34 -22.54
N PRO G 122 -14.84 -54.58 -22.66
CA PRO G 122 -15.88 -53.68 -23.16
C PRO G 122 -16.15 -52.51 -22.21
N PRO G 123 -16.20 -51.27 -22.69
CA PRO G 123 -16.46 -50.15 -21.79
C PRO G 123 -17.88 -50.18 -21.27
N ILE G 124 -18.03 -49.87 -19.99
CA ILE G 124 -19.35 -49.72 -19.38
C ILE G 124 -19.69 -48.23 -19.41
N PRO G 125 -20.46 -47.76 -20.41
CA PRO G 125 -20.68 -46.31 -20.50
C PRO G 125 -21.58 -45.82 -19.39
N VAL G 126 -20.97 -45.51 -18.24
CA VAL G 126 -21.75 -45.01 -17.12
C VAL G 126 -22.36 -43.66 -17.46
N GLY G 127 -21.63 -42.83 -18.21
CA GLY G 127 -22.17 -41.55 -18.61
C GLY G 127 -23.43 -41.69 -19.43
N GLU G 128 -23.41 -42.58 -20.42
CA GLU G 128 -24.57 -42.77 -21.27
C GLU G 128 -25.77 -43.31 -20.50
N ILE G 129 -25.52 -44.24 -19.56
CA ILE G 129 -26.63 -44.81 -18.78
C ILE G 129 -27.25 -43.75 -17.88
N TYR G 130 -26.41 -43.00 -17.17
CA TYR G 130 -26.92 -41.93 -16.32
C TYR G 130 -27.66 -40.90 -17.16
N LYS G 131 -27.19 -40.66 -18.39
CA LYS G 131 -27.87 -39.71 -19.26
C LYS G 131 -29.21 -40.26 -19.73
N ARG G 132 -29.31 -41.56 -19.94
CA ARG G 132 -30.60 -42.16 -20.25
C ARG G 132 -31.58 -41.90 -19.11
N TRP G 133 -31.14 -42.17 -17.88
CA TRP G 133 -32.00 -41.94 -16.72
C TRP G 133 -32.41 -40.47 -16.63
N ILE G 134 -31.44 -39.57 -16.78
CA ILE G 134 -31.70 -38.15 -16.64
C ILE G 134 -32.63 -37.65 -17.74
N ILE G 135 -32.46 -38.16 -18.95
CA ILE G 135 -33.30 -37.71 -20.06
C ILE G 135 -34.72 -38.22 -19.88
N LEU G 136 -34.89 -39.43 -19.36
CA LEU G 136 -36.23 -39.90 -19.05
C LEU G 136 -36.88 -39.01 -18.00
N GLY G 137 -36.14 -38.69 -16.94
CA GLY G 137 -36.68 -37.80 -15.93
C GLY G 137 -37.04 -36.43 -16.48
N LEU G 138 -36.20 -35.89 -17.36
CA LEU G 138 -36.47 -34.58 -17.94
C LEU G 138 -37.67 -34.62 -18.88
N ASN G 139 -37.83 -35.72 -19.62
CA ASN G 139 -39.04 -35.88 -20.42
C ASN G 139 -40.27 -35.88 -19.54
N LYS G 140 -40.21 -36.60 -18.41
CA LYS G 140 -41.33 -36.57 -17.47
C LYS G 140 -41.61 -35.15 -16.99
N ILE G 141 -40.56 -34.42 -16.63
CA ILE G 141 -40.73 -33.06 -16.13
C ILE G 141 -41.37 -32.17 -17.19
N VAL G 142 -40.89 -32.27 -18.44
CA VAL G 142 -41.43 -31.44 -19.51
C VAL G 142 -42.89 -31.79 -19.76
N ARG G 143 -43.21 -33.09 -19.80
CA ARG G 143 -44.60 -33.49 -20.00
C ARG G 143 -45.48 -32.96 -18.88
N MET G 144 -44.95 -32.86 -17.66
CA MET G 144 -45.75 -32.36 -16.55
C MET G 144 -45.87 -30.84 -16.57
N TYR G 145 -44.88 -30.15 -17.15
CA TYR G 145 -44.91 -28.70 -17.20
C TYR G 145 -45.91 -28.16 -18.22
N SER G 146 -46.36 -28.99 -19.15
CA SER G 146 -47.40 -28.63 -20.12
C SER G 146 -48.67 -29.39 -19.75
N PRO G 147 -49.51 -28.85 -18.86
CA PRO G 147 -50.69 -29.61 -18.43
C PRO G 147 -51.79 -29.68 -19.48
N THR G 148 -51.86 -28.70 -20.37
CA THR G 148 -52.93 -28.68 -21.37
C THR G 148 -52.72 -29.78 -22.40
N SER G 149 -53.83 -30.43 -22.78
CA SER G 149 -53.79 -31.51 -23.77
C SER G 149 -53.99 -30.95 -25.18
N ILE G 150 -53.63 -31.79 -26.16
CA ILE G 150 -53.73 -31.36 -27.56
C ILE G 150 -55.18 -31.09 -27.93
N LEU G 151 -56.10 -31.89 -27.38
CA LEU G 151 -57.52 -31.79 -27.72
C LEU G 151 -58.22 -30.63 -27.01
N ASP G 152 -57.58 -30.00 -26.03
CA ASP G 152 -58.17 -28.89 -25.30
C ASP G 152 -57.80 -27.53 -25.85
N ILE G 153 -56.80 -27.46 -26.74
CA ILE G 153 -56.36 -26.18 -27.29
C ILE G 153 -57.32 -25.76 -28.39
N ARG G 154 -57.85 -24.55 -28.28
CA ARG G 154 -58.76 -23.99 -29.26
C ARG G 154 -58.49 -22.50 -29.41
N GLN G 155 -58.70 -22.01 -30.62
CA GLN G 155 -58.46 -20.60 -30.89
C GLN G 155 -59.41 -19.73 -30.08
N GLY G 156 -58.88 -18.62 -29.55
CA GLY G 156 -59.68 -17.72 -28.77
C GLY G 156 -60.61 -16.89 -29.64
N PRO G 157 -61.40 -16.03 -29.00
CA PRO G 157 -62.34 -15.20 -29.76
C PRO G 157 -61.63 -14.16 -30.63
N LYS G 158 -60.84 -13.30 -29.99
CA LYS G 158 -60.09 -12.27 -30.70
C LYS G 158 -58.60 -12.58 -30.63
N GLU G 159 -58.23 -13.82 -30.93
CA GLU G 159 -56.84 -14.26 -30.88
C GLU G 159 -56.32 -14.49 -32.29
N PRO G 160 -55.20 -13.87 -32.66
CA PRO G 160 -54.64 -14.15 -34.00
C PRO G 160 -54.34 -15.63 -34.19
N PHE G 161 -54.48 -16.08 -35.44
CA PHE G 161 -54.28 -17.48 -35.75
C PHE G 161 -52.86 -17.96 -35.46
N ARG G 162 -51.87 -17.07 -35.62
CA ARG G 162 -50.49 -17.46 -35.41
C ARG G 162 -50.24 -17.91 -33.97
N ASP G 163 -50.75 -17.16 -33.00
CA ASP G 163 -50.53 -17.51 -31.60
C ASP G 163 -51.18 -18.85 -31.26
N TYR G 164 -52.39 -19.08 -31.78
CA TYR G 164 -53.07 -20.35 -31.56
C TYR G 164 -52.29 -21.51 -32.16
N VAL G 165 -51.76 -21.33 -33.38
CA VAL G 165 -50.98 -22.39 -34.00
C VAL G 165 -49.71 -22.66 -33.20
N ASP G 166 -49.06 -21.60 -32.72
CA ASP G 166 -47.85 -21.76 -31.93
C ASP G 166 -48.14 -22.55 -30.65
N ARG G 167 -49.19 -22.17 -29.92
CA ARG G 167 -49.54 -22.90 -28.71
C ARG G 167 -49.88 -24.36 -29.02
N PHE G 168 -50.63 -24.58 -30.10
CA PHE G 168 -50.98 -25.94 -30.49
C PHE G 168 -49.73 -26.78 -30.70
N TYR G 169 -48.79 -26.29 -31.50
CA TYR G 169 -47.62 -27.11 -31.82
C TYR G 169 -46.67 -27.26 -30.63
N LYS G 170 -46.58 -26.24 -29.77
CA LYS G 170 -45.76 -26.41 -28.56
C LYS G 170 -46.37 -27.47 -27.65
N THR G 171 -47.70 -27.44 -27.47
CA THR G 171 -48.36 -28.46 -26.66
C THR G 171 -48.20 -29.84 -27.28
N LEU G 172 -48.26 -29.92 -28.61
CA LEU G 172 -48.08 -31.20 -29.28
C LEU G 172 -46.67 -31.74 -29.07
N ARG G 173 -45.67 -30.87 -29.16
CA ARG G 173 -44.30 -31.33 -28.91
C ARG G 173 -44.09 -31.70 -27.45
N ALA G 174 -44.81 -31.04 -26.54
CA ALA G 174 -44.72 -31.42 -25.12
C ALA G 174 -45.33 -32.79 -24.89
N GLU G 175 -46.45 -33.07 -25.57
CA GLU G 175 -47.09 -34.38 -25.40
C GLU G 175 -46.18 -35.49 -25.90
N GLN G 176 -45.38 -35.23 -26.92
CA GLN G 176 -44.41 -36.18 -27.45
C GLN G 176 -45.07 -37.54 -27.70
N ALA G 177 -45.96 -37.56 -28.68
CA ALA G 177 -46.66 -38.76 -29.09
C ALA G 177 -45.96 -39.38 -30.31
N SER G 178 -46.52 -40.46 -30.82
CA SER G 178 -45.98 -41.13 -32.00
C SER G 178 -46.04 -40.22 -33.22
N GLN G 179 -45.60 -40.71 -34.38
CA GLN G 179 -45.59 -39.91 -35.59
C GLN G 179 -46.96 -39.95 -36.28
N GLU G 180 -47.52 -41.15 -36.46
CA GLU G 180 -48.82 -41.27 -37.10
C GLU G 180 -49.89 -40.52 -36.31
N VAL G 181 -49.83 -40.62 -34.98
CA VAL G 181 -50.80 -39.91 -34.13
C VAL G 181 -50.80 -38.42 -34.45
N LYS G 182 -49.64 -37.77 -34.27
CA LYS G 182 -49.54 -36.34 -34.49
C LYS G 182 -49.93 -35.97 -35.92
N ASN G 183 -49.46 -36.73 -36.91
CA ASN G 183 -49.69 -36.33 -38.30
C ASN G 183 -51.17 -36.44 -38.67
N ALA G 184 -51.80 -37.57 -38.32
CA ALA G 184 -53.22 -37.72 -38.62
C ALA G 184 -54.07 -36.69 -37.89
N ALA G 185 -53.88 -36.56 -36.58
CA ALA G 185 -54.74 -35.68 -35.80
C ALA G 185 -54.54 -34.19 -36.12
N THR G 186 -53.28 -33.74 -36.18
CA THR G 186 -52.99 -32.31 -36.21
C THR G 186 -53.76 -31.58 -37.30
N GLU G 187 -53.86 -32.16 -38.50
CA GLU G 187 -54.44 -31.41 -39.61
C GLU G 187 -55.93 -31.23 -39.42
N THR G 188 -56.63 -32.26 -38.96
CA THR G 188 -58.06 -32.15 -38.73
C THR G 188 -58.35 -31.28 -37.51
N LEU G 189 -57.64 -31.55 -36.41
CA LEU G 189 -57.92 -30.85 -35.14
C LEU G 189 -57.60 -29.37 -35.22
N LEU G 190 -56.55 -28.98 -35.97
CA LEU G 190 -56.24 -27.56 -36.08
C LEU G 190 -57.40 -26.78 -36.69
N VAL G 191 -57.98 -27.32 -37.77
CA VAL G 191 -59.11 -26.65 -38.40
C VAL G 191 -60.37 -26.76 -37.54
N GLN G 192 -60.51 -27.86 -36.80
CA GLN G 192 -61.74 -28.06 -36.03
C GLN G 192 -61.82 -27.06 -34.88
N ASN G 193 -60.72 -26.89 -34.14
CA ASN G 193 -60.69 -26.06 -32.95
C ASN G 193 -60.42 -24.59 -33.24
N ALA G 194 -60.68 -24.14 -34.46
CA ALA G 194 -60.53 -22.72 -34.77
C ALA G 194 -61.80 -21.97 -34.36
N ASN G 195 -61.70 -20.64 -34.35
CA ASN G 195 -62.87 -19.81 -34.12
C ASN G 195 -63.87 -20.00 -35.26
N PRO G 196 -65.16 -19.73 -35.02
CA PRO G 196 -66.16 -20.02 -36.06
C PRO G 196 -65.81 -19.44 -37.43
N ASP G 197 -65.39 -18.17 -37.49
CA ASP G 197 -65.06 -17.56 -38.77
C ASP G 197 -63.89 -18.29 -39.43
N CYS G 198 -62.76 -18.39 -38.71
CA CYS G 198 -61.61 -19.09 -39.26
C CYS G 198 -61.89 -20.58 -39.44
N LYS G 199 -62.77 -21.16 -38.62
CA LYS G 199 -63.13 -22.57 -38.84
C LYS G 199 -63.79 -22.74 -40.20
N THR G 200 -64.76 -21.88 -40.52
CA THR G 200 -65.41 -21.94 -41.82
C THR G 200 -64.42 -21.64 -42.94
N ILE G 201 -63.58 -20.63 -42.75
CA ILE G 201 -62.61 -20.26 -43.79
C ILE G 201 -61.68 -21.43 -44.09
N LEU G 202 -61.18 -22.10 -43.04
CA LEU G 202 -60.25 -23.20 -43.24
C LEU G 202 -60.96 -24.40 -43.88
N LYS G 203 -62.16 -24.73 -43.42
CA LYS G 203 -62.88 -25.84 -44.04
C LYS G 203 -63.18 -25.54 -45.50
N ALA G 204 -63.42 -24.28 -45.84
CA ALA G 204 -63.67 -23.91 -47.23
C ALA G 204 -62.40 -23.86 -48.06
N LEU G 205 -61.24 -23.62 -47.44
CA LEU G 205 -60.00 -23.57 -48.21
C LEU G 205 -59.77 -24.85 -49.01
N GLY G 206 -60.18 -25.99 -48.46
CA GLY G 206 -60.07 -27.27 -49.15
C GLY G 206 -58.90 -28.08 -48.66
N PRO G 207 -58.98 -29.41 -48.76
CA PRO G 207 -57.87 -30.25 -48.33
C PRO G 207 -56.64 -30.03 -49.20
N GLY G 208 -55.52 -30.59 -48.76
CA GLY G 208 -54.25 -30.47 -49.46
C GLY G 208 -53.56 -29.14 -49.29
N ALA G 209 -54.18 -28.17 -48.62
CA ALA G 209 -53.57 -26.87 -48.45
C ALA G 209 -52.33 -26.96 -47.57
N THR G 210 -51.38 -26.06 -47.82
CA THR G 210 -50.16 -25.99 -47.03
C THR G 210 -50.35 -25.04 -45.84
N LEU G 211 -49.49 -25.20 -44.84
CA LEU G 211 -49.60 -24.36 -43.66
C LEU G 211 -49.34 -22.89 -44.01
N GLU G 212 -48.46 -22.65 -44.98
CA GLU G 212 -48.21 -21.27 -45.41
C GLU G 212 -49.48 -20.64 -45.97
N GLU G 213 -50.19 -21.38 -46.84
CA GLU G 213 -51.43 -20.85 -47.41
C GLU G 213 -52.48 -20.62 -46.32
N MET G 214 -52.60 -21.57 -45.39
CA MET G 214 -53.58 -21.42 -44.31
C MET G 214 -53.29 -20.17 -43.48
N MET G 215 -52.04 -20.00 -43.06
CA MET G 215 -51.68 -18.85 -42.25
C MET G 215 -51.85 -17.55 -43.04
N THR G 216 -51.55 -17.60 -44.35
CA THR G 216 -51.73 -16.42 -45.19
C THR G 216 -53.19 -16.03 -45.30
N ALA G 217 -54.10 -17.01 -45.30
CA ALA G 217 -55.52 -16.69 -45.41
C ALA G 217 -56.03 -15.99 -44.17
N CYS G 218 -55.57 -16.41 -42.99
CA CYS G 218 -56.04 -15.81 -41.74
C CYS G 218 -55.31 -14.49 -41.48
N PRO H 1 -20.13 -31.38 -37.17
CA PRO H 1 -19.67 -30.90 -38.48
C PRO H 1 -18.45 -31.66 -38.99
N ILE H 2 -18.33 -31.80 -40.30
CA ILE H 2 -17.17 -32.41 -40.92
C ILE H 2 -16.15 -31.31 -41.16
N VAL H 3 -14.98 -31.45 -40.54
CA VAL H 3 -13.92 -30.45 -40.62
C VAL H 3 -12.61 -31.14 -40.99
N GLN H 4 -11.58 -30.34 -41.21
CA GLN H 4 -10.26 -30.81 -41.61
C GLN H 4 -9.25 -30.36 -40.57
N ASN H 5 -8.77 -31.29 -39.76
CA ASN H 5 -7.78 -30.98 -38.74
C ASN H 5 -6.54 -30.35 -39.37
N LEU H 6 -5.64 -29.86 -38.53
CA LEU H 6 -4.39 -29.29 -39.02
C LEU H 6 -3.58 -30.31 -39.80
N GLN H 7 -3.79 -31.61 -39.56
CA GLN H 7 -3.03 -32.64 -40.26
C GLN H 7 -3.41 -32.69 -41.73
N GLY H 8 -4.71 -32.69 -42.04
CA GLY H 8 -5.18 -32.68 -43.41
C GLY H 8 -6.18 -33.77 -43.73
N GLN H 9 -6.80 -34.34 -42.70
CA GLN H 9 -7.78 -35.39 -42.86
C GLN H 9 -9.19 -34.80 -42.83
N MET H 10 -10.20 -35.67 -42.73
CA MET H 10 -11.60 -35.26 -42.66
C MET H 10 -12.24 -35.95 -41.47
N VAL H 11 -12.48 -35.20 -40.40
CA VAL H 11 -12.99 -35.74 -39.14
C VAL H 11 -14.36 -35.13 -38.87
N HIS H 12 -15.04 -35.70 -37.86
CA HIS H 12 -16.42 -35.40 -37.53
C HIS H 12 -16.49 -34.91 -36.08
N GLN H 13 -16.22 -33.63 -35.89
CA GLN H 13 -16.35 -33.04 -34.57
C GLN H 13 -17.82 -32.90 -34.19
N ALA H 14 -18.12 -33.15 -32.92
CA ALA H 14 -19.49 -32.95 -32.43
C ALA H 14 -19.81 -31.47 -32.43
N ILE H 15 -21.09 -31.15 -32.64
CA ILE H 15 -21.51 -29.75 -32.68
C ILE H 15 -21.04 -29.07 -31.41
N SER H 16 -20.34 -27.95 -31.57
CA SER H 16 -19.76 -27.28 -30.42
C SER H 16 -20.84 -26.59 -29.60
N PRO H 17 -20.62 -26.42 -28.30
CA PRO H 17 -21.60 -25.69 -27.47
C PRO H 17 -21.81 -24.27 -27.95
N ARG H 18 -20.72 -23.49 -28.03
CA ARG H 18 -20.82 -22.08 -28.38
C ARG H 18 -21.71 -21.86 -29.59
N THR H 19 -21.60 -22.71 -30.60
CA THR H 19 -22.42 -22.56 -31.80
C THR H 19 -23.90 -22.68 -31.47
N LEU H 20 -24.29 -23.74 -30.77
CA LEU H 20 -25.69 -23.94 -30.41
C LEU H 20 -26.21 -22.80 -29.57
N CYS H 21 -25.42 -22.37 -28.58
CA CYS H 21 -25.85 -21.31 -27.68
C CYS H 21 -26.04 -20.00 -28.42
N CYS H 22 -25.09 -19.64 -29.29
CA CYS H 22 -25.22 -18.41 -30.06
C CYS H 22 -26.40 -18.49 -31.01
N TRP H 23 -26.64 -19.65 -31.60
CA TRP H 23 -27.79 -19.81 -32.49
C TRP H 23 -29.10 -19.61 -31.73
N VAL H 24 -29.21 -20.22 -30.53
CA VAL H 24 -30.41 -20.05 -29.73
C VAL H 24 -30.60 -18.59 -29.33
N LYS H 25 -29.52 -17.94 -28.89
CA LYS H 25 -29.60 -16.54 -28.49
C LYS H 25 -30.03 -15.66 -29.66
N VAL H 26 -29.53 -15.98 -30.87
CA VAL H 26 -29.91 -15.22 -32.04
C VAL H 26 -31.39 -15.39 -32.33
N VAL H 27 -31.87 -16.64 -32.31
CA VAL H 27 -33.28 -16.89 -32.61
C VAL H 27 -34.17 -16.24 -31.57
N GLU H 28 -33.69 -16.11 -30.33
CA GLU H 28 -34.49 -15.45 -29.30
C GLU H 28 -34.50 -13.94 -29.49
N GLU H 29 -33.32 -13.34 -29.68
CA GLU H 29 -33.23 -11.89 -29.78
C GLU H 29 -33.81 -11.38 -31.10
N LYS H 30 -33.25 -11.83 -32.23
CA LYS H 30 -33.62 -11.30 -33.53
C LYS H 30 -34.98 -11.79 -34.01
N ALA H 31 -35.65 -12.69 -33.28
CA ALA H 31 -36.91 -13.28 -33.73
C ALA H 31 -36.64 -13.88 -35.12
N PHE H 32 -37.48 -13.63 -36.12
CA PHE H 32 -37.26 -14.11 -37.48
C PHE H 32 -37.17 -12.88 -38.39
N SER H 33 -35.95 -12.38 -38.56
CA SER H 33 -35.62 -11.27 -39.43
C SER H 33 -34.62 -11.73 -40.49
N PRO H 34 -34.48 -10.98 -41.59
CA PRO H 34 -33.58 -11.43 -42.67
C PRO H 34 -32.18 -11.77 -42.19
N GLU H 35 -31.67 -11.06 -41.18
CA GLU H 35 -30.33 -11.30 -40.69
C GLU H 35 -30.17 -12.68 -40.05
N VAL H 36 -31.25 -13.44 -39.90
CA VAL H 36 -31.14 -14.78 -39.33
C VAL H 36 -30.56 -15.76 -40.35
N ILE H 37 -30.70 -15.49 -41.64
CA ILE H 37 -30.27 -16.41 -42.68
C ILE H 37 -28.76 -16.43 -42.76
N PRO H 38 -28.08 -15.28 -42.86
CA PRO H 38 -26.61 -15.31 -42.89
C PRO H 38 -26.00 -15.94 -41.64
N MET H 39 -26.53 -15.57 -40.48
CA MET H 39 -26.06 -16.18 -39.23
C MET H 39 -26.17 -17.70 -39.28
N PHE H 40 -27.35 -18.21 -39.62
CA PHE H 40 -27.53 -19.66 -39.72
C PHE H 40 -26.51 -20.26 -40.69
N SER H 41 -26.45 -19.73 -41.91
CA SER H 41 -25.54 -20.29 -42.90
C SER H 41 -24.09 -20.25 -42.43
N ALA H 42 -23.73 -19.27 -41.61
CA ALA H 42 -22.35 -19.16 -41.14
C ALA H 42 -22.06 -20.08 -39.96
N LEU H 43 -23.08 -20.35 -39.13
CA LEU H 43 -22.92 -21.21 -37.97
C LEU H 43 -22.91 -22.68 -38.34
N SER H 44 -23.39 -23.04 -39.53
CA SER H 44 -23.48 -24.42 -39.96
C SER H 44 -22.50 -24.70 -41.09
N GLU H 45 -21.22 -24.50 -40.83
CA GLU H 45 -20.17 -24.76 -41.81
C GLU H 45 -19.75 -26.23 -41.70
N GLY H 46 -19.86 -26.97 -42.79
CA GLY H 46 -19.55 -28.38 -42.76
C GLY H 46 -20.49 -29.20 -41.90
N ALA H 47 -21.62 -28.65 -41.50
CA ALA H 47 -22.53 -29.36 -40.61
C ALA H 47 -23.20 -30.53 -41.32
N THR H 48 -23.31 -31.64 -40.61
CA THR H 48 -24.02 -32.80 -41.14
C THR H 48 -25.52 -32.65 -40.92
N PRO H 49 -26.33 -33.45 -41.62
CA PRO H 49 -27.78 -33.34 -41.43
C PRO H 49 -28.22 -33.48 -39.99
N GLN H 50 -27.59 -34.40 -39.25
CA GLN H 50 -27.93 -34.55 -37.84
C GLN H 50 -27.68 -33.27 -37.08
N ASP H 51 -26.60 -32.56 -37.40
CA ASP H 51 -26.29 -31.30 -36.74
C ASP H 51 -27.33 -30.23 -37.09
N LEU H 52 -27.77 -30.19 -38.35
CA LEU H 52 -28.81 -29.24 -38.71
C LEU H 52 -30.11 -29.53 -37.97
N ASN H 53 -30.44 -30.81 -37.80
CA ASN H 53 -31.63 -31.17 -37.04
C ASN H 53 -31.46 -30.80 -35.57
N THR H 54 -30.25 -30.97 -35.02
CA THR H 54 -30.00 -30.55 -33.64
C THR H 54 -30.18 -29.04 -33.49
N MET H 55 -29.74 -28.27 -34.50
CA MET H 55 -29.94 -26.83 -34.45
C MET H 55 -31.42 -26.47 -34.52
N LEU H 56 -32.16 -27.14 -35.41
CA LEU H 56 -33.58 -26.82 -35.57
C LEU H 56 -34.40 -27.24 -34.35
N ASN H 57 -33.98 -28.29 -33.65
CA ASN H 57 -34.70 -28.72 -32.46
C ASN H 57 -34.59 -27.69 -31.35
N THR H 58 -33.39 -27.15 -31.14
CA THR H 58 -33.15 -26.20 -30.06
C THR H 58 -33.85 -24.86 -30.25
N VAL H 59 -34.43 -24.60 -31.41
CA VAL H 59 -35.12 -23.34 -31.64
C VAL H 59 -36.36 -23.29 -30.77
N GLY H 60 -36.38 -22.35 -29.82
CA GLY H 60 -37.51 -22.19 -28.92
C GLY H 60 -38.58 -21.31 -29.54
N GLY H 61 -39.83 -21.67 -29.28
CA GLY H 61 -40.95 -20.90 -29.78
C GLY H 61 -41.01 -20.92 -31.31
N HIS H 62 -41.90 -20.07 -31.81
CA HIS H 62 -42.10 -19.91 -33.25
C HIS H 62 -42.36 -21.26 -33.91
N GLN H 63 -43.06 -22.14 -33.19
CA GLN H 63 -43.24 -23.51 -33.66
C GLN H 63 -44.02 -23.57 -34.96
N ALA H 64 -44.86 -22.57 -35.22
CA ALA H 64 -45.54 -22.51 -36.52
C ALA H 64 -44.51 -22.35 -37.63
N ALA H 65 -43.55 -21.45 -37.45
CA ALA H 65 -42.50 -21.27 -38.44
C ALA H 65 -41.66 -22.52 -38.60
N MET H 66 -41.42 -23.25 -37.50
CA MET H 66 -40.63 -24.47 -37.59
C MET H 66 -41.40 -25.55 -38.35
N GLN H 67 -42.72 -25.63 -38.14
CA GLN H 67 -43.51 -26.58 -38.90
C GLN H 67 -43.54 -26.21 -40.38
N MET H 68 -43.63 -24.92 -40.70
CA MET H 68 -43.57 -24.50 -42.10
C MET H 68 -42.22 -24.87 -42.72
N LEU H 69 -41.14 -24.70 -41.96
CA LEU H 69 -39.82 -25.09 -42.45
C LEU H 69 -39.76 -26.60 -42.70
N LYS H 70 -40.34 -27.39 -41.81
CA LYS H 70 -40.34 -28.84 -41.99
C LYS H 70 -41.16 -29.24 -43.22
N GLU H 71 -42.29 -28.57 -43.44
CA GLU H 71 -43.09 -28.86 -44.63
C GLU H 71 -42.34 -28.48 -45.91
N THR H 72 -41.64 -27.34 -45.90
CA THR H 72 -40.83 -26.98 -47.05
C THR H 72 -39.74 -28.00 -47.30
N ILE H 73 -39.14 -28.52 -46.22
CA ILE H 73 -38.12 -29.55 -46.36
C ILE H 73 -38.73 -30.81 -46.99
N ASN H 74 -39.95 -31.17 -46.57
CA ASN H 74 -40.62 -32.32 -47.18
C ASN H 74 -40.91 -32.10 -48.66
N GLU H 75 -41.36 -30.89 -49.01
CA GLU H 75 -41.61 -30.58 -50.41
C GLU H 75 -40.33 -30.75 -51.23
N GLU H 76 -39.23 -30.16 -50.76
CA GLU H 76 -37.98 -30.27 -51.50
C GLU H 76 -37.51 -31.72 -51.56
N ALA H 77 -37.75 -32.50 -50.52
CA ALA H 77 -37.37 -33.90 -50.54
C ALA H 77 -38.17 -34.68 -51.57
N ALA H 78 -39.47 -34.39 -51.68
CA ALA H 78 -40.29 -35.02 -52.71
C ALA H 78 -39.79 -34.64 -54.10
N GLU H 79 -39.47 -33.36 -54.29
CA GLU H 79 -38.92 -32.93 -55.59
C GLU H 79 -37.63 -33.66 -55.90
N TRP H 80 -36.76 -33.81 -54.89
CA TRP H 80 -35.51 -34.55 -55.09
C TRP H 80 -35.79 -35.98 -55.50
N ASP H 81 -36.67 -36.66 -54.77
CA ASP H 81 -37.02 -38.03 -55.11
C ASP H 81 -37.54 -38.13 -56.54
N ARG H 82 -38.35 -37.15 -56.96
CA ARG H 82 -38.85 -37.17 -58.33
C ARG H 82 -37.71 -37.00 -59.34
N LEU H 83 -36.78 -36.09 -59.07
CA LEU H 83 -35.68 -35.84 -60.00
C LEU H 83 -34.59 -36.90 -59.91
N HIS H 84 -34.47 -37.61 -58.78
CA HIS H 84 -33.42 -38.61 -58.58
C HIS H 84 -34.06 -39.90 -58.07
N PRO H 85 -34.69 -40.68 -58.95
CA PRO H 85 -35.24 -41.98 -58.54
C PRO H 85 -34.28 -43.14 -58.81
N PRO H 93 -20.33 -52.33 -55.31
CA PRO H 93 -19.39 -52.58 -54.22
C PRO H 93 -18.74 -51.31 -53.66
N GLY H 94 -18.06 -50.57 -54.54
CA GLY H 94 -17.36 -49.37 -54.11
C GLY H 94 -18.27 -48.29 -53.56
N GLN H 95 -19.04 -47.65 -54.44
CA GLN H 95 -19.89 -46.55 -54.02
C GLN H 95 -20.94 -47.02 -53.01
N MET H 96 -21.58 -46.06 -52.36
CA MET H 96 -22.67 -46.32 -51.44
C MET H 96 -24.00 -46.16 -52.16
N ARG H 97 -25.08 -46.43 -51.44
CA ARG H 97 -26.41 -46.30 -52.03
C ARG H 97 -26.72 -44.84 -52.31
N GLU H 98 -27.71 -44.61 -53.18
CA GLU H 98 -28.10 -43.24 -53.48
C GLU H 98 -28.94 -42.69 -52.34
N PRO H 99 -28.82 -41.40 -52.03
CA PRO H 99 -29.59 -40.85 -50.91
C PRO H 99 -30.98 -40.40 -51.34
N ARG H 100 -32.02 -40.90 -50.67
CA ARG H 100 -33.39 -40.54 -50.99
C ARG H 100 -33.72 -39.19 -50.35
N GLY H 101 -34.97 -38.77 -50.45
CA GLY H 101 -35.35 -37.49 -49.87
C GLY H 101 -35.25 -37.49 -48.36
N SER H 102 -35.89 -38.47 -47.72
CA SER H 102 -35.83 -38.59 -46.27
C SER H 102 -34.43 -38.94 -45.76
N ASP H 103 -33.52 -39.36 -46.65
CA ASP H 103 -32.14 -39.59 -46.23
C ASP H 103 -31.37 -38.28 -46.10
N ILE H 104 -31.70 -37.27 -46.90
CA ILE H 104 -31.04 -35.98 -46.79
C ILE H 104 -31.45 -35.28 -45.49
N ALA H 105 -32.73 -35.39 -45.13
CA ALA H 105 -33.24 -34.75 -43.92
C ALA H 105 -32.83 -35.50 -42.65
N GLY H 106 -32.07 -36.59 -42.78
CA GLY H 106 -31.58 -37.28 -41.61
C GLY H 106 -32.60 -38.05 -40.83
N THR H 107 -33.75 -38.36 -41.44
CA THR H 107 -34.78 -39.14 -40.76
C THR H 107 -34.63 -40.64 -41.00
N THR H 108 -34.03 -41.02 -42.13
CA THR H 108 -33.85 -42.41 -42.51
C THR H 108 -32.42 -42.63 -42.99
N SER H 109 -31.46 -42.17 -42.20
CA SER H 109 -30.05 -42.33 -42.54
C SER H 109 -29.23 -42.23 -41.26
N THR H 110 -28.32 -43.17 -41.07
CA THR H 110 -27.48 -43.16 -39.88
C THR H 110 -26.34 -42.15 -40.04
N LEU H 111 -25.77 -41.74 -38.92
CA LEU H 111 -24.66 -40.80 -38.94
C LEU H 111 -23.49 -41.34 -39.77
N GLN H 112 -23.27 -42.65 -39.72
CA GLN H 112 -22.16 -43.22 -40.49
C GLN H 112 -22.39 -43.08 -41.98
N GLU H 113 -23.63 -43.28 -42.44
CA GLU H 113 -23.92 -43.10 -43.86
C GLU H 113 -23.75 -41.66 -44.29
N GLN H 114 -24.16 -40.71 -43.44
CA GLN H 114 -23.98 -39.30 -43.78
C GLN H 114 -22.50 -38.96 -43.87
N ILE H 115 -21.70 -39.44 -42.91
CA ILE H 115 -20.26 -39.18 -42.94
C ILE H 115 -19.64 -39.79 -44.19
N GLY H 116 -20.09 -40.99 -44.58
CA GLY H 116 -19.57 -41.59 -45.78
C GLY H 116 -19.93 -40.80 -47.03
N TRP H 117 -21.18 -40.36 -47.13
CA TRP H 117 -21.60 -39.56 -48.27
C TRP H 117 -20.79 -38.27 -48.37
N MET H 118 -20.55 -37.61 -47.23
CA MET H 118 -19.88 -36.32 -47.26
C MET H 118 -18.36 -36.43 -47.40
N THR H 119 -17.77 -37.54 -46.99
CA THR H 119 -16.32 -37.73 -47.06
C THR H 119 -15.88 -38.52 -48.29
N HIS H 120 -16.81 -39.17 -48.98
CA HIS H 120 -16.46 -39.97 -50.15
C HIS H 120 -15.85 -39.10 -51.24
N ASN H 121 -15.09 -39.73 -52.12
CA ASN H 121 -14.47 -39.05 -53.26
C ASN H 121 -15.00 -39.65 -54.55
N PRO H 122 -15.84 -38.95 -55.32
CA PRO H 122 -16.29 -37.55 -55.14
C PRO H 122 -17.26 -37.38 -53.98
N PRO H 123 -17.25 -36.23 -53.31
CA PRO H 123 -18.17 -36.04 -52.18
C PRO H 123 -19.60 -35.82 -52.65
N ILE H 124 -20.53 -36.39 -51.90
CA ILE H 124 -21.96 -36.16 -52.12
C ILE H 124 -22.43 -35.20 -51.03
N PRO H 125 -22.46 -33.88 -51.29
CA PRO H 125 -22.75 -32.93 -50.21
C PRO H 125 -24.21 -32.94 -49.76
N VAL H 126 -24.53 -33.84 -48.83
CA VAL H 126 -25.88 -33.89 -48.27
C VAL H 126 -26.14 -32.67 -47.40
N GLY H 127 -25.11 -32.23 -46.66
CA GLY H 127 -25.28 -31.07 -45.81
C GLY H 127 -25.66 -29.82 -46.57
N GLU H 128 -24.96 -29.55 -47.68
CA GLU H 128 -25.25 -28.35 -48.45
C GLU H 128 -26.67 -28.37 -49.00
N ILE H 129 -27.14 -29.53 -49.46
CA ILE H 129 -28.49 -29.61 -50.02
C ILE H 129 -29.52 -29.38 -48.91
N TYR H 130 -29.35 -30.05 -47.77
CA TYR H 130 -30.29 -29.83 -46.67
C TYR H 130 -30.28 -28.38 -46.24
N LYS H 131 -29.11 -27.73 -46.27
CA LYS H 131 -29.03 -26.33 -45.87
C LYS H 131 -29.70 -25.43 -46.89
N ARG H 132 -29.61 -25.77 -48.19
CA ARG H 132 -30.37 -25.04 -49.19
C ARG H 132 -31.87 -25.12 -48.91
N TRP H 133 -32.36 -26.33 -48.63
CA TRP H 133 -33.77 -26.49 -48.31
C TRP H 133 -34.15 -25.64 -47.11
N ILE H 134 -33.33 -25.69 -46.06
CA ILE H 134 -33.63 -24.97 -44.83
C ILE H 134 -33.60 -23.46 -45.07
N ILE H 135 -32.67 -22.99 -45.89
CA ILE H 135 -32.57 -21.56 -46.15
C ILE H 135 -33.76 -21.08 -46.98
N LEU H 136 -34.23 -21.91 -47.91
CA LEU H 136 -35.45 -21.56 -48.63
C LEU H 136 -36.63 -21.45 -47.68
N GLY H 137 -36.77 -22.42 -46.78
CA GLY H 137 -37.82 -22.34 -45.78
C GLY H 137 -37.69 -21.10 -44.91
N LEU H 138 -36.46 -20.73 -44.56
CA LEU H 138 -36.24 -19.56 -43.72
C LEU H 138 -36.58 -18.28 -44.48
N ASN H 139 -36.28 -18.23 -45.78
CA ASN H 139 -36.69 -17.09 -46.59
C ASN H 139 -38.22 -16.96 -46.60
N LYS H 140 -38.92 -18.08 -46.78
CA LYS H 140 -40.38 -18.04 -46.72
C LYS H 140 -40.85 -17.53 -45.36
N ILE H 141 -40.25 -18.04 -44.28
CA ILE H 141 -40.66 -17.63 -42.94
C ILE H 141 -40.43 -16.13 -42.74
N VAL H 142 -39.27 -15.63 -43.17
CA VAL H 142 -38.97 -14.21 -43.02
C VAL H 142 -39.96 -13.36 -43.80
N ARG H 143 -40.25 -13.76 -45.04
CA ARG H 143 -41.22 -13.02 -45.82
C ARG H 143 -42.59 -13.00 -45.14
N MET H 144 -42.94 -14.10 -44.46
CA MET H 144 -44.24 -14.15 -43.80
C MET H 144 -44.26 -13.38 -42.48
N TYR H 145 -43.11 -13.27 -41.82
CA TYR H 145 -43.04 -12.53 -40.57
C TYR H 145 -43.02 -11.03 -40.79
N SER H 146 -42.76 -10.58 -42.02
CA SER H 146 -42.88 -9.16 -42.33
C SER H 146 -44.11 -8.98 -43.20
N PRO H 147 -45.30 -8.82 -42.61
CA PRO H 147 -46.53 -8.74 -43.40
C PRO H 147 -46.74 -7.42 -44.12
N THR H 148 -46.15 -6.32 -43.64
CA THR H 148 -46.39 -5.03 -44.25
C THR H 148 -45.76 -4.95 -45.63
N SER H 149 -46.50 -4.36 -46.57
CA SER H 149 -46.05 -4.20 -47.94
C SER H 149 -45.34 -2.87 -48.12
N ILE H 150 -44.58 -2.76 -49.21
CA ILE H 150 -43.85 -1.53 -49.50
C ILE H 150 -44.82 -0.38 -49.73
N LEU H 151 -45.98 -0.66 -50.32
CA LEU H 151 -46.96 0.38 -50.65
C LEU H 151 -47.75 0.85 -49.44
N ASP H 152 -47.66 0.16 -48.31
CA ASP H 152 -48.36 0.56 -47.09
C ASP H 152 -47.49 1.38 -46.14
N ILE H 153 -46.18 1.40 -46.34
CA ILE H 153 -45.28 2.14 -45.46
C ILE H 153 -45.29 3.60 -45.87
N ARG H 154 -45.62 4.49 -44.93
CA ARG H 154 -45.66 5.92 -45.16
C ARG H 154 -45.17 6.63 -43.91
N GLN H 155 -44.56 7.80 -44.09
CA GLN H 155 -44.04 8.54 -42.94
C GLN H 155 -45.19 8.91 -42.03
N GLY H 156 -44.98 8.76 -40.71
CA GLY H 156 -45.99 9.07 -39.75
C GLY H 156 -46.18 10.56 -39.55
N PRO H 157 -47.12 10.92 -38.68
CA PRO H 157 -47.39 12.34 -38.42
C PRO H 157 -46.21 13.01 -37.72
N LYS H 158 -45.86 12.51 -36.52
CA LYS H 158 -44.75 13.05 -35.76
C LYS H 158 -43.62 12.04 -35.69
N GLU H 159 -43.26 11.43 -36.82
CA GLU H 159 -42.22 10.43 -36.88
C GLU H 159 -40.99 10.97 -37.57
N PRO H 160 -39.81 10.92 -36.95
CA PRO H 160 -38.60 11.37 -37.63
C PRO H 160 -38.38 10.60 -38.92
N PHE H 161 -37.78 11.28 -39.91
CA PHE H 161 -37.55 10.67 -41.21
C PHE H 161 -36.61 9.48 -41.12
N ARG H 162 -35.66 9.50 -40.18
CA ARG H 162 -34.73 8.39 -40.05
C ARG H 162 -35.45 7.08 -39.74
N ASP H 163 -36.39 7.12 -38.81
CA ASP H 163 -37.14 5.91 -38.45
C ASP H 163 -37.97 5.42 -39.63
N TYR H 164 -38.56 6.35 -40.38
CA TYR H 164 -39.33 5.97 -41.56
C TYR H 164 -38.45 5.27 -42.58
N VAL H 165 -37.25 5.81 -42.82
CA VAL H 165 -36.33 5.18 -43.76
C VAL H 165 -35.91 3.80 -43.27
N ASP H 166 -35.65 3.68 -41.96
CA ASP H 166 -35.26 2.39 -41.40
C ASP H 166 -36.35 1.35 -41.62
N ARG H 167 -37.59 1.70 -41.30
CA ARG H 167 -38.70 0.76 -41.49
C ARG H 167 -38.88 0.41 -42.96
N PHE H 168 -38.80 1.42 -43.84
CA PHE H 168 -38.95 1.18 -45.27
C PHE H 168 -37.92 0.17 -45.77
N TYR H 169 -36.64 0.40 -45.45
CA TYR H 169 -35.60 -0.48 -45.96
C TYR H 169 -35.64 -1.85 -45.29
N LYS H 170 -36.08 -1.92 -44.03
CA LYS H 170 -36.25 -3.21 -43.39
C LYS H 170 -37.31 -4.02 -44.12
N THR H 171 -38.44 -3.40 -44.42
CA THR H 171 -39.50 -4.10 -45.16
C THR H 171 -39.02 -4.50 -46.54
N LEU H 172 -38.24 -3.63 -47.19
CA LEU H 172 -37.73 -3.93 -48.53
C LEU H 172 -36.81 -5.13 -48.48
N ARG H 173 -35.93 -5.20 -47.48
CA ARG H 173 -35.04 -6.34 -47.35
C ARG H 173 -35.80 -7.61 -46.98
N ALA H 174 -36.89 -7.48 -46.22
CA ALA H 174 -37.68 -8.64 -45.86
C ALA H 174 -38.40 -9.22 -47.08
N GLU H 175 -38.95 -8.36 -47.94
CA GLU H 175 -39.66 -8.86 -49.11
C GLU H 175 -38.73 -9.62 -50.05
N GLN H 176 -37.44 -9.29 -50.04
CA GLN H 176 -36.43 -9.92 -50.90
C GLN H 176 -36.98 -10.27 -52.29
N VAL H 181 -35.44 -4.47 -60.16
CA VAL H 181 -36.73 -4.19 -59.53
C VAL H 181 -36.51 -3.49 -58.18
N LYS H 182 -35.46 -3.92 -57.48
CA LYS H 182 -35.19 -3.37 -56.15
C LYS H 182 -34.87 -1.88 -56.21
N ASN H 183 -34.08 -1.46 -57.19
CA ASN H 183 -33.65 -0.06 -57.26
C ASN H 183 -34.79 0.86 -57.61
N ALA H 184 -35.61 0.49 -58.60
CA ALA H 184 -36.74 1.34 -58.99
C ALA H 184 -37.65 1.59 -57.80
N ALA H 185 -38.03 0.53 -57.07
CA ALA H 185 -38.90 0.72 -55.92
C ALA H 185 -38.21 1.53 -54.85
N THR H 186 -36.96 1.18 -54.54
CA THR H 186 -36.23 1.90 -53.48
C THR H 186 -36.21 3.39 -53.76
N GLU H 187 -36.01 3.78 -55.02
CA GLU H 187 -35.87 5.19 -55.35
C GLU H 187 -37.22 5.89 -55.43
N THR H 188 -38.22 5.25 -56.04
CA THR H 188 -39.52 5.90 -56.22
C THR H 188 -40.30 5.98 -54.90
N LEU H 189 -40.43 4.85 -54.20
CA LEU H 189 -41.28 4.82 -53.01
C LEU H 189 -40.73 5.69 -51.88
N LEU H 190 -39.41 5.81 -51.77
CA LEU H 190 -38.84 6.64 -50.70
C LEU H 190 -39.34 8.07 -50.81
N VAL H 191 -39.31 8.63 -52.03
CA VAL H 191 -39.82 9.98 -52.22
C VAL H 191 -41.34 9.99 -52.17
N GLN H 192 -41.98 8.92 -52.64
CA GLN H 192 -43.43 8.90 -52.74
C GLN H 192 -44.09 8.86 -51.36
N ASN H 193 -43.63 7.96 -50.49
CA ASN H 193 -44.25 7.75 -49.19
C ASN H 193 -43.75 8.72 -48.12
N ALA H 194 -42.87 9.65 -48.47
CA ALA H 194 -42.42 10.65 -47.52
C ALA H 194 -43.61 11.44 -46.98
N ASN H 195 -43.35 12.24 -45.94
CA ASN H 195 -44.45 13.00 -45.39
C ASN H 195 -44.73 14.22 -46.29
N PRO H 196 -45.96 14.72 -46.28
CA PRO H 196 -46.29 15.85 -47.18
C PRO H 196 -45.36 17.04 -47.01
N ASP H 197 -45.11 17.45 -45.77
CA ASP H 197 -44.24 18.59 -45.51
C ASP H 197 -42.82 18.33 -46.00
N CYS H 198 -42.21 17.24 -45.51
CA CYS H 198 -40.85 16.87 -45.92
C CYS H 198 -40.76 16.60 -47.41
N LYS H 199 -41.89 16.32 -48.06
CA LYS H 199 -41.89 16.10 -49.50
C LYS H 199 -41.32 17.30 -50.25
N THR H 200 -41.67 18.52 -49.83
CA THR H 200 -41.13 19.71 -50.50
C THR H 200 -39.61 19.75 -50.38
N ILE H 201 -39.07 19.51 -49.18
CA ILE H 201 -37.63 19.54 -48.99
C ILE H 201 -36.95 18.49 -49.87
N LEU H 202 -37.51 17.27 -49.89
CA LEU H 202 -36.88 16.19 -50.64
C LEU H 202 -36.95 16.46 -52.14
N LYS H 203 -38.11 16.91 -52.64
CA LYS H 203 -38.21 17.26 -54.05
C LYS H 203 -37.29 18.42 -54.41
N ALA H 204 -37.03 19.33 -53.47
CA ALA H 204 -36.11 20.42 -53.75
C ALA H 204 -34.67 19.93 -53.75
N LEU H 205 -34.37 18.85 -53.02
CA LEU H 205 -33.01 18.31 -53.06
C LEU H 205 -32.61 17.95 -54.49
N GLY H 206 -33.57 17.52 -55.29
CA GLY H 206 -33.34 17.20 -56.68
C GLY H 206 -33.25 15.71 -56.92
N PRO H 207 -33.62 15.25 -58.12
CA PRO H 207 -33.56 13.82 -58.44
C PRO H 207 -32.14 13.27 -58.46
N THR H 210 -28.57 11.79 -52.89
CA THR H 210 -28.15 10.67 -52.05
C THR H 210 -28.96 10.63 -50.77
N LEU H 211 -28.95 9.46 -50.11
CA LEU H 211 -29.72 9.30 -48.88
C LEU H 211 -29.19 10.21 -47.77
N GLU H 212 -27.88 10.42 -47.71
CA GLU H 212 -27.31 11.29 -46.68
C GLU H 212 -27.86 12.70 -46.80
N GLU H 213 -27.86 13.25 -48.02
CA GLU H 213 -28.38 14.60 -48.22
C GLU H 213 -29.85 14.70 -47.85
N MET H 214 -30.65 13.70 -48.26
CA MET H 214 -32.07 13.72 -47.94
C MET H 214 -32.28 13.69 -46.43
N MET H 215 -31.58 12.80 -45.73
CA MET H 215 -31.76 12.70 -44.29
C MET H 215 -31.31 13.97 -43.58
N THR H 216 -30.22 14.59 -44.05
CA THR H 216 -29.77 15.83 -43.43
C THR H 216 -30.75 16.96 -43.68
N ALA H 217 -31.37 16.99 -44.87
CA ALA H 217 -32.31 18.05 -45.19
C ALA H 217 -33.63 17.89 -44.43
N CYS H 218 -34.09 16.64 -44.27
CA CYS H 218 -35.39 16.41 -43.66
C CYS H 218 -35.36 16.55 -42.14
N GLN H 219 -34.28 16.11 -41.50
CA GLN H 219 -34.20 16.18 -40.04
C GLN H 219 -34.18 17.63 -39.57
N PRO I 1 -11.55 -15.66 -43.17
CA PRO I 1 -10.23 -15.06 -43.03
C PRO I 1 -9.11 -15.93 -43.62
N ILE I 2 -7.97 -15.31 -43.91
CA ILE I 2 -6.80 -16.00 -44.45
C ILE I 2 -5.75 -16.05 -43.35
N VAL I 3 -5.38 -17.26 -42.96
CA VAL I 3 -4.38 -17.45 -41.90
C VAL I 3 -3.33 -18.46 -42.35
N VAL I 11 -3.94 -20.64 -45.27
CA VAL I 11 -5.21 -21.32 -45.10
C VAL I 11 -6.35 -20.31 -45.06
N HIS I 12 -7.55 -20.75 -45.44
CA HIS I 12 -8.75 -19.91 -45.49
C HIS I 12 -9.80 -20.52 -44.56
N GLN I 13 -9.67 -20.24 -43.27
CA GLN I 13 -10.65 -20.70 -42.30
C GLN I 13 -11.94 -19.88 -42.44
N ALA I 14 -13.08 -20.56 -42.29
CA ALA I 14 -14.37 -19.87 -42.31
C ALA I 14 -14.54 -18.99 -41.08
N ILE I 15 -15.27 -17.88 -41.26
CA ILE I 15 -15.52 -16.95 -40.17
C ILE I 15 -16.12 -17.70 -38.99
N SER I 16 -15.53 -17.52 -37.82
CA SER I 16 -15.93 -18.26 -36.63
C SER I 16 -17.26 -17.75 -36.09
N PRO I 17 -18.01 -18.59 -35.37
CA PRO I 17 -19.27 -18.15 -34.75
C PRO I 17 -19.09 -17.00 -33.77
N ARG I 18 -18.23 -17.20 -32.76
CA ARG I 18 -18.05 -16.20 -31.72
C ARG I 18 -17.89 -14.79 -32.30
N THR I 19 -17.14 -14.67 -33.39
CA THR I 19 -16.94 -13.36 -34.01
C THR I 19 -18.26 -12.75 -34.43
N LEU I 20 -19.07 -13.50 -35.18
CA LEU I 20 -20.36 -12.99 -35.64
C LEU I 20 -21.27 -12.65 -34.47
N CYS I 21 -21.32 -13.53 -33.46
CA CYS I 21 -22.22 -13.30 -32.33
C CYS I 21 -21.84 -12.02 -31.61
N CYS I 22 -20.54 -11.82 -31.36
CA CYS I 22 -20.08 -10.62 -30.68
C CYS I 22 -20.31 -9.38 -31.55
N TRP I 23 -20.08 -9.49 -32.85
CA TRP I 23 -20.31 -8.35 -33.75
C TRP I 23 -21.78 -7.94 -33.70
N VAL I 24 -22.68 -8.92 -33.74
CA VAL I 24 -24.11 -8.62 -33.66
C VAL I 24 -24.44 -7.95 -32.33
N LYS I 25 -23.92 -8.50 -31.23
CA LYS I 25 -24.22 -7.94 -29.93
C LYS I 25 -23.71 -6.50 -29.82
N VAL I 26 -22.53 -6.24 -30.38
CA VAL I 26 -21.96 -4.90 -30.34
C VAL I 26 -22.81 -3.93 -31.14
N VAL I 27 -23.12 -4.29 -32.40
CA VAL I 27 -23.88 -3.38 -33.25
C VAL I 27 -25.26 -3.13 -32.69
N GLU I 28 -25.84 -4.10 -31.99
CA GLU I 28 -27.16 -3.89 -31.40
C GLU I 28 -27.06 -3.01 -30.16
N GLU I 29 -26.13 -3.31 -29.27
CA GLU I 29 -26.05 -2.60 -28.00
C GLU I 29 -25.56 -1.17 -28.20
N LYS I 30 -24.36 -1.01 -28.77
CA LYS I 30 -23.74 0.30 -28.88
C LYS I 30 -24.39 1.21 -29.91
N ALA I 31 -25.38 0.73 -30.66
CA ALA I 31 -25.98 1.50 -31.75
C ALA I 31 -24.82 1.87 -32.68
N PHE I 32 -24.71 3.12 -33.11
CA PHE I 32 -23.60 3.56 -33.96
C PHE I 32 -22.84 4.66 -33.24
N SER I 33 -21.83 4.26 -32.48
CA SER I 33 -20.92 5.14 -31.78
C SER I 33 -19.50 4.88 -32.26
N PRO I 34 -18.58 5.81 -32.02
CA PRO I 34 -17.22 5.63 -32.55
C PRO I 34 -16.58 4.29 -32.20
N GLU I 35 -16.89 3.72 -31.04
CA GLU I 35 -16.27 2.46 -30.66
C GLU I 35 -16.69 1.31 -31.58
N VAL I 36 -17.65 1.53 -32.47
CA VAL I 36 -18.04 0.46 -33.39
C VAL I 36 -16.99 0.28 -34.49
N ILE I 37 -16.26 1.33 -34.83
CA ILE I 37 -15.29 1.27 -35.92
C ILE I 37 -14.06 0.48 -35.48
N PRO I 38 -13.45 0.80 -34.32
CA PRO I 38 -12.33 -0.04 -33.87
C PRO I 38 -12.73 -1.48 -33.61
N MET I 39 -13.88 -1.70 -32.98
CA MET I 39 -14.37 -3.07 -32.77
C MET I 39 -14.45 -3.81 -34.09
N PHE I 40 -15.12 -3.22 -35.08
CA PHE I 40 -15.22 -3.84 -36.40
C PHE I 40 -13.84 -4.15 -36.96
N SER I 41 -12.96 -3.14 -37.00
CA SER I 41 -11.63 -3.35 -37.55
C SER I 41 -10.88 -4.46 -36.84
N ALA I 42 -11.16 -4.66 -35.54
CA ALA I 42 -10.47 -5.71 -34.79
C ALA I 42 -11.09 -7.08 -35.01
N LEU I 43 -12.39 -7.15 -35.27
CA LEU I 43 -13.05 -8.43 -35.50
C LEU I 43 -12.85 -8.94 -36.91
N SER I 44 -12.46 -8.08 -37.86
CA SER I 44 -12.29 -8.48 -39.24
C SER I 44 -10.83 -8.42 -39.63
N GLU I 45 -9.98 -9.19 -38.96
CA GLU I 45 -8.55 -9.24 -39.26
C GLU I 45 -8.32 -10.33 -40.31
N GLY I 46 -7.74 -9.94 -41.45
CA GLY I 46 -7.51 -10.87 -42.53
C GLY I 46 -8.77 -11.41 -43.18
N ALA I 47 -9.92 -10.80 -42.92
CA ALA I 47 -11.17 -11.29 -43.47
C ALA I 47 -11.27 -11.01 -44.96
N THR I 48 -11.81 -11.97 -45.70
CA THR I 48 -12.05 -11.84 -47.12
C THR I 48 -13.34 -11.07 -47.36
N PRO I 49 -13.56 -10.59 -48.59
CA PRO I 49 -14.80 -9.84 -48.88
C PRO I 49 -16.06 -10.59 -48.50
N GLN I 50 -16.10 -11.91 -48.74
CA GLN I 50 -17.28 -12.68 -48.35
C GLN I 50 -17.51 -12.62 -46.85
N ASP I 51 -16.43 -12.67 -46.06
CA ASP I 51 -16.57 -12.59 -44.62
C ASP I 51 -17.06 -11.22 -44.18
N LEU I 52 -16.56 -10.16 -44.81
CA LEU I 52 -17.03 -8.81 -44.49
C LEU I 52 -18.51 -8.65 -44.83
N ASN I 53 -18.94 -9.21 -45.96
CA ASN I 53 -20.35 -9.15 -46.32
C ASN I 53 -21.20 -9.96 -45.36
N THR I 54 -20.71 -11.12 -44.92
CA THR I 54 -21.43 -11.91 -43.93
C THR I 54 -21.57 -11.13 -42.63
N MET I 55 -20.53 -10.41 -42.23
CA MET I 55 -20.60 -9.59 -41.02
C MET I 55 -21.60 -8.46 -41.20
N LEU I 56 -21.58 -7.78 -42.35
CA LEU I 56 -22.48 -6.66 -42.55
C LEU I 56 -23.93 -7.11 -42.67
N ASN I 57 -24.17 -8.32 -43.18
CA ASN I 57 -25.54 -8.82 -43.28
C ASN I 57 -26.16 -9.06 -41.91
N THR I 58 -25.37 -9.63 -40.98
CA THR I 58 -25.89 -9.96 -39.66
C THR I 58 -26.25 -8.73 -38.84
N VAL I 59 -25.90 -7.53 -39.30
CA VAL I 59 -26.22 -6.31 -38.56
C VAL I 59 -27.74 -6.12 -38.60
N GLY I 60 -28.37 -6.21 -37.43
CA GLY I 60 -29.80 -6.03 -37.32
C GLY I 60 -30.18 -4.56 -37.18
N GLY I 61 -31.30 -4.20 -37.80
CA GLY I 61 -31.78 -2.84 -37.74
C GLY I 61 -30.81 -1.86 -38.40
N HIS I 62 -31.12 -0.57 -38.19
CA HIS I 62 -30.29 0.51 -38.72
C HIS I 62 -30.10 0.35 -40.22
N GLN I 63 -31.13 -0.15 -40.90
CA GLN I 63 -30.99 -0.48 -42.31
C GLN I 63 -30.71 0.76 -43.17
N ALA I 64 -31.12 1.94 -42.71
CA ALA I 64 -30.78 3.16 -43.43
C ALA I 64 -29.26 3.35 -43.45
N ALA I 65 -28.62 3.16 -42.30
CA ALA I 65 -27.17 3.26 -42.24
C ALA I 65 -26.50 2.19 -43.11
N MET I 66 -27.09 1.00 -43.18
CA MET I 66 -26.51 -0.04 -44.02
C MET I 66 -26.63 0.32 -45.50
N GLN I 67 -27.75 0.93 -45.89
CA GLN I 67 -27.89 1.38 -47.27
C GLN I 67 -26.88 2.48 -47.57
N MET I 68 -26.68 3.40 -46.63
CA MET I 68 -25.67 4.44 -46.83
C MET I 68 -24.26 3.84 -46.94
N LEU I 69 -23.98 2.82 -46.12
CA LEU I 69 -22.68 2.14 -46.23
C LEU I 69 -22.53 1.49 -47.59
N LYS I 70 -23.60 0.88 -48.10
CA LYS I 70 -23.55 0.28 -49.43
C LYS I 70 -23.30 1.34 -50.49
N GLU I 71 -23.92 2.50 -50.33
CA GLU I 71 -23.70 3.60 -51.28
C GLU I 71 -22.26 4.08 -51.26
N THR I 72 -21.68 4.20 -50.06
CA THR I 72 -20.27 4.58 -49.96
C THR I 72 -19.37 3.53 -50.60
N ILE I 73 -19.72 2.25 -50.42
CA ILE I 73 -18.94 1.18 -51.04
C ILE I 73 -19.03 1.30 -52.56
N ASN I 74 -20.21 1.62 -53.07
CA ASN I 74 -20.37 1.82 -54.52
C ASN I 74 -19.52 2.99 -55.00
N GLU I 75 -19.49 4.08 -54.24
CA GLU I 75 -18.64 5.21 -54.60
C GLU I 75 -17.18 4.78 -54.71
N GLU I 76 -16.69 4.10 -53.68
CA GLU I 76 -15.29 3.68 -53.69
C GLU I 76 -15.01 2.68 -54.81
N ALA I 77 -15.96 1.80 -55.10
CA ALA I 77 -15.76 0.83 -56.18
C ALA I 77 -15.72 1.52 -57.54
N ALA I 78 -16.59 2.51 -57.76
CA ALA I 78 -16.55 3.25 -59.01
C ALA I 78 -15.24 4.00 -59.16
N GLU I 79 -14.79 4.66 -58.09
CA GLU I 79 -13.52 5.38 -58.16
C GLU I 79 -12.36 4.42 -58.43
N TRP I 80 -12.33 3.27 -57.76
CA TRP I 80 -11.26 2.30 -58.00
C TRP I 80 -11.28 1.81 -59.45
N ASP I 81 -12.46 1.38 -59.92
CA ASP I 81 -12.56 0.88 -61.29
C ASP I 81 -12.14 1.93 -62.30
N ARG I 82 -12.52 3.19 -62.09
CA ARG I 82 -12.14 4.25 -63.02
C ARG I 82 -10.64 4.51 -62.98
N LEU I 83 -10.07 4.61 -61.77
CA LEU I 83 -8.65 4.90 -61.63
C LEU I 83 -7.77 3.68 -61.83
N HIS I 84 -8.30 2.48 -61.61
CA HIS I 84 -7.53 1.23 -61.68
C HIS I 84 -8.28 0.23 -62.55
N PRO I 85 -8.27 0.43 -63.88
CA PRO I 85 -8.99 -0.47 -64.79
C PRO I 85 -8.28 -1.81 -64.97
N MET I 96 -3.57 -14.19 -62.25
CA MET I 96 -4.99 -14.13 -62.59
C MET I 96 -5.38 -12.74 -63.08
N ARG I 97 -6.64 -12.59 -63.45
CA ARG I 97 -7.13 -11.32 -63.97
C ARG I 97 -7.12 -10.26 -62.87
N GLU I 98 -7.18 -9.00 -63.30
CA GLU I 98 -7.24 -7.91 -62.33
C GLU I 98 -8.66 -7.78 -61.76
N PRO I 99 -8.80 -7.44 -60.47
CA PRO I 99 -10.13 -7.30 -59.90
C PRO I 99 -10.69 -5.90 -60.10
N ARG I 100 -11.89 -5.81 -60.66
CA ARG I 100 -12.53 -4.52 -60.92
C ARG I 100 -13.14 -4.00 -59.63
N GLY I 101 -13.90 -2.91 -59.72
CA GLY I 101 -14.48 -2.30 -58.53
C GLY I 101 -15.47 -3.23 -57.84
N SER I 102 -16.45 -3.73 -58.60
CA SER I 102 -17.43 -4.66 -58.04
C SER I 102 -16.82 -5.98 -57.61
N ASP I 103 -15.58 -6.27 -58.01
CA ASP I 103 -14.92 -7.48 -57.56
C ASP I 103 -14.45 -7.36 -56.11
N ILE I 104 -14.08 -6.15 -55.69
CA ILE I 104 -13.65 -5.94 -54.31
C ILE I 104 -14.84 -6.08 -53.35
N ALA I 105 -16.01 -5.59 -53.76
CA ALA I 105 -17.20 -5.64 -52.93
C ALA I 105 -17.80 -7.03 -52.83
N GLY I 106 -17.19 -8.04 -53.46
CA GLY I 106 -17.66 -9.40 -53.33
C GLY I 106 -18.94 -9.71 -54.07
N THR I 107 -19.31 -8.90 -55.05
CA THR I 107 -20.51 -9.15 -55.84
C THR I 107 -20.24 -9.95 -57.09
N THR I 108 -19.03 -9.87 -57.64
CA THR I 108 -18.66 -10.53 -58.89
C THR I 108 -17.32 -11.22 -58.76
N SER I 109 -17.17 -12.04 -57.72
CA SER I 109 -15.92 -12.78 -57.52
C SER I 109 -16.19 -14.01 -56.67
N THR I 110 -15.68 -15.15 -57.10
CA THR I 110 -15.83 -16.39 -56.35
C THR I 110 -14.83 -16.43 -55.19
N LEU I 111 -15.13 -17.29 -54.22
CA LEU I 111 -14.23 -17.44 -53.08
C LEU I 111 -12.84 -17.85 -53.52
N GLN I 112 -12.75 -18.70 -54.55
CA GLN I 112 -11.44 -19.14 -55.03
C GLN I 112 -10.67 -17.97 -55.65
N GLU I 113 -11.36 -17.12 -56.40
CA GLU I 113 -10.70 -15.94 -56.98
C GLU I 113 -10.21 -15.00 -55.87
N GLN I 114 -11.00 -14.83 -54.81
CA GLN I 114 -10.57 -14.00 -53.69
C GLN I 114 -9.33 -14.59 -53.02
N ILE I 115 -9.33 -15.91 -52.80
CA ILE I 115 -8.18 -16.57 -52.18
C ILE I 115 -6.94 -16.39 -53.05
N GLY I 116 -7.11 -16.53 -54.37
CA GLY I 116 -5.98 -16.34 -55.27
C GLY I 116 -5.45 -14.92 -55.25
N TRP I 117 -6.35 -13.94 -55.30
CA TRP I 117 -5.94 -12.54 -55.29
C TRP I 117 -5.20 -12.19 -54.01
N MET I 118 -5.71 -12.64 -52.86
CA MET I 118 -5.14 -12.26 -51.58
C MET I 118 -3.92 -13.08 -51.18
N THR I 119 -3.76 -14.30 -51.71
CA THR I 119 -2.66 -15.16 -51.32
C THR I 119 -1.45 -15.07 -52.26
N HIS I 120 -1.61 -14.49 -53.44
CA HIS I 120 -0.51 -14.43 -54.39
C HIS I 120 0.60 -13.52 -53.87
N ASN I 121 1.79 -13.72 -54.42
CA ASN I 121 2.96 -12.88 -54.10
C ASN I 121 3.46 -12.23 -55.39
N PRO I 122 3.33 -10.91 -55.56
CA PRO I 122 2.77 -9.91 -54.62
C PRO I 122 1.27 -10.08 -54.42
N PRO I 123 0.72 -9.84 -53.23
CA PRO I 123 -0.72 -9.99 -53.03
C PRO I 123 -1.49 -8.71 -53.30
N ILE I 124 -2.69 -8.88 -53.85
CA ILE I 124 -3.64 -7.77 -53.99
C ILE I 124 -4.64 -7.87 -52.83
N PRO I 125 -4.41 -7.18 -51.71
CA PRO I 125 -5.29 -7.37 -50.55
C PRO I 125 -6.67 -6.78 -50.78
N VAL I 126 -7.54 -7.57 -51.42
CA VAL I 126 -8.91 -7.12 -51.66
C VAL I 126 -9.66 -6.96 -50.34
N GLY I 127 -9.38 -7.85 -49.38
CA GLY I 127 -10.03 -7.73 -48.08
C GLY I 127 -9.72 -6.41 -47.41
N GLU I 128 -8.44 -6.02 -47.40
CA GLU I 128 -8.05 -4.77 -46.77
C GLU I 128 -8.69 -3.58 -47.45
N ILE I 129 -8.77 -3.61 -48.79
CA ILE I 129 -9.37 -2.49 -49.52
C ILE I 129 -10.85 -2.37 -49.20
N TYR I 130 -11.57 -3.50 -49.25
CA TYR I 130 -12.99 -3.48 -48.91
C TYR I 130 -13.19 -3.01 -47.48
N LYS I 131 -12.29 -3.39 -46.58
CA LYS I 131 -12.42 -2.97 -45.19
C LYS I 131 -12.16 -1.48 -45.04
N ARG I 132 -11.22 -0.94 -45.82
CA ARG I 132 -11.03 0.52 -45.84
C ARG I 132 -12.30 1.22 -46.27
N TRP I 133 -12.92 0.74 -47.36
CA TRP I 133 -14.17 1.34 -47.82
C TRP I 133 -15.23 1.28 -46.72
N ILE I 134 -15.37 0.10 -46.10
CA ILE I 134 -16.39 -0.09 -45.07
C ILE I 134 -16.13 0.82 -43.88
N ILE I 135 -14.86 0.99 -43.51
CA ILE I 135 -14.53 1.81 -42.35
C ILE I 135 -14.79 3.29 -42.65
N LEU I 136 -14.52 3.71 -43.89
CA LEU I 136 -14.88 5.07 -44.28
C LEU I 136 -16.39 5.28 -44.18
N GLY I 137 -17.15 4.32 -44.70
CA GLY I 137 -18.60 4.40 -44.58
C GLY I 137 -19.05 4.44 -43.13
N LEU I 138 -18.39 3.66 -42.27
CA LEU I 138 -18.77 3.62 -40.86
C LEU I 138 -18.44 4.92 -40.16
N ASN I 139 -17.31 5.55 -40.50
CA ASN I 139 -17.02 6.88 -39.95
C ASN I 139 -18.10 7.87 -40.36
N LYS I 140 -18.49 7.85 -41.64
CA LYS I 140 -19.57 8.73 -42.09
C LYS I 140 -20.85 8.46 -41.31
N ILE I 141 -21.21 7.19 -41.14
CA ILE I 141 -22.43 6.83 -40.44
C ILE I 141 -22.38 7.31 -39.00
N VAL I 142 -21.25 7.11 -38.33
CA VAL I 142 -21.14 7.51 -36.93
C VAL I 142 -21.28 9.02 -36.80
N ARG I 143 -20.58 9.76 -37.67
CA ARG I 143 -20.72 11.22 -37.63
C ARG I 143 -22.15 11.66 -37.91
N MET I 144 -22.86 10.93 -38.77
CA MET I 144 -24.22 11.33 -39.13
C MET I 144 -25.24 10.96 -38.06
N TYR I 145 -25.00 9.89 -37.30
CA TYR I 145 -25.96 9.48 -36.28
C TYR I 145 -25.90 10.39 -35.06
N SER I 146 -24.82 11.16 -34.91
CA SER I 146 -24.70 12.19 -33.88
C SER I 146 -24.79 13.54 -34.60
N PRO I 147 -25.99 14.06 -34.83
CA PRO I 147 -26.10 15.29 -35.62
C PRO I 147 -25.61 16.53 -34.91
N THR I 148 -25.58 16.54 -33.58
CA THR I 148 -25.17 17.72 -32.84
C THR I 148 -23.67 17.97 -33.05
N SER I 149 -23.32 19.24 -33.21
CA SER I 149 -21.94 19.64 -33.44
C SER I 149 -21.22 19.89 -32.11
N ILE I 150 -19.89 19.91 -32.18
CA ILE I 150 -19.09 20.11 -30.98
C ILE I 150 -19.34 21.49 -30.39
N LEU I 151 -19.54 22.49 -31.25
CA LEU I 151 -19.74 23.87 -30.82
C LEU I 151 -21.14 24.16 -30.31
N ASP I 152 -22.11 23.24 -30.52
CA ASP I 152 -23.48 23.46 -30.08
C ASP I 152 -23.79 22.85 -28.73
N ILE I 153 -22.93 21.98 -28.20
CA ILE I 153 -23.21 21.33 -26.92
C ILE I 153 -22.83 22.29 -25.78
N ARG I 154 -23.79 22.52 -24.87
CA ARG I 154 -23.58 23.39 -23.72
C ARG I 154 -24.30 22.80 -22.52
N GLN I 155 -23.74 23.01 -21.33
CA GLN I 155 -24.32 22.46 -20.11
C GLN I 155 -25.68 23.07 -19.83
N GLY I 156 -26.62 22.23 -19.41
CA GLY I 156 -27.94 22.68 -19.06
C GLY I 156 -27.97 23.36 -17.71
N PRO I 157 -29.16 23.82 -17.31
CA PRO I 157 -29.30 24.51 -16.02
C PRO I 157 -29.08 23.57 -14.84
N LYS I 158 -29.89 22.52 -14.76
CA LYS I 158 -29.79 21.56 -13.66
C LYS I 158 -29.21 20.24 -14.15
N GLU I 159 -28.11 20.31 -14.91
CA GLU I 159 -27.43 19.15 -15.47
C GLU I 159 -26.09 18.97 -14.76
N PRO I 160 -25.81 17.80 -14.19
CA PRO I 160 -24.50 17.60 -13.55
C PRO I 160 -23.36 17.85 -14.52
N PHE I 161 -22.27 18.38 -13.99
CA PHE I 161 -21.11 18.70 -14.84
C PHE I 161 -20.51 17.43 -15.43
N ARG I 162 -20.55 16.33 -14.70
CA ARG I 162 -19.98 15.07 -15.19
C ARG I 162 -20.67 14.61 -16.46
N ASP I 163 -22.00 14.65 -16.47
CA ASP I 163 -22.75 14.24 -17.65
C ASP I 163 -22.48 15.18 -18.82
N TYR I 164 -22.36 16.48 -18.54
CA TYR I 164 -22.04 17.43 -19.58
C TYR I 164 -20.70 17.14 -20.22
N VAL I 165 -19.69 16.83 -19.38
CA VAL I 165 -18.37 16.49 -19.93
C VAL I 165 -18.44 15.21 -20.74
N ASP I 166 -19.19 14.22 -20.26
CA ASP I 166 -19.32 12.97 -21.01
C ASP I 166 -19.91 13.21 -22.40
N ARG I 167 -21.04 13.92 -22.46
CA ARG I 167 -21.66 14.20 -23.75
C ARG I 167 -20.73 15.03 -24.63
N PHE I 168 -20.07 16.03 -24.06
CA PHE I 168 -19.15 16.87 -24.82
C PHE I 168 -18.08 16.03 -25.49
N TYR I 169 -17.41 15.17 -24.72
CA TYR I 169 -16.30 14.40 -25.29
C TYR I 169 -16.80 13.33 -26.25
N LYS I 170 -17.99 12.76 -26.02
CA LYS I 170 -18.54 11.83 -27.00
C LYS I 170 -18.81 12.53 -28.32
N THR I 171 -19.41 13.73 -28.26
CA THR I 171 -19.67 14.48 -29.49
C THR I 171 -18.36 14.85 -30.18
N LEU I 172 -17.33 15.18 -29.40
CA LEU I 172 -16.04 15.50 -30.00
C LEU I 172 -15.44 14.30 -30.70
N ARG I 173 -15.52 13.12 -30.08
CA ARG I 173 -14.99 11.92 -30.71
C ARG I 173 -15.79 11.55 -31.95
N ALA I 174 -17.08 11.85 -31.98
CA ALA I 174 -17.87 11.59 -33.17
C ALA I 174 -17.45 12.51 -34.32
N GLU I 175 -17.17 13.78 -34.03
CA GLU I 175 -16.78 14.73 -35.05
C GLU I 175 -15.47 14.32 -35.71
N GLN I 179 -7.91 17.47 -35.55
CA GLN I 179 -7.43 16.40 -34.69
C GLN I 179 -6.66 16.99 -33.50
N GLU I 180 -5.43 17.43 -33.76
CA GLU I 180 -4.64 18.08 -32.71
C GLU I 180 -5.16 19.48 -32.42
N VAL I 181 -5.26 20.32 -33.46
CA VAL I 181 -5.93 21.60 -33.30
C VAL I 181 -7.37 21.40 -32.86
N LYS I 182 -8.00 20.30 -33.29
CA LYS I 182 -9.31 19.94 -32.78
C LYS I 182 -9.31 19.86 -31.26
N ASN I 183 -8.29 19.22 -30.69
CA ASN I 183 -8.22 19.05 -29.23
C ASN I 183 -7.92 20.39 -28.54
N ALA I 184 -6.96 21.14 -29.09
CA ALA I 184 -6.63 22.44 -28.51
C ALA I 184 -7.88 23.32 -28.44
N ALA I 185 -8.63 23.37 -29.54
CA ALA I 185 -9.87 24.15 -29.55
C ALA I 185 -10.89 23.56 -28.59
N THR I 186 -11.01 22.23 -28.57
CA THR I 186 -11.99 21.56 -27.72
C THR I 186 -11.81 21.96 -26.26
N GLU I 187 -10.56 22.10 -25.81
CA GLU I 187 -10.35 22.39 -24.39
C GLU I 187 -10.78 23.81 -24.06
N THR I 188 -10.48 24.76 -24.96
CA THR I 188 -10.89 26.14 -24.74
C THR I 188 -12.41 26.25 -24.77
N LEU I 189 -13.05 25.61 -25.76
CA LEU I 189 -14.50 25.70 -25.86
C LEU I 189 -15.18 25.04 -24.67
N LEU I 190 -14.60 23.94 -24.17
CA LEU I 190 -15.13 23.30 -22.96
C LEU I 190 -15.08 24.26 -21.79
N VAL I 191 -13.97 24.98 -21.64
CA VAL I 191 -13.89 25.93 -20.53
C VAL I 191 -14.87 27.07 -20.76
N GLN I 192 -15.10 27.47 -22.01
CA GLN I 192 -15.97 28.60 -22.29
C GLN I 192 -17.44 28.23 -22.03
N ASN I 193 -17.87 27.09 -22.55
CA ASN I 193 -19.27 26.69 -22.48
C ASN I 193 -19.55 25.96 -21.16
N ASN I 195 -22.21 25.66 -17.76
CA ASN I 195 -23.31 26.58 -17.44
C ASN I 195 -22.81 27.72 -16.57
N PRO I 196 -23.52 28.86 -16.58
CA PRO I 196 -23.02 30.04 -15.87
C PRO I 196 -22.63 29.78 -14.41
N ASP I 197 -23.46 29.06 -13.65
CA ASP I 197 -23.15 28.84 -12.24
C ASP I 197 -21.82 28.10 -12.07
N CYS I 198 -21.73 26.90 -12.63
CA CYS I 198 -20.47 26.16 -12.58
C CYS I 198 -19.38 26.85 -13.41
N LYS I 199 -19.79 27.61 -14.44
CA LYS I 199 -18.83 28.33 -15.26
C LYS I 199 -18.03 29.33 -14.44
N THR I 200 -18.68 30.08 -13.56
CA THR I 200 -17.95 31.04 -12.74
C THR I 200 -16.92 30.34 -11.85
N ILE I 201 -17.34 29.25 -11.20
CA ILE I 201 -16.40 28.52 -10.33
C ILE I 201 -15.22 28.01 -11.14
N LEU I 202 -15.48 27.45 -12.33
CA LEU I 202 -14.40 26.89 -13.12
C LEU I 202 -13.46 27.98 -13.63
N LYS I 203 -14.02 29.09 -14.13
CA LYS I 203 -13.18 30.20 -14.58
C LYS I 203 -12.34 30.76 -13.43
N ALA I 204 -12.86 30.72 -12.20
CA ALA I 204 -12.07 31.16 -11.06
C ALA I 204 -11.02 30.13 -10.68
N LEU I 205 -11.24 28.85 -11.01
CA LEU I 205 -10.25 27.83 -10.73
C LEU I 205 -8.91 28.17 -11.38
N GLY I 206 -8.94 28.88 -12.50
CA GLY I 206 -7.74 29.29 -13.20
C GLY I 206 -7.47 28.48 -14.45
N PRO I 207 -6.80 29.08 -15.43
CA PRO I 207 -6.54 28.37 -16.69
C PRO I 207 -5.63 27.16 -16.49
N GLY I 208 -5.58 26.34 -17.54
CA GLY I 208 -4.73 25.16 -17.56
C GLY I 208 -5.16 24.02 -16.66
N ALA I 209 -6.18 24.22 -15.83
CA ALA I 209 -6.57 23.20 -14.87
C ALA I 209 -6.91 21.90 -15.57
N THR I 210 -6.27 20.82 -15.13
CA THR I 210 -6.56 19.51 -15.69
C THR I 210 -8.04 19.19 -15.54
N LEU I 211 -8.51 18.24 -16.35
CA LEU I 211 -9.91 17.86 -16.30
C LEU I 211 -10.26 17.24 -14.95
N GLU I 212 -9.31 16.52 -14.34
CA GLU I 212 -9.53 15.93 -13.02
C GLU I 212 -9.83 17.02 -11.99
N GLU I 213 -9.04 18.09 -11.99
CA GLU I 213 -9.27 19.17 -11.04
C GLU I 213 -10.64 19.79 -11.26
N MET I 214 -11.03 20.00 -12.51
CA MET I 214 -12.35 20.57 -12.80
C MET I 214 -13.46 19.67 -12.27
N MET I 215 -13.38 18.37 -12.55
CA MET I 215 -14.44 17.47 -12.11
C MET I 215 -14.50 17.39 -10.59
N THR I 216 -13.35 17.40 -9.93
CA THR I 216 -13.34 17.38 -8.46
C THR I 216 -13.93 18.66 -7.90
N ALA I 217 -13.69 19.79 -8.58
CA ALA I 217 -14.23 21.06 -8.11
C ALA I 217 -15.73 21.14 -8.30
N CYS I 218 -16.25 20.59 -9.41
CA CYS I 218 -17.67 20.73 -9.70
C CYS I 218 -18.55 19.79 -8.89
N GLN I 219 -18.06 18.60 -8.55
CA GLN I 219 -18.86 17.65 -7.79
C GLN I 219 -19.28 18.25 -6.45
N PRO J 1 -1.57 -9.68 -28.61
CA PRO J 1 -0.73 -10.14 -27.50
C PRO J 1 0.45 -11.01 -27.95
N ILE J 2 1.35 -11.29 -27.02
CA ILE J 2 2.53 -12.11 -27.27
C ILE J 2 2.45 -13.31 -26.32
N VAL J 3 2.14 -14.48 -26.88
CA VAL J 3 1.99 -15.70 -26.10
C VAL J 3 2.99 -16.73 -26.60
N GLN J 4 3.09 -17.83 -25.86
CA GLN J 4 4.03 -18.90 -26.19
C GLN J 4 3.44 -19.84 -27.24
N VAL J 11 4.80 -15.93 -30.14
CA VAL J 11 4.11 -15.52 -31.34
C VAL J 11 3.32 -14.24 -31.07
N HIS J 12 2.55 -13.79 -32.06
CA HIS J 12 1.71 -12.59 -31.96
C HIS J 12 0.31 -12.92 -32.45
N GLN J 13 -0.50 -13.53 -31.59
CA GLN J 13 -1.90 -13.75 -31.92
C GLN J 13 -2.65 -12.42 -31.85
N ALA J 14 -3.56 -12.21 -32.78
CA ALA J 14 -4.40 -11.02 -32.73
C ALA J 14 -5.34 -11.12 -31.54
N ILE J 15 -5.68 -9.96 -30.97
CA ILE J 15 -6.57 -9.94 -29.81
C ILE J 15 -7.83 -10.71 -30.15
N SER J 16 -8.19 -11.68 -29.31
CA SER J 16 -9.30 -12.56 -29.62
C SER J 16 -10.62 -11.81 -29.50
N PRO J 17 -11.66 -12.25 -30.22
CA PRO J 17 -12.97 -11.61 -30.08
C PRO J 17 -13.49 -11.66 -28.66
N ARG J 18 -13.61 -12.88 -28.13
CA ARG J 18 -14.20 -13.07 -26.81
C ARG J 18 -13.62 -12.08 -25.79
N THR J 19 -12.31 -11.86 -25.83
CA THR J 19 -11.69 -10.93 -24.88
C THR J 19 -12.24 -9.52 -25.05
N LEU J 20 -12.25 -9.00 -26.28
CA LEU J 20 -12.77 -7.65 -26.50
C LEU J 20 -14.23 -7.54 -26.08
N CYS J 21 -15.03 -8.53 -26.45
CA CYS J 21 -16.46 -8.49 -26.16
C CYS J 21 -16.71 -8.52 -24.66
N CYS J 22 -15.99 -9.40 -23.94
CA CYS J 22 -16.14 -9.49 -22.50
C CYS J 22 -15.66 -8.20 -21.82
N TRP J 23 -14.57 -7.61 -22.31
CA TRP J 23 -14.10 -6.36 -21.75
C TRP J 23 -15.14 -5.25 -21.92
N VAL J 24 -15.73 -5.15 -23.11
CA VAL J 24 -16.75 -4.13 -23.34
C VAL J 24 -17.96 -4.38 -22.44
N LYS J 25 -18.42 -5.63 -22.36
CA LYS J 25 -19.59 -5.94 -21.54
C LYS J 25 -19.31 -5.64 -20.07
N VAL J 26 -18.09 -5.92 -19.60
CA VAL J 26 -17.74 -5.65 -18.21
C VAL J 26 -17.74 -4.15 -17.95
N VAL J 27 -17.06 -3.39 -18.79
CA VAL J 27 -17.00 -1.95 -18.58
C VAL J 27 -18.39 -1.32 -18.68
N GLU J 28 -19.28 -1.93 -19.46
CA GLU J 28 -20.64 -1.40 -19.57
C GLU J 28 -21.45 -1.72 -18.32
N GLU J 29 -21.41 -2.97 -17.87
CA GLU J 29 -22.24 -3.39 -16.74
C GLU J 29 -21.73 -2.78 -15.43
N LYS J 30 -20.49 -3.08 -15.06
CA LYS J 30 -19.96 -2.68 -13.76
C LYS J 30 -19.63 -1.20 -13.66
N ALA J 31 -19.76 -0.43 -14.73
CA ALA J 31 -19.32 0.97 -14.75
C ALA J 31 -17.85 0.95 -14.32
N PHE J 32 -17.43 1.80 -13.39
CA PHE J 32 -16.05 1.81 -12.90
C PHE J 32 -16.07 1.52 -11.40
N SER J 33 -15.94 0.25 -11.06
CA SER J 33 -15.84 -0.24 -9.70
C SER J 33 -14.50 -0.94 -9.53
N PRO J 34 -14.06 -1.13 -8.29
CA PRO J 34 -12.71 -1.70 -8.08
C PRO J 34 -12.45 -2.99 -8.84
N GLU J 35 -13.47 -3.84 -9.00
CA GLU J 35 -13.27 -5.11 -9.70
C GLU J 35 -12.95 -4.94 -11.18
N VAL J 36 -13.03 -3.71 -11.72
CA VAL J 36 -12.71 -3.51 -13.13
C VAL J 36 -11.20 -3.55 -13.36
N ILE J 37 -10.40 -3.20 -12.36
CA ILE J 37 -8.95 -3.12 -12.52
C ILE J 37 -8.37 -4.52 -12.60
N PRO J 38 -8.69 -5.44 -11.68
CA PRO J 38 -8.17 -6.81 -11.83
C PRO J 38 -8.64 -7.47 -13.11
N MET J 39 -9.91 -7.30 -13.47
CA MET J 39 -10.40 -7.84 -14.74
C MET J 39 -9.55 -7.35 -15.91
N PHE J 40 -9.34 -6.03 -16.00
CA PHE J 40 -8.51 -5.49 -17.05
C PHE J 40 -7.12 -6.13 -17.05
N SER J 41 -6.46 -6.13 -15.89
CA SER J 41 -5.12 -6.69 -15.82
C SER J 41 -5.09 -8.15 -16.25
N ALA J 42 -6.19 -8.88 -16.02
CA ALA J 42 -6.24 -10.29 -16.38
C ALA J 42 -6.56 -10.51 -17.86
N LEU J 43 -7.32 -9.60 -18.47
CA LEU J 43 -7.66 -9.73 -19.88
C LEU J 43 -6.53 -9.26 -20.79
N SER J 44 -5.59 -8.49 -20.26
CA SER J 44 -4.49 -7.96 -21.06
C SER J 44 -3.16 -8.56 -20.63
N GLU J 45 -3.03 -9.88 -20.72
CA GLU J 45 -1.78 -10.56 -20.39
C GLU J 45 -0.91 -10.62 -21.64
N GLY J 46 0.30 -10.07 -21.56
CA GLY J 46 1.17 -10.01 -22.72
C GLY J 46 0.68 -9.14 -23.85
N ALA J 47 -0.32 -8.30 -23.61
CA ALA J 47 -0.88 -7.49 -24.68
C ALA J 47 0.09 -6.41 -25.11
N THR J 48 0.16 -6.16 -26.41
CA THR J 48 0.99 -5.10 -26.95
C THR J 48 0.27 -3.77 -26.84
N PRO J 49 1.00 -2.66 -26.97
CA PRO J 49 0.35 -1.34 -26.89
C PRO J 49 -0.82 -1.16 -27.84
N GLN J 50 -0.71 -1.64 -29.08
CA GLN J 50 -1.83 -1.51 -30.02
C GLN J 50 -3.06 -2.23 -29.50
N ASP J 51 -2.87 -3.40 -28.89
CA ASP J 51 -4.02 -4.14 -28.36
C ASP J 51 -4.64 -3.39 -27.18
N LEU J 52 -3.81 -2.79 -26.33
CA LEU J 52 -4.34 -2.01 -25.22
C LEU J 52 -5.13 -0.80 -25.71
N ASN J 53 -4.64 -0.16 -26.77
CA ASN J 53 -5.39 0.96 -27.33
C ASN J 53 -6.69 0.48 -27.96
N THR J 54 -6.68 -0.69 -28.58
CA THR J 54 -7.91 -1.26 -29.12
C THR J 54 -8.91 -1.54 -28.01
N MET J 55 -8.42 -2.03 -26.86
CA MET J 55 -9.29 -2.28 -25.73
C MET J 55 -9.88 -0.99 -25.19
N LEU J 56 -9.05 0.04 -25.03
CA LEU J 56 -9.53 1.30 -24.47
C LEU J 56 -10.47 2.02 -25.43
N ASN J 57 -10.27 1.85 -26.74
CA ASN J 57 -11.15 2.49 -27.71
C ASN J 57 -12.54 1.88 -27.66
N THR J 58 -12.62 0.56 -27.53
CA THR J 58 -13.91 -0.14 -27.53
C THR J 58 -14.76 0.17 -26.31
N VAL J 59 -14.21 0.86 -25.31
CA VAL J 59 -14.99 1.20 -24.12
C VAL J 59 -16.05 2.22 -24.50
N GLY J 60 -17.31 1.83 -24.39
CA GLY J 60 -18.40 2.73 -24.72
C GLY J 60 -18.74 3.62 -23.53
N GLY J 61 -19.08 4.87 -23.85
CA GLY J 61 -19.42 5.81 -22.82
C GLY J 61 -18.25 6.10 -21.89
N HIS J 62 -18.56 6.81 -20.81
CA HIS J 62 -17.57 7.18 -19.81
C HIS J 62 -16.39 7.91 -20.44
N GLN J 63 -16.66 8.69 -21.49
CA GLN J 63 -15.58 9.30 -22.25
C GLN J 63 -14.81 10.33 -21.44
N ALA J 64 -15.43 10.93 -20.42
CA ALA J 64 -14.71 11.84 -19.54
C ALA J 64 -13.61 11.10 -18.78
N ALA J 65 -13.95 9.93 -18.24
CA ALA J 65 -12.94 9.13 -17.56
C ALA J 65 -11.83 8.70 -18.52
N MET J 66 -12.19 8.44 -19.78
CA MET J 66 -11.16 8.07 -20.75
C MET J 66 -10.24 9.24 -21.05
N GLN J 67 -10.79 10.46 -21.10
CA GLN J 67 -9.94 11.63 -21.28
C GLN J 67 -9.01 11.82 -20.09
N MET J 68 -9.52 11.60 -18.87
CA MET J 68 -8.66 11.70 -17.69
C MET J 68 -7.57 10.64 -17.74
N LEU J 69 -7.90 9.42 -18.18
CA LEU J 69 -6.91 8.37 -18.34
C LEU J 69 -5.85 8.76 -19.35
N LYS J 70 -6.27 9.37 -20.46
CA LYS J 70 -5.30 9.79 -21.48
C LYS J 70 -4.37 10.87 -20.94
N GLU J 71 -4.90 11.81 -20.17
CA GLU J 71 -4.04 12.84 -19.58
C GLU J 71 -3.05 12.23 -18.59
N THR J 72 -3.49 11.29 -17.76
CA THR J 72 -2.57 10.62 -16.85
C THR J 72 -1.49 9.86 -17.61
N ILE J 73 -1.87 9.23 -18.73
CA ILE J 73 -0.89 8.52 -19.53
C ILE J 73 0.13 9.49 -20.12
N ASN J 74 -0.33 10.68 -20.53
CA ASN J 74 0.61 11.68 -21.06
C ASN J 74 1.59 12.12 -19.98
N GLU J 75 1.09 12.35 -18.76
CA GLU J 75 1.99 12.71 -17.66
C GLU J 75 3.03 11.62 -17.41
N GLU J 76 2.58 10.37 -17.31
CA GLU J 76 3.51 9.27 -17.06
C GLU J 76 4.51 9.12 -18.21
N ALA J 77 4.07 9.38 -19.44
CA ALA J 77 4.97 9.31 -20.58
C ALA J 77 6.03 10.41 -20.51
N ALA J 78 5.64 11.60 -20.06
CA ALA J 78 6.62 12.67 -19.88
C ALA J 78 7.65 12.29 -18.82
N GLU J 79 7.19 11.70 -17.71
CA GLU J 79 8.12 11.25 -16.69
C GLU J 79 9.09 10.21 -17.24
N TRP J 80 8.57 9.26 -18.01
CA TRP J 80 9.43 8.25 -18.62
C TRP J 80 10.46 8.88 -19.54
N ASP J 81 10.02 9.77 -20.43
CA ASP J 81 10.94 10.42 -21.35
C ASP J 81 12.04 11.16 -20.61
N ARG J 82 11.70 11.84 -19.51
CA ARG J 82 12.72 12.53 -18.74
C ARG J 82 13.70 11.55 -18.09
N LEU J 83 13.18 10.43 -17.55
CA LEU J 83 14.04 9.48 -16.87
C LEU J 83 14.86 8.62 -17.83
N HIS J 84 14.41 8.46 -19.07
CA HIS J 84 15.08 7.62 -20.06
C HIS J 84 15.27 8.42 -21.35
N PRO J 85 16.36 9.21 -21.44
CA PRO J 85 16.65 9.98 -22.66
C PRO J 85 16.94 9.09 -23.87
N MET J 96 17.96 -2.52 -31.31
CA MET J 96 17.08 -1.60 -32.02
C MET J 96 17.06 -0.25 -31.33
N ARG J 97 16.33 0.71 -31.91
CA ARG J 97 16.30 2.07 -31.37
C ARG J 97 15.66 2.09 -29.99
N GLU J 98 15.92 3.20 -29.26
CA GLU J 98 15.38 3.37 -27.92
C GLU J 98 13.91 3.79 -28.00
N PRO J 99 13.05 3.32 -27.06
CA PRO J 99 11.63 3.69 -27.11
C PRO J 99 11.35 5.01 -26.41
N ARG J 100 10.73 5.96 -27.11
CA ARG J 100 10.40 7.23 -26.52
C ARG J 100 9.12 7.10 -25.68
N GLY J 101 8.65 8.22 -25.15
CA GLY J 101 7.45 8.20 -24.32
C GLY J 101 6.20 7.84 -25.09
N SER J 102 5.92 8.61 -26.15
CA SER J 102 4.76 8.34 -26.99
C SER J 102 4.87 7.02 -27.74
N ASP J 103 6.06 6.42 -27.78
CA ASP J 103 6.21 5.10 -28.40
C ASP J 103 5.67 3.99 -27.51
N ILE J 104 5.75 4.16 -26.20
CA ILE J 104 5.22 3.15 -25.29
C ILE J 104 3.70 3.13 -25.37
N ALA J 105 3.07 4.30 -25.48
CA ALA J 105 1.62 4.39 -25.59
C ALA J 105 1.08 3.96 -26.94
N GLY J 106 1.94 3.51 -27.86
CA GLY J 106 1.48 3.02 -29.12
C GLY J 106 0.94 4.05 -30.07
N THR J 107 1.30 5.33 -29.88
CA THR J 107 0.82 6.38 -30.77
C THR J 107 1.77 6.64 -31.93
N THR J 108 3.07 6.39 -31.75
CA THR J 108 4.08 6.64 -32.78
C THR J 108 5.03 5.46 -32.88
N SER J 109 4.47 4.26 -33.02
CA SER J 109 5.27 3.04 -33.14
C SER J 109 4.44 2.00 -33.86
N THR J 110 5.04 1.32 -34.84
CA THR J 110 4.31 0.31 -35.56
C THR J 110 4.24 -0.98 -34.74
N LEU J 111 3.26 -1.83 -35.08
CA LEU J 111 3.09 -3.09 -34.38
C LEU J 111 4.35 -3.95 -34.46
N GLN J 112 5.06 -3.89 -35.59
CA GLN J 112 6.27 -4.70 -35.74
C GLN J 112 7.35 -4.26 -34.76
N GLU J 113 7.50 -2.95 -34.56
CA GLU J 113 8.49 -2.45 -33.61
C GLU J 113 8.14 -2.90 -32.20
N GLN J 114 6.86 -2.88 -31.84
CA GLN J 114 6.45 -3.32 -30.51
C GLN J 114 6.72 -4.81 -30.33
N ILE J 115 6.39 -5.62 -31.34
CA ILE J 115 6.64 -7.05 -31.24
C ILE J 115 8.14 -7.31 -31.11
N GLY J 116 8.96 -6.56 -31.85
CA GLY J 116 10.40 -6.72 -31.73
C GLY J 116 10.90 -6.37 -30.35
N TRP J 117 10.42 -5.24 -29.81
CA TRP J 117 10.82 -4.85 -28.45
C TRP J 117 10.44 -5.90 -27.43
N MET J 118 9.24 -6.48 -27.56
CA MET J 118 8.74 -7.41 -26.58
C MET J 118 9.32 -8.81 -26.73
N THR J 119 9.82 -9.17 -27.92
CA THR J 119 10.35 -10.50 -28.17
C THR J 119 11.87 -10.57 -28.01
N HIS J 120 12.55 -9.44 -27.87
CA HIS J 120 13.99 -9.44 -27.72
C HIS J 120 14.39 -10.18 -26.44
N ASN J 121 15.69 -10.44 -26.31
CA ASN J 121 16.24 -11.05 -25.11
C ASN J 121 17.56 -10.37 -24.76
N PRO J 122 17.61 -9.54 -23.70
CA PRO J 122 16.53 -9.20 -22.75
C PRO J 122 15.45 -8.34 -23.41
N PRO J 123 14.17 -8.62 -23.15
CA PRO J 123 13.11 -7.82 -23.76
C PRO J 123 12.83 -6.54 -23.01
N ILE J 124 12.43 -5.52 -23.76
CA ILE J 124 11.88 -4.30 -23.16
C ILE J 124 10.36 -4.44 -23.19
N PRO J 125 9.73 -4.92 -22.12
CA PRO J 125 8.28 -5.17 -22.16
C PRO J 125 7.48 -3.88 -22.18
N VAL J 126 7.25 -3.32 -23.37
CA VAL J 126 6.47 -2.10 -23.48
C VAL J 126 5.04 -2.34 -23.02
N GLY J 127 4.51 -3.53 -23.27
CA GLY J 127 3.15 -3.83 -22.83
C GLY J 127 3.00 -3.68 -21.33
N GLU J 128 3.94 -4.22 -20.56
CA GLU J 128 3.83 -4.14 -19.11
C GLU J 128 3.84 -2.71 -18.62
N ILE J 129 4.71 -1.87 -19.20
CA ILE J 129 4.80 -0.48 -18.75
C ILE J 129 3.53 0.28 -19.11
N TYR J 130 3.04 0.13 -20.34
CA TYR J 130 1.81 0.80 -20.72
C TYR J 130 0.65 0.32 -19.83
N LYS J 131 0.66 -0.95 -19.46
CA LYS J 131 -0.41 -1.48 -18.60
C LYS J 131 -0.29 -0.92 -17.19
N ARG J 132 0.93 -0.72 -16.70
CA ARG J 132 1.11 -0.06 -15.41
C ARG J 132 0.50 1.34 -15.43
N TRP J 133 0.82 2.11 -16.48
CA TRP J 133 0.25 3.45 -16.60
C TRP J 133 -1.27 3.40 -16.65
N ILE J 134 -1.82 2.47 -17.44
CA ILE J 134 -3.27 2.37 -17.58
C ILE J 134 -3.91 2.00 -16.25
N ILE J 135 -3.26 1.12 -15.49
CA ILE J 135 -3.82 0.69 -14.21
C ILE J 135 -3.78 1.83 -13.21
N LEU J 136 -2.73 2.65 -13.26
CA LEU J 136 -2.69 3.84 -12.39
C LEU J 136 -3.84 4.77 -12.73
N GLY J 137 -4.04 5.03 -14.03
CA GLY J 137 -5.17 5.87 -14.42
C GLY J 137 -6.50 5.29 -13.98
N LEU J 138 -6.64 3.96 -14.07
CA LEU J 138 -7.88 3.32 -13.67
C LEU J 138 -8.09 3.40 -12.16
N ASN J 139 -7.01 3.30 -11.38
CA ASN J 139 -7.12 3.50 -9.94
C ASN J 139 -7.63 4.90 -9.62
N LYS J 140 -7.07 5.91 -10.30
CA LYS J 140 -7.56 7.27 -10.10
C LYS J 140 -9.04 7.38 -10.46
N ILE J 141 -9.41 6.80 -11.62
CA ILE J 141 -10.80 6.89 -12.07
C ILE J 141 -11.74 6.23 -11.06
N VAL J 142 -11.37 5.05 -10.57
CA VAL J 142 -12.22 4.34 -9.63
C VAL J 142 -12.36 5.13 -8.34
N ARG J 143 -11.25 5.66 -7.81
CA ARG J 143 -11.34 6.46 -6.59
C ARG J 143 -12.23 7.68 -6.80
N MET J 144 -12.23 8.28 -7.99
CA MET J 144 -13.05 9.45 -8.23
C MET J 144 -14.51 9.12 -8.48
N TYR J 145 -14.80 7.92 -8.99
CA TYR J 145 -16.19 7.56 -9.30
C TYR J 145 -17.00 7.26 -8.04
N SER J 146 -16.35 6.98 -6.92
CA SER J 146 -17.01 6.84 -5.63
C SER J 146 -16.57 8.02 -4.77
N PRO J 147 -17.27 9.15 -4.84
CA PRO J 147 -16.77 10.35 -4.15
C PRO J 147 -16.87 10.26 -2.63
N THR J 148 -17.76 9.44 -2.09
CA THR J 148 -17.92 9.35 -0.65
C THR J 148 -16.70 8.69 -0.02
N SER J 149 -16.25 9.24 1.09
CA SER J 149 -15.07 8.75 1.79
C SER J 149 -15.48 7.69 2.82
N ILE J 150 -14.48 6.91 3.26
CA ILE J 150 -14.75 5.86 4.22
C ILE J 150 -15.30 6.45 5.51
N LEU J 151 -14.80 7.62 5.90
CA LEU J 151 -15.23 8.26 7.13
C LEU J 151 -16.58 8.97 7.01
N ASP J 152 -17.08 9.17 5.78
CA ASP J 152 -18.36 9.82 5.58
C ASP J 152 -19.52 8.86 5.39
N ILE J 153 -19.25 7.58 5.13
CA ILE J 153 -20.31 6.59 4.94
C ILE J 153 -20.79 6.13 6.31
N ARG J 154 -22.10 6.22 6.53
CA ARG J 154 -22.69 5.81 7.80
C ARG J 154 -24.05 5.15 7.56
N GLN J 155 -24.38 4.20 8.42
CA GLN J 155 -25.62 3.45 8.29
C GLN J 155 -26.83 4.39 8.44
N GLY J 156 -27.82 4.17 7.60
CA GLY J 156 -29.04 4.96 7.64
C GLY J 156 -29.93 4.56 8.80
N PRO J 157 -31.06 5.25 8.91
CA PRO J 157 -31.99 4.96 10.02
C PRO J 157 -32.63 3.59 9.91
N LYS J 158 -33.32 3.32 8.80
CA LYS J 158 -33.97 2.04 8.60
C LYS J 158 -33.27 1.25 7.49
N GLU J 159 -31.95 1.15 7.56
CA GLU J 159 -31.17 0.45 6.56
C GLU J 159 -30.63 -0.85 7.16
N PRO J 160 -30.88 -2.01 6.55
CA PRO J 160 -30.34 -3.25 7.10
C PRO J 160 -28.82 -3.18 7.21
N PHE J 161 -28.28 -3.88 8.21
CA PHE J 161 -26.84 -3.85 8.45
C PHE J 161 -26.07 -4.43 7.28
N ARG J 162 -26.63 -5.41 6.57
CA ARG J 162 -25.92 -6.01 5.45
C ARG J 162 -25.62 -4.97 4.39
N ASP J 163 -26.60 -4.13 4.06
CA ASP J 163 -26.38 -3.10 3.04
C ASP J 163 -25.32 -2.10 3.48
N TYR J 164 -25.34 -1.72 4.76
CA TYR J 164 -24.33 -0.80 5.26
C TYR J 164 -22.93 -1.41 5.16
N VAL J 165 -22.80 -2.68 5.52
CA VAL J 165 -21.50 -3.34 5.41
C VAL J 165 -21.06 -3.39 3.95
N ASP J 166 -21.99 -3.67 3.05
CA ASP J 166 -21.66 -3.71 1.62
C ASP J 166 -21.13 -2.37 1.15
N ARG J 167 -21.85 -1.27 1.48
CA ARG J 167 -21.38 0.05 1.08
C ARG J 167 -20.03 0.38 1.71
N PHE J 168 -19.87 0.06 3.00
CA PHE J 168 -18.61 0.33 3.68
C PHE J 168 -17.45 -0.33 2.96
N TYR J 169 -17.56 -1.64 2.69
CA TYR J 169 -16.43 -2.35 2.10
C TYR J 169 -16.22 -1.97 0.64
N LYS J 170 -17.29 -1.65 -0.10
CA LYS J 170 -17.10 -1.17 -1.46
C LYS J 170 -16.33 0.14 -1.48
N THR J 171 -16.72 1.09 -0.63
CA THR J 171 -16.01 2.37 -0.57
C THR J 171 -14.58 2.18 -0.08
N LEU J 172 -14.38 1.27 0.87
CA LEU J 172 -13.02 1.03 1.38
C LEU J 172 -12.12 0.46 0.30
N ARG J 173 -12.62 -0.50 -0.48
CA ARG J 173 -11.81 -1.06 -1.55
C ARG J 173 -11.57 -0.04 -2.65
N ALA J 174 -12.53 0.85 -2.88
CA ALA J 174 -12.36 1.90 -3.88
C ALA J 174 -11.32 2.93 -3.44
N GLU J 175 -11.27 3.24 -2.15
CA GLU J 175 -10.40 4.31 -1.67
C GLU J 175 -8.93 4.06 -2.00
N GLN J 176 -8.49 2.81 -2.03
CA GLN J 176 -7.11 2.51 -2.41
C GLN J 176 -6.15 3.32 -1.53
N ALA J 177 -5.89 2.81 -0.32
CA ALA J 177 -5.01 3.48 0.63
C ALA J 177 -3.96 2.48 1.07
N SER J 178 -3.32 2.75 2.21
CA SER J 178 -2.36 1.82 2.77
C SER J 178 -3.05 0.53 3.21
N GLN J 179 -2.27 -0.55 3.23
CA GLN J 179 -2.82 -1.85 3.62
C GLN J 179 -3.04 -1.96 5.12
N GLU J 180 -2.37 -1.16 5.94
CA GLU J 180 -2.67 -1.15 7.37
C GLU J 180 -4.09 -0.68 7.64
N VAL J 181 -4.61 0.21 6.78
CA VAL J 181 -6.00 0.64 6.90
C VAL J 181 -6.93 -0.55 6.75
N LYS J 182 -6.62 -1.45 5.81
CA LYS J 182 -7.43 -2.65 5.60
C LYS J 182 -7.86 -3.28 6.92
N ASN J 183 -6.92 -3.43 7.86
CA ASN J 183 -7.23 -4.06 9.14
C ASN J 183 -7.71 -3.05 10.19
N ALA J 184 -7.00 -1.92 10.32
CA ALA J 184 -7.37 -0.95 11.35
C ALA J 184 -8.78 -0.40 11.16
N ALA J 185 -9.08 0.10 9.96
CA ALA J 185 -10.38 0.70 9.71
C ALA J 185 -11.51 -0.33 9.71
N THR J 186 -11.28 -1.48 9.06
CA THR J 186 -12.39 -2.33 8.63
C THR J 186 -13.42 -2.59 9.73
N GLU J 187 -12.98 -2.82 10.96
CA GLU J 187 -13.91 -3.13 12.03
C GLU J 187 -14.07 -1.98 13.00
N THR J 188 -12.99 -1.26 13.30
CA THR J 188 -13.07 -0.19 14.28
C THR J 188 -13.94 0.93 13.75
N LEU J 189 -13.66 1.41 12.54
CA LEU J 189 -14.46 2.49 11.97
C LEU J 189 -15.87 1.99 11.65
N LEU J 190 -15.98 0.71 11.28
CA LEU J 190 -17.27 0.13 10.93
C LEU J 190 -18.25 0.21 12.11
N VAL J 191 -17.78 -0.10 13.32
CA VAL J 191 -18.66 -0.01 14.47
C VAL J 191 -19.00 1.46 14.78
N GLN J 192 -18.09 2.38 14.45
CA GLN J 192 -18.28 3.78 14.83
C GLN J 192 -19.45 4.40 14.07
N ASN J 193 -19.51 4.22 12.76
CA ASN J 193 -20.48 4.90 11.92
C ASN J 193 -21.82 4.19 11.84
N ALA J 194 -22.01 3.11 12.60
CA ALA J 194 -23.27 2.38 12.55
C ALA J 194 -24.41 3.23 13.10
N ASN J 195 -25.63 2.70 12.98
CA ASN J 195 -26.82 3.35 13.52
C ASN J 195 -26.99 3.01 14.99
N PRO J 196 -27.71 3.84 15.76
CA PRO J 196 -27.76 3.64 17.21
C PRO J 196 -28.09 2.22 17.67
N ASP J 197 -29.11 1.59 17.11
CA ASP J 197 -29.48 0.25 17.57
C ASP J 197 -28.36 -0.75 17.32
N CYS J 198 -27.98 -0.93 16.06
CA CYS J 198 -26.89 -1.86 15.76
C CYS J 198 -25.56 -1.37 16.33
N LYS J 199 -25.39 -0.05 16.49
CA LYS J 199 -24.19 0.46 17.13
C LYS J 199 -24.08 -0.06 18.56
N THR J 200 -25.17 0.02 19.32
CA THR J 200 -25.17 -0.49 20.69
C THR J 200 -24.95 -2.00 20.70
N ILE J 201 -25.67 -2.72 19.83
CA ILE J 201 -25.53 -4.17 19.80
C ILE J 201 -24.08 -4.57 19.53
N LEU J 202 -23.45 -3.92 18.55
CA LEU J 202 -22.08 -4.27 18.19
C LEU J 202 -21.09 -3.87 19.29
N LYS J 203 -21.24 -2.68 19.86
CA LYS J 203 -20.36 -2.27 20.93
C LYS J 203 -20.47 -3.22 22.12
N ALA J 204 -21.66 -3.77 22.35
CA ALA J 204 -21.84 -4.75 23.41
C ALA J 204 -21.30 -6.12 23.01
N LEU J 205 -21.22 -6.42 21.71
CA LEU J 205 -20.69 -7.70 21.27
C LEU J 205 -19.31 -7.96 21.84
N GLY J 206 -18.53 -6.90 22.05
CA GLY J 206 -17.21 -7.03 22.63
C GLY J 206 -16.11 -6.90 21.61
N PRO J 207 -14.92 -6.47 22.04
CA PRO J 207 -13.81 -6.31 21.09
C PRO J 207 -13.40 -7.64 20.47
N GLY J 208 -12.68 -7.55 19.36
CA GLY J 208 -12.29 -8.73 18.61
C GLY J 208 -13.43 -9.38 17.84
N ALA J 209 -14.54 -8.68 17.67
CA ALA J 209 -15.70 -9.27 17.00
C ALA J 209 -15.43 -9.43 15.51
N THR J 210 -15.76 -10.60 14.97
CA THR J 210 -15.65 -10.85 13.55
C THR J 210 -16.88 -10.31 12.82
N LEU J 211 -16.74 -10.12 11.50
CA LEU J 211 -17.84 -9.59 10.71
C LEU J 211 -19.02 -10.55 10.70
N GLU J 212 -18.75 -11.85 10.68
CA GLU J 212 -19.83 -12.84 10.70
C GLU J 212 -20.68 -12.69 11.95
N GLU J 213 -20.05 -12.59 13.12
CA GLU J 213 -20.80 -12.44 14.35
C GLU J 213 -21.63 -11.16 14.36
N MET J 214 -21.03 -10.06 13.89
CA MET J 214 -21.75 -8.79 13.87
C MET J 214 -22.98 -8.87 12.96
N MET J 215 -22.81 -9.40 11.75
CA MET J 215 -23.93 -9.49 10.83
C MET J 215 -25.01 -10.43 11.36
N THR J 216 -24.60 -11.52 12.00
CA THR J 216 -25.59 -12.43 12.59
C THR J 216 -26.34 -11.78 13.74
N ALA J 217 -25.64 -10.94 14.52
CA ALA J 217 -26.29 -10.30 15.67
C ALA J 217 -27.28 -9.23 15.24
N CYS J 218 -26.90 -8.39 14.28
CA CYS J 218 -27.82 -7.32 13.87
C CYS J 218 -28.87 -7.78 12.88
N GLN J 219 -28.82 -9.01 12.41
CA GLN J 219 -29.82 -9.53 11.48
C GLN J 219 -31.04 -10.05 12.24
#